data_3A4C
# 
_entry.id   3A4C 
# 
_audit_conform.dict_name       mmcif_pdbx.dic 
_audit_conform.dict_version    5.403 
_audit_conform.dict_location   http://mmcif.pdb.org/dictionaries/ascii/mmcif_pdbx.dic 
# 
loop_
_database_2.database_id 
_database_2.database_code 
_database_2.pdbx_database_accession 
_database_2.pdbx_DOI 
PDB   3A4C         pdb_00003a4c 10.2210/pdb3a4c/pdb 
RCSB  RCSB028794   ?            ?                   
WWPDB D_1000028794 ?            ?                   
# 
loop_
_pdbx_audit_revision_history.ordinal 
_pdbx_audit_revision_history.data_content_type 
_pdbx_audit_revision_history.major_revision 
_pdbx_audit_revision_history.minor_revision 
_pdbx_audit_revision_history.revision_date 
_pdbx_audit_revision_history.part_number 
1 'Structure model' 1 0 2009-10-13 ? 
2 'Structure model' 1 1 2011-07-13 ? 
3 'Structure model' 1 2 2024-03-13 ? 
4 'Structure model' 1 3 2025-04-30 ? 
# 
_pdbx_audit_revision_details.ordinal             1 
_pdbx_audit_revision_details.revision_ordinal    1 
_pdbx_audit_revision_details.data_content_type   'Structure model' 
_pdbx_audit_revision_details.provider            repository 
_pdbx_audit_revision_details.type                'Initial release' 
_pdbx_audit_revision_details.description         ? 
_pdbx_audit_revision_details.details             ? 
# 
loop_
_pdbx_audit_revision_group.ordinal 
_pdbx_audit_revision_group.revision_ordinal 
_pdbx_audit_revision_group.data_content_type 
_pdbx_audit_revision_group.group 
1 2 'Structure model' 'Version format compliance' 
2 3 'Structure model' 'Data collection'           
3 3 'Structure model' 'Database references'       
4 4 'Structure model' 'Structure summary'         
# 
loop_
_pdbx_audit_revision_category.ordinal 
_pdbx_audit_revision_category.revision_ordinal 
_pdbx_audit_revision_category.data_content_type 
_pdbx_audit_revision_category.category 
1 3 'Structure model' chem_comp_atom     
2 3 'Structure model' chem_comp_bond     
3 3 'Structure model' database_2         
4 4 'Structure model' pdbx_entry_details 
# 
loop_
_pdbx_audit_revision_item.ordinal 
_pdbx_audit_revision_item.revision_ordinal 
_pdbx_audit_revision_item.data_content_type 
_pdbx_audit_revision_item.item 
1 3 'Structure model' '_database_2.pdbx_DOI'                
2 3 'Structure model' '_database_2.pdbx_database_accession' 
# 
_pdbx_database_status.status_code                     REL 
_pdbx_database_status.entry_id                        3A4C 
_pdbx_database_status.recvd_initial_deposition_date   2009-07-06 
_pdbx_database_status.deposit_site                    PDBJ 
_pdbx_database_status.process_site                    PDBJ 
_pdbx_database_status.status_code_sf                  REL 
_pdbx_database_status.status_code_mr                  ? 
_pdbx_database_status.SG_entry                        ? 
_pdbx_database_status.pdb_format_compatible           Y 
_pdbx_database_status.status_code_cs                  ? 
_pdbx_database_status.status_code_nmr_data            ? 
_pdbx_database_status.methods_development_category    ? 
# 
_pdbx_database_related.content_type   unspecified 
_pdbx_database_related.db_id          2KLO 
_pdbx_database_related.db_name        PDB 
_pdbx_database_related.details        'Solution Structure of the Cdt1 C-terminal domain' 
# 
loop_
_audit_author.name 
_audit_author.pdbx_ordinal 
'Cho, Y.'   1 
'Lee, J.H.' 2 
# 
_citation.id                        primary 
_citation.title                     
'Structure of the Cdt1 C-terminal domain: Conservation of the winged helix fold in replication licensing factors' 
_citation.journal_abbrev            'Protein Sci.' 
_citation.journal_volume            18 
_citation.page_first                2252 
_citation.page_last                 2264 
_citation.year                      2009 
_citation.journal_id_ASTM           PRCIEI 
_citation.country                   US 
_citation.journal_id_ISSN           0961-8368 
_citation.journal_id_CSD            0795 
_citation.book_publisher            ? 
_citation.pdbx_database_id_PubMed   19722278 
_citation.pdbx_database_id_DOI      10.1002/pro.236 
# 
loop_
_citation_author.citation_id 
_citation_author.name 
_citation_author.ordinal 
_citation_author.identifier_ORCID 
primary 'Khayrutdinov, B.I.' 1  ? 
primary 'Bae, W.J.'          2  ? 
primary 'Yun, Y.M.'          3  ? 
primary 'Lee, J.H.'          4  ? 
primary 'Tsuyama, T.'        5  ? 
primary 'Kim, J.J.'          6  ? 
primary 'Hwang, E.'          7  ? 
primary 'Ryu, K.-S.'         8  ? 
primary 'Cheong, H.-K.'      9  ? 
primary 'Cheong, C.'         10 ? 
primary 'Ko, J.-S.'          11 ? 
primary 'Enomoto, T.'        12 ? 
primary 'Karplus, P.A.'      13 ? 
primary 'Guntert, P.'        14 ? 
primary 'Tada, S.'           15 ? 
primary 'Jeon, Y.H.'         16 ? 
primary 'Cho, Y.'            17 ? 
# 
loop_
_entity.id 
_entity.type 
_entity.src_method 
_entity.pdbx_description 
_entity.formula_weight 
_entity.pdbx_number_of_molecules 
_entity.pdbx_ec 
_entity.pdbx_mutation 
_entity.pdbx_fragment 
_entity.details 
1 polymer man 'DNA replication factor Cdt1' 12108.196 1  ? ? 'C terminal domain, residues 452-557' ? 
2 water   nat water                         18.015    78 ? ? ?                                     ? 
# 
_entity_name_com.entity_id   1 
_entity_name_com.name        'Double parked homolog, DUP, Retroviral insertion site 2 protein' 
# 
_entity_poly.entity_id                      1 
_entity_poly.type                           'polypeptide(L)' 
_entity_poly.nstd_linkage                   no 
_entity_poly.nstd_monomer                   no 
_entity_poly.pdbx_seq_one_letter_code       
;RCPEQELRLQRLERLPELARVLRNVFVSERKPALTMEVVCARMVDSCQTALSPGEMEKHLVLLAELLPDWLSLHRIRTDT
YVKLDKAVDLAGLTARLAHHVHAEGL
;
_entity_poly.pdbx_seq_one_letter_code_can   
;RCPEQELRLQRLERLPELARVLRNVFVSERKPALTMEVVCARMVDSCQTALSPGEMEKHLVLLAELLPDWLSLHRIRTDT
YVKLDKAVDLAGLTARLAHHVHAEGL
;
_entity_poly.pdbx_strand_id                 A 
_entity_poly.pdbx_target_identifier         ? 
# 
_pdbx_entity_nonpoly.entity_id   2 
_pdbx_entity_nonpoly.name        water 
_pdbx_entity_nonpoly.comp_id     HOH 
# 
loop_
_entity_poly_seq.entity_id 
_entity_poly_seq.num 
_entity_poly_seq.mon_id 
_entity_poly_seq.hetero 
1 1   ARG n 
1 2   CYS n 
1 3   PRO n 
1 4   GLU n 
1 5   GLN n 
1 6   GLU n 
1 7   LEU n 
1 8   ARG n 
1 9   LEU n 
1 10  GLN n 
1 11  ARG n 
1 12  LEU n 
1 13  GLU n 
1 14  ARG n 
1 15  LEU n 
1 16  PRO n 
1 17  GLU n 
1 18  LEU n 
1 19  ALA n 
1 20  ARG n 
1 21  VAL n 
1 22  LEU n 
1 23  ARG n 
1 24  ASN n 
1 25  VAL n 
1 26  PHE n 
1 27  VAL n 
1 28  SER n 
1 29  GLU n 
1 30  ARG n 
1 31  LYS n 
1 32  PRO n 
1 33  ALA n 
1 34  LEU n 
1 35  THR n 
1 36  MET n 
1 37  GLU n 
1 38  VAL n 
1 39  VAL n 
1 40  CYS n 
1 41  ALA n 
1 42  ARG n 
1 43  MET n 
1 44  VAL n 
1 45  ASP n 
1 46  SER n 
1 47  CYS n 
1 48  GLN n 
1 49  THR n 
1 50  ALA n 
1 51  LEU n 
1 52  SER n 
1 53  PRO n 
1 54  GLY n 
1 55  GLU n 
1 56  MET n 
1 57  GLU n 
1 58  LYS n 
1 59  HIS n 
1 60  LEU n 
1 61  VAL n 
1 62  LEU n 
1 63  LEU n 
1 64  ALA n 
1 65  GLU n 
1 66  LEU n 
1 67  LEU n 
1 68  PRO n 
1 69  ASP n 
1 70  TRP n 
1 71  LEU n 
1 72  SER n 
1 73  LEU n 
1 74  HIS n 
1 75  ARG n 
1 76  ILE n 
1 77  ARG n 
1 78  THR n 
1 79  ASP n 
1 80  THR n 
1 81  TYR n 
1 82  VAL n 
1 83  LYS n 
1 84  LEU n 
1 85  ASP n 
1 86  LYS n 
1 87  ALA n 
1 88  VAL n 
1 89  ASP n 
1 90  LEU n 
1 91  ALA n 
1 92  GLY n 
1 93  LEU n 
1 94  THR n 
1 95  ALA n 
1 96  ARG n 
1 97  LEU n 
1 98  ALA n 
1 99  HIS n 
1 100 HIS n 
1 101 VAL n 
1 102 HIS n 
1 103 ALA n 
1 104 GLU n 
1 105 GLY n 
1 106 LEU n 
# 
_entity_src_gen.entity_id                          1 
_entity_src_gen.pdbx_src_id                        1 
_entity_src_gen.pdbx_alt_source_flag               sample 
_entity_src_gen.pdbx_seq_type                      ? 
_entity_src_gen.pdbx_beg_seq_num                   ? 
_entity_src_gen.pdbx_end_seq_num                   ? 
_entity_src_gen.gene_src_common_name               mouse 
_entity_src_gen.gene_src_genus                     ? 
_entity_src_gen.pdbx_gene_src_gene                 'Cdt1, Ris2' 
_entity_src_gen.gene_src_species                   ? 
_entity_src_gen.gene_src_strain                    ? 
_entity_src_gen.gene_src_tissue                    ? 
_entity_src_gen.gene_src_tissue_fraction           ? 
_entity_src_gen.gene_src_details                   ? 
_entity_src_gen.pdbx_gene_src_fragment             ? 
_entity_src_gen.pdbx_gene_src_scientific_name      'Mus musculus' 
_entity_src_gen.pdbx_gene_src_ncbi_taxonomy_id     10090 
_entity_src_gen.pdbx_gene_src_variant              ? 
_entity_src_gen.pdbx_gene_src_cell_line            ? 
_entity_src_gen.pdbx_gene_src_atcc                 ? 
_entity_src_gen.pdbx_gene_src_organ                ? 
_entity_src_gen.pdbx_gene_src_organelle            ? 
_entity_src_gen.pdbx_gene_src_cell                 ? 
_entity_src_gen.pdbx_gene_src_cellular_location    ? 
_entity_src_gen.host_org_common_name               ? 
_entity_src_gen.pdbx_host_org_scientific_name      'Escherichia coli' 
_entity_src_gen.pdbx_host_org_ncbi_taxonomy_id     469008 
_entity_src_gen.host_org_genus                     ? 
_entity_src_gen.pdbx_host_org_gene                 ? 
_entity_src_gen.pdbx_host_org_organ                ? 
_entity_src_gen.host_org_species                   ? 
_entity_src_gen.pdbx_host_org_tissue               ? 
_entity_src_gen.pdbx_host_org_tissue_fraction      ? 
_entity_src_gen.pdbx_host_org_strain               'BL21(DE3)' 
_entity_src_gen.pdbx_host_org_variant              ? 
_entity_src_gen.pdbx_host_org_cell_line            ? 
_entity_src_gen.pdbx_host_org_atcc                 ? 
_entity_src_gen.pdbx_host_org_culture_collection   ? 
_entity_src_gen.pdbx_host_org_cell                 ? 
_entity_src_gen.pdbx_host_org_organelle            ? 
_entity_src_gen.pdbx_host_org_cellular_location    ? 
_entity_src_gen.pdbx_host_org_vector_type          plasmid 
_entity_src_gen.pdbx_host_org_vector               ? 
_entity_src_gen.host_org_details                   ? 
_entity_src_gen.expression_system_id               ? 
_entity_src_gen.plasmid_name                       pET-28a 
_entity_src_gen.plasmid_details                    ? 
_entity_src_gen.pdbx_description                   ? 
# 
loop_
_chem_comp.id 
_chem_comp.type 
_chem_comp.mon_nstd_flag 
_chem_comp.name 
_chem_comp.pdbx_synonyms 
_chem_comp.formula 
_chem_comp.formula_weight 
ALA 'L-peptide linking' y ALANINE         ? 'C3 H7 N O2'     89.093  
ARG 'L-peptide linking' y ARGININE        ? 'C6 H15 N4 O2 1' 175.209 
ASN 'L-peptide linking' y ASPARAGINE      ? 'C4 H8 N2 O3'    132.118 
ASP 'L-peptide linking' y 'ASPARTIC ACID' ? 'C4 H7 N O4'     133.103 
CYS 'L-peptide linking' y CYSTEINE        ? 'C3 H7 N O2 S'   121.158 
GLN 'L-peptide linking' y GLUTAMINE       ? 'C5 H10 N2 O3'   146.144 
GLU 'L-peptide linking' y 'GLUTAMIC ACID' ? 'C5 H9 N O4'     147.129 
GLY 'peptide linking'   y GLYCINE         ? 'C2 H5 N O2'     75.067  
HIS 'L-peptide linking' y HISTIDINE       ? 'C6 H10 N3 O2 1' 156.162 
HOH non-polymer         . WATER           ? 'H2 O'           18.015  
ILE 'L-peptide linking' y ISOLEUCINE      ? 'C6 H13 N O2'    131.173 
LEU 'L-peptide linking' y LEUCINE         ? 'C6 H13 N O2'    131.173 
LYS 'L-peptide linking' y LYSINE          ? 'C6 H15 N2 O2 1' 147.195 
MET 'L-peptide linking' y METHIONINE      ? 'C5 H11 N O2 S'  149.211 
PHE 'L-peptide linking' y PHENYLALANINE   ? 'C9 H11 N O2'    165.189 
PRO 'L-peptide linking' y PROLINE         ? 'C5 H9 N O2'     115.130 
SER 'L-peptide linking' y SERINE          ? 'C3 H7 N O3'     105.093 
THR 'L-peptide linking' y THREONINE       ? 'C4 H9 N O3'     119.119 
TRP 'L-peptide linking' y TRYPTOPHAN      ? 'C11 H12 N2 O2'  204.225 
TYR 'L-peptide linking' y TYROSINE        ? 'C9 H11 N O3'    181.189 
VAL 'L-peptide linking' y VALINE          ? 'C5 H11 N O2'    117.146 
# 
loop_
_pdbx_poly_seq_scheme.asym_id 
_pdbx_poly_seq_scheme.entity_id 
_pdbx_poly_seq_scheme.seq_id 
_pdbx_poly_seq_scheme.mon_id 
_pdbx_poly_seq_scheme.ndb_seq_num 
_pdbx_poly_seq_scheme.pdb_seq_num 
_pdbx_poly_seq_scheme.auth_seq_num 
_pdbx_poly_seq_scheme.pdb_mon_id 
_pdbx_poly_seq_scheme.auth_mon_id 
_pdbx_poly_seq_scheme.pdb_strand_id 
_pdbx_poly_seq_scheme.pdb_ins_code 
_pdbx_poly_seq_scheme.hetero 
A 1 1   ARG 1   452 452 ARG ARG A . n 
A 1 2   CYS 2   453 453 CYS CYS A . n 
A 1 3   PRO 3   454 454 PRO PRO A . n 
A 1 4   GLU 4   455 455 GLU GLU A . n 
A 1 5   GLN 5   456 456 GLN GLN A . n 
A 1 6   GLU 6   457 457 GLU GLU A . n 
A 1 7   LEU 7   458 458 LEU LEU A . n 
A 1 8   ARG 8   459 459 ARG ARG A . n 
A 1 9   LEU 9   460 460 LEU LEU A . n 
A 1 10  GLN 10  461 461 GLN GLN A . n 
A 1 11  ARG 11  462 462 ARG ARG A . n 
A 1 12  LEU 12  463 463 LEU LEU A . n 
A 1 13  GLU 13  464 464 GLU GLU A . n 
A 1 14  ARG 14  465 465 ARG ARG A . n 
A 1 15  LEU 15  466 466 LEU LEU A . n 
A 1 16  PRO 16  467 467 PRO PRO A . n 
A 1 17  GLU 17  468 468 GLU GLU A . n 
A 1 18  LEU 18  469 469 LEU LEU A . n 
A 1 19  ALA 19  470 470 ALA ALA A . n 
A 1 20  ARG 20  471 471 ARG ARG A . n 
A 1 21  VAL 21  472 472 VAL VAL A . n 
A 1 22  LEU 22  473 473 LEU LEU A . n 
A 1 23  ARG 23  474 474 ARG ARG A . n 
A 1 24  ASN 24  475 475 ASN ASN A . n 
A 1 25  VAL 25  476 476 VAL VAL A . n 
A 1 26  PHE 26  477 477 PHE PHE A . n 
A 1 27  VAL 27  478 478 VAL VAL A . n 
A 1 28  SER 28  479 479 SER SER A . n 
A 1 29  GLU 29  480 480 GLU GLU A . n 
A 1 30  ARG 30  481 481 ARG ARG A . n 
A 1 31  LYS 31  482 482 LYS LYS A . n 
A 1 32  PRO 32  483 483 PRO PRO A . n 
A 1 33  ALA 33  484 484 ALA ALA A . n 
A 1 34  LEU 34  485 485 LEU LEU A . n 
A 1 35  THR 35  486 486 THR THR A . n 
A 1 36  MET 36  487 487 MET MET A . n 
A 1 37  GLU 37  488 488 GLU GLU A . n 
A 1 38  VAL 38  489 489 VAL VAL A . n 
A 1 39  VAL 39  490 490 VAL VAL A . n 
A 1 40  CYS 40  491 491 CYS CYS A . n 
A 1 41  ALA 41  492 492 ALA ALA A . n 
A 1 42  ARG 42  493 493 ARG ARG A . n 
A 1 43  MET 43  494 494 MET MET A . n 
A 1 44  VAL 44  495 495 VAL VAL A . n 
A 1 45  ASP 45  496 496 ASP ASP A . n 
A 1 46  SER 46  497 497 SER SER A . n 
A 1 47  CYS 47  498 498 CYS CYS A . n 
A 1 48  GLN 48  499 499 GLN GLN A . n 
A 1 49  THR 49  500 500 THR THR A . n 
A 1 50  ALA 50  501 501 ALA ALA A . n 
A 1 51  LEU 51  502 502 LEU LEU A . n 
A 1 52  SER 52  503 503 SER SER A . n 
A 1 53  PRO 53  504 504 PRO PRO A . n 
A 1 54  GLY 54  505 505 GLY GLY A . n 
A 1 55  GLU 55  506 506 GLU GLU A . n 
A 1 56  MET 56  507 507 MET MET A . n 
A 1 57  GLU 57  508 508 GLU GLU A . n 
A 1 58  LYS 58  509 509 LYS LYS A . n 
A 1 59  HIS 59  510 510 HIS HIS A . n 
A 1 60  LEU 60  511 511 LEU LEU A . n 
A 1 61  VAL 61  512 512 VAL VAL A . n 
A 1 62  LEU 62  513 513 LEU LEU A . n 
A 1 63  LEU 63  514 514 LEU LEU A . n 
A 1 64  ALA 64  515 515 ALA ALA A . n 
A 1 65  GLU 65  516 516 GLU GLU A . n 
A 1 66  LEU 66  517 517 LEU LEU A . n 
A 1 67  LEU 67  518 518 LEU LEU A . n 
A 1 68  PRO 68  519 519 PRO PRO A . n 
A 1 69  ASP 69  520 520 ASP ASP A . n 
A 1 70  TRP 70  521 521 TRP TRP A . n 
A 1 71  LEU 71  522 522 LEU LEU A . n 
A 1 72  SER 72  523 523 SER SER A . n 
A 1 73  LEU 73  524 524 LEU LEU A . n 
A 1 74  HIS 74  525 525 HIS HIS A . n 
A 1 75  ARG 75  526 526 ARG ARG A . n 
A 1 76  ILE 76  527 527 ILE ILE A . n 
A 1 77  ARG 77  528 528 ARG ARG A . n 
A 1 78  THR 78  529 529 THR THR A . n 
A 1 79  ASP 79  530 530 ASP ASP A . n 
A 1 80  THR 80  531 531 THR THR A . n 
A 1 81  TYR 81  532 532 TYR TYR A . n 
A 1 82  VAL 82  533 533 VAL VAL A . n 
A 1 83  LYS 83  534 534 LYS LYS A . n 
A 1 84  LEU 84  535 535 LEU LEU A . n 
A 1 85  ASP 85  536 536 ASP ASP A . n 
A 1 86  LYS 86  537 537 LYS LYS A . n 
A 1 87  ALA 87  538 538 ALA ALA A . n 
A 1 88  VAL 88  539 539 VAL VAL A . n 
A 1 89  ASP 89  540 540 ASP ASP A . n 
A 1 90  LEU 90  541 541 LEU LEU A . n 
A 1 91  ALA 91  542 542 ALA ALA A . n 
A 1 92  GLY 92  543 543 GLY GLY A . n 
A 1 93  LEU 93  544 544 LEU LEU A . n 
A 1 94  THR 94  545 545 THR THR A . n 
A 1 95  ALA 95  546 546 ALA ALA A . n 
A 1 96  ARG 96  547 547 ARG ARG A . n 
A 1 97  LEU 97  548 548 LEU LEU A . n 
A 1 98  ALA 98  549 549 ALA ALA A . n 
A 1 99  HIS 99  550 550 HIS HIS A . n 
A 1 100 HIS 100 551 551 HIS HIS A . n 
A 1 101 VAL 101 552 552 VAL VAL A . n 
A 1 102 HIS 102 553 553 HIS HIS A . n 
A 1 103 ALA 103 554 554 ALA ALA A . n 
A 1 104 GLU 104 555 555 GLU GLU A . n 
A 1 105 GLY 105 556 556 GLY GLY A . n 
A 1 106 LEU 106 557 557 LEU LEU A . n 
# 
loop_
_pdbx_nonpoly_scheme.asym_id 
_pdbx_nonpoly_scheme.entity_id 
_pdbx_nonpoly_scheme.mon_id 
_pdbx_nonpoly_scheme.ndb_seq_num 
_pdbx_nonpoly_scheme.pdb_seq_num 
_pdbx_nonpoly_scheme.auth_seq_num 
_pdbx_nonpoly_scheme.pdb_mon_id 
_pdbx_nonpoly_scheme.auth_mon_id 
_pdbx_nonpoly_scheme.pdb_strand_id 
_pdbx_nonpoly_scheme.pdb_ins_code 
B 2 HOH 1  1  1  HOH HOH A . 
B 2 HOH 2  2  2  HOH HOH A . 
B 2 HOH 3  3  3  HOH HOH A . 
B 2 HOH 4  4  4  HOH HOH A . 
B 2 HOH 5  5  5  HOH HOH A . 
B 2 HOH 6  6  6  HOH HOH A . 
B 2 HOH 7  7  7  HOH HOH A . 
B 2 HOH 8  8  8  HOH HOH A . 
B 2 HOH 9  9  9  HOH HOH A . 
B 2 HOH 10 10 10 HOH HOH A . 
B 2 HOH 11 11 11 HOH HOH A . 
B 2 HOH 12 12 12 HOH HOH A . 
B 2 HOH 13 13 13 HOH HOH A . 
B 2 HOH 14 14 14 HOH HOH A . 
B 2 HOH 15 15 15 HOH HOH A . 
B 2 HOH 16 16 16 HOH HOH A . 
B 2 HOH 17 17 17 HOH HOH A . 
B 2 HOH 18 18 18 HOH HOH A . 
B 2 HOH 19 19 19 HOH HOH A . 
B 2 HOH 20 20 20 HOH HOH A . 
B 2 HOH 21 21 21 HOH HOH A . 
B 2 HOH 22 22 22 HOH HOH A . 
B 2 HOH 23 23 23 HOH HOH A . 
B 2 HOH 24 24 24 HOH HOH A . 
B 2 HOH 25 25 25 HOH HOH A . 
B 2 HOH 26 26 26 HOH HOH A . 
B 2 HOH 27 27 27 HOH HOH A . 
B 2 HOH 28 28 28 HOH HOH A . 
B 2 HOH 29 29 29 HOH HOH A . 
B 2 HOH 30 30 30 HOH HOH A . 
B 2 HOH 31 31 31 HOH HOH A . 
B 2 HOH 32 32 32 HOH HOH A . 
B 2 HOH 33 33 33 HOH HOH A . 
B 2 HOH 34 34 34 HOH HOH A . 
B 2 HOH 35 35 35 HOH HOH A . 
B 2 HOH 36 36 36 HOH HOH A . 
B 2 HOH 37 37 37 HOH HOH A . 
B 2 HOH 38 38 38 HOH HOH A . 
B 2 HOH 39 39 39 HOH HOH A . 
B 2 HOH 40 40 40 HOH HOH A . 
B 2 HOH 41 41 41 HOH HOH A . 
B 2 HOH 42 42 42 HOH HOH A . 
B 2 HOH 43 43 43 HOH HOH A . 
B 2 HOH 44 44 44 HOH HOH A . 
B 2 HOH 45 45 45 HOH HOH A . 
B 2 HOH 46 46 46 HOH HOH A . 
B 2 HOH 47 47 47 HOH HOH A . 
B 2 HOH 48 48 48 HOH HOH A . 
B 2 HOH 49 49 49 HOH HOH A . 
B 2 HOH 50 50 50 HOH HOH A . 
B 2 HOH 51 51 51 HOH HOH A . 
B 2 HOH 52 52 52 HOH HOH A . 
B 2 HOH 53 53 53 HOH HOH A . 
B 2 HOH 54 54 54 HOH HOH A . 
B 2 HOH 55 55 55 HOH HOH A . 
B 2 HOH 56 56 56 HOH HOH A . 
B 2 HOH 57 57 57 HOH HOH A . 
B 2 HOH 58 58 58 HOH HOH A . 
B 2 HOH 59 59 59 HOH HOH A . 
B 2 HOH 60 60 60 HOH HOH A . 
B 2 HOH 61 61 61 HOH HOH A . 
B 2 HOH 62 62 62 HOH HOH A . 
B 2 HOH 63 63 63 HOH HOH A . 
B 2 HOH 64 64 64 HOH HOH A . 
B 2 HOH 65 65 65 HOH HOH A . 
B 2 HOH 66 66 66 HOH HOH A . 
B 2 HOH 67 67 67 HOH HOH A . 
B 2 HOH 68 68 68 HOH HOH A . 
B 2 HOH 69 69 69 HOH HOH A . 
B 2 HOH 70 70 70 HOH HOH A . 
B 2 HOH 71 71 71 HOH HOH A . 
B 2 HOH 72 72 72 HOH HOH A . 
B 2 HOH 73 73 73 HOH HOH A . 
B 2 HOH 74 74 74 HOH HOH A . 
B 2 HOH 75 75 75 HOH HOH A . 
B 2 HOH 76 76 76 HOH HOH A . 
B 2 HOH 77 77 77 HOH HOH A . 
B 2 HOH 78 78 78 HOH HOH A . 
# 
loop_
_software.name 
_software.classification 
_software.version 
_software.citation_id 
_software.pdbx_ordinal 
HKL-2000 'data collection' .                 ? 1 
SOLVE    phasing           .                 ? 2 
PHENIX   refinement        '(phenix.refine)' ? 3 
HKL-2000 'data reduction'  .                 ? 4 
HKL-2000 'data scaling'    .                 ? 5 
# 
_cell.entry_id           3A4C 
_cell.length_a           52.565 
_cell.length_b           52.565 
_cell.length_c           96.035 
_cell.angle_alpha        90.00 
_cell.angle_beta         90.00 
_cell.angle_gamma        90.00 
_cell.Z_PDB              8 
_cell.pdbx_unique_axis   ? 
# 
_symmetry.entry_id                         3A4C 
_symmetry.space_group_name_H-M             'P 41 21 2' 
_symmetry.pdbx_full_space_group_name_H-M   ? 
_symmetry.cell_setting                     ? 
_symmetry.Int_Tables_number                92 
# 
_exptl.entry_id          3A4C 
_exptl.method            'X-RAY DIFFRACTION' 
_exptl.crystals_number   1 
# 
_exptl_crystal.id                    1 
_exptl_crystal.density_meas          ? 
_exptl_crystal.density_Matthews      2.74 
_exptl_crystal.density_percent_sol   55.09 
_exptl_crystal.description           ? 
_exptl_crystal.F_000                 ? 
_exptl_crystal.preparation           ? 
# 
_exptl_crystal_grow.crystal_id      1 
_exptl_crystal_grow.method          'VAPOR DIFFUSION, HANGING DROP' 
_exptl_crystal_grow.temp            291 
_exptl_crystal_grow.temp_details    ? 
_exptl_crystal_grow.pH              5.5 
_exptl_crystal_grow.pdbx_details    
'3.8M NaCl, 100mM Sodium Citrate, 5mM DTT, pH5.5, VAPOR DIFFUSION, HANGING DROP, temperature 291K' 
_exptl_crystal_grow.pdbx_pH_range   . 
# 
_diffrn.id                     1 
_diffrn.ambient_temp           113 
_diffrn.ambient_temp_details   ? 
_diffrn.crystal_id             1 
# 
_diffrn_detector.diffrn_id              1 
_diffrn_detector.detector               CCD 
_diffrn_detector.type                   'OXFORD ONYX CCD' 
_diffrn_detector.pdbx_collection_date   2007-08-10 
_diffrn_detector.details                mirrors 
# 
_diffrn_radiation.diffrn_id                        1 
_diffrn_radiation.wavelength_id                    1 
_diffrn_radiation.pdbx_monochromatic_or_laue_m_l   M 
_diffrn_radiation.monochromator                    ? 
_diffrn_radiation.pdbx_diffrn_protocol             'SINGLE WAVELENGTH' 
_diffrn_radiation.pdbx_scattering_type             x-ray 
# 
_diffrn_radiation_wavelength.id           1 
_diffrn_radiation_wavelength.wavelength   1.00 
_diffrn_radiation_wavelength.wt           1.0 
# 
_diffrn_source.diffrn_id                   1 
_diffrn_source.source                      SYNCHROTRON 
_diffrn_source.type                        'PAL/PLS BEAMLINE 6C1' 
_diffrn_source.pdbx_synchrotron_site       PAL/PLS 
_diffrn_source.pdbx_synchrotron_beamline   6C1 
_diffrn_source.pdbx_wavelength             ? 
_diffrn_source.pdbx_wavelength_list        1.00 
# 
_reflns.entry_id                     3A4C 
_reflns.observed_criterion_sigma_I   0 
_reflns.observed_criterion_sigma_F   ? 
_reflns.d_resolution_low             50 
_reflns.d_resolution_high            1.889 
_reflns.number_obs                   11409 
_reflns.number_all                   20616 
_reflns.percent_possible_obs         100 
_reflns.pdbx_Rmerge_I_obs            0.081 
_reflns.pdbx_Rsym_value              0.064 
_reflns.B_iso_Wilson_estimate        18.800 
_reflns.pdbx_redundancy              15.2 
_reflns.pdbx_netI_over_sigmaI        67 
_reflns.R_free_details               ? 
_reflns.limit_h_max                  ? 
_reflns.limit_h_min                  ? 
_reflns.limit_k_max                  ? 
_reflns.limit_k_min                  ? 
_reflns.limit_l_max                  ? 
_reflns.limit_l_min                  ? 
_reflns.observed_criterion_F_max     ? 
_reflns.observed_criterion_F_min     ? 
_reflns.pdbx_chi_squared             ? 
_reflns.pdbx_scaling_rejects         ? 
_reflns.pdbx_diffrn_id               1 
_reflns.pdbx_ordinal                 1 
# 
_reflns_shell.d_res_high             1.889 
_reflns_shell.d_res_low              1.97 
_reflns_shell.percent_possible_all   100 
_reflns_shell.Rmerge_I_obs           0.373 
_reflns_shell.pdbx_Rsym_value        0.334 
_reflns_shell.meanI_over_sigI_obs    12.1 
_reflns_shell.pdbx_redundancy        15.1 
_reflns_shell.percent_possible_obs   ? 
_reflns_shell.number_unique_all      1122 
_reflns_shell.number_measured_all    ? 
_reflns_shell.number_measured_obs    ? 
_reflns_shell.number_unique_obs      ? 
_reflns_shell.pdbx_chi_squared       ? 
_reflns_shell.pdbx_diffrn_id         ? 
_reflns_shell.pdbx_ordinal           1 
# 
_refine.entry_id                                 3A4C 
_refine.ls_number_reflns_obs                     11126 
_refine.ls_number_reflns_all                     ? 
_refine.pdbx_ls_sigma_I                          ? 
_refine.pdbx_ls_sigma_F                          0.29 
_refine.pdbx_data_cutoff_high_absF               ? 
_refine.pdbx_data_cutoff_low_absF                ? 
_refine.pdbx_data_cutoff_high_rms_absF           ? 
_refine.ls_d_res_low                             37.169 
_refine.ls_d_res_high                            1.889 
_refine.ls_percent_reflns_obs                    97.78 
_refine.ls_R_factor_obs                          0.2125 
_refine.ls_R_factor_all                          ? 
_refine.ls_R_factor_R_work                       0.2113 
_refine.ls_R_factor_R_free                       0.2358 
_refine.ls_R_factor_R_free_error                 ? 
_refine.ls_R_factor_R_free_error_details         ? 
_refine.ls_percent_reflns_R_free                 5.12 
_refine.ls_number_reflns_R_free                  570 
_refine.ls_number_reflns_R_work                  10556 
_refine.ls_number_parameters                     ? 
_refine.ls_number_restraints                     ? 
_refine.occupancy_max                            1.00 
_refine.occupancy_min                            1.00 
_refine.correlation_coeff_Fo_to_Fc               ? 
_refine.correlation_coeff_Fo_to_Fc_free          ? 
_refine.B_iso_mean                               21.061 
_refine.solvent_model_param_bsol                 58.730 
_refine.solvent_model_param_ksol                 0.404 
_refine.pdbx_isotropic_thermal_model             ? 
_refine.aniso_B[1][1]                            1.257 
_refine.aniso_B[2][2]                            1.257 
_refine.aniso_B[3][3]                            -2.514 
_refine.aniso_B[1][2]                            0.000 
_refine.aniso_B[1][3]                            -0.000 
_refine.aniso_B[2][3]                            0.000 
_refine.solvent_model_details                    'FLAT BULK SOLVENT MODEL' 
_refine.pdbx_solvent_vdw_probe_radii             1.11 
_refine.pdbx_solvent_ion_probe_radii             ? 
_refine.pdbx_solvent_shrinkage_radii             0.90 
_refine.pdbx_ls_cross_valid_method               ? 
_refine.details                                  ? 
_refine.pdbx_starting_model                      ? 
_refine.pdbx_method_to_determine_struct          SAD 
_refine.pdbx_stereochemistry_target_values       ML 
_refine.pdbx_stereochem_target_val_spec_case     ? 
_refine.pdbx_R_Free_selection_details            ? 
_refine.pdbx_overall_ESU_R                       ? 
_refine.pdbx_overall_ESU_R_Free                  ? 
_refine.overall_SU_ML                            0.26 
_refine.overall_SU_B                             ? 
_refine.ls_redundancy_reflns_obs                 ? 
_refine.B_iso_max                                57.21 
_refine.B_iso_min                                3.39 
_refine.pdbx_overall_phase_error                 19.930 
_refine.overall_SU_R_Cruickshank_DPI             ? 
_refine.overall_SU_R_free                        ? 
_refine.ls_wR_factor_R_free                      ? 
_refine.ls_wR_factor_R_work                      ? 
_refine.overall_FOM_free_R_set                   ? 
_refine.overall_FOM_work_R_set                   ? 
_refine.pdbx_refine_id                           'X-RAY DIFFRACTION' 
_refine.pdbx_diffrn_id                           1 
_refine.pdbx_TLS_residual_ADP_flag               ? 
_refine.pdbx_overall_SU_R_free_Cruickshank_DPI   ? 
_refine.pdbx_overall_SU_R_Blow_DPI               ? 
_refine.pdbx_overall_SU_R_free_Blow_DPI          ? 
# 
_refine_hist.pdbx_refine_id                   'X-RAY DIFFRACTION' 
_refine_hist.cycle_id                         LAST 
_refine_hist.pdbx_number_atoms_protein        846 
_refine_hist.pdbx_number_atoms_nucleic_acid   0 
_refine_hist.pdbx_number_atoms_ligand         0 
_refine_hist.number_atoms_solvent             78 
_refine_hist.number_atoms_total               924 
_refine_hist.d_res_high                       1.889 
_refine_hist.d_res_low                        37.169 
# 
loop_
_refine_ls_restr.type 
_refine_ls_restr.dev_ideal 
_refine_ls_restr.dev_ideal_target 
_refine_ls_restr.weight 
_refine_ls_restr.number 
_refine_ls_restr.pdbx_refine_id 
_refine_ls_restr.pdbx_restraint_function 
f_bond_d           0.006  ? ? 859  'X-RAY DIFFRACTION' ? 
f_angle_d          1.028  ? ? 1163 'X-RAY DIFFRACTION' ? 
f_dihedral_angle_d 16.547 ? ? 332  'X-RAY DIFFRACTION' ? 
f_chiral_restr     0.062  ? ? 139  'X-RAY DIFFRACTION' ? 
f_plane_restr      0.004  ? ? 149  'X-RAY DIFFRACTION' ? 
# 
loop_
_refine_ls_shell.pdbx_refine_id 
_refine_ls_shell.pdbx_total_number_of_bins_used 
_refine_ls_shell.d_res_high 
_refine_ls_shell.d_res_low 
_refine_ls_shell.number_reflns_R_work 
_refine_ls_shell.R_factor_R_work 
_refine_ls_shell.percent_reflns_obs 
_refine_ls_shell.R_factor_R_free 
_refine_ls_shell.R_factor_R_free_error 
_refine_ls_shell.percent_reflns_R_free 
_refine_ls_shell.number_reflns_R_free 
_refine_ls_shell.number_reflns_all 
_refine_ls_shell.R_factor_all 
'X-RAY DIFFRACTION' . 1.8894 2.0796  2500 0.1982 95.00 0.2276 . . 122 . . 
'X-RAY DIFFRACTION' . 2.0796 2.3804  2614 0.1920 98.00 0.2284 . . 132 . . 
'X-RAY DIFFRACTION' . 2.3804 2.9989  2611 0.2197 98.00 0.2173 . . 163 . . 
'X-RAY DIFFRACTION' . 2.9989 37.1762 2831 0.2167 99.00 0.2540 . . 153 . . 
# 
_struct.entry_id                  3A4C 
_struct.title                     'Crystal structure of cdt1 C terminal domain' 
_struct.pdbx_model_details        ? 
_struct.pdbx_CASP_flag            ? 
_struct.pdbx_model_type_details   ? 
# 
_struct_keywords.entry_id        3A4C 
_struct_keywords.pdbx_keywords   'Cell cycle, Replication' 
_struct_keywords.text            
;alpha-beta structure, Cell cycle, DNA replication, DNA-binding, Nucleus, Phosphoprotein, Proto-oncogene, Ubl conjugation, Replication
;
# 
loop_
_struct_asym.id 
_struct_asym.pdbx_blank_PDB_chainid_flag 
_struct_asym.pdbx_modified 
_struct_asym.entity_id 
_struct_asym.details 
A N N 1 ? 
B N N 2 ? 
# 
_struct_ref.id                         1 
_struct_ref.db_name                    UNP 
_struct_ref.db_code                    CDT1_MOUSE 
_struct_ref.pdbx_db_accession          Q8R4E9 
_struct_ref.entity_id                  1 
_struct_ref.pdbx_seq_one_letter_code   
;RCPEQELRLQRLERLPELARVLRNVFVSERKPALTMEVVCARMVDSCQTALSPGEMEKHLVLLAELLPDWLSLHRIRTDT
YVKLDKAVDLAGLTARLAHHVHAEGL
;
_struct_ref.pdbx_align_begin           452 
_struct_ref.pdbx_db_isoform            ? 
# 
_struct_ref_seq.align_id                      1 
_struct_ref_seq.ref_id                        1 
_struct_ref_seq.pdbx_PDB_id_code              3A4C 
_struct_ref_seq.pdbx_strand_id                A 
_struct_ref_seq.seq_align_beg                 1 
_struct_ref_seq.pdbx_seq_align_beg_ins_code   ? 
_struct_ref_seq.seq_align_end                 106 
_struct_ref_seq.pdbx_seq_align_end_ins_code   ? 
_struct_ref_seq.pdbx_db_accession             Q8R4E9 
_struct_ref_seq.db_align_beg                  452 
_struct_ref_seq.pdbx_db_align_beg_ins_code    ? 
_struct_ref_seq.db_align_end                  557 
_struct_ref_seq.pdbx_db_align_end_ins_code    ? 
_struct_ref_seq.pdbx_auth_seq_align_beg       452 
_struct_ref_seq.pdbx_auth_seq_align_end       557 
# 
_pdbx_struct_assembly.id                   1 
_pdbx_struct_assembly.details              author_and_software_defined_assembly 
_pdbx_struct_assembly.method_details       PISA 
_pdbx_struct_assembly.oligomeric_details   monomeric 
_pdbx_struct_assembly.oligomeric_count     1 
# 
_pdbx_struct_assembly_gen.assembly_id       1 
_pdbx_struct_assembly_gen.oper_expression   1 
_pdbx_struct_assembly_gen.asym_id_list      A,B 
# 
_pdbx_struct_oper_list.id                   1 
_pdbx_struct_oper_list.type                 'identity operation' 
_pdbx_struct_oper_list.name                 1_555 
_pdbx_struct_oper_list.symmetry_operation   x,y,z 
_pdbx_struct_oper_list.matrix[1][1]         1.0000000000 
_pdbx_struct_oper_list.matrix[1][2]         0.0000000000 
_pdbx_struct_oper_list.matrix[1][3]         0.0000000000 
_pdbx_struct_oper_list.vector[1]            0.0000000000 
_pdbx_struct_oper_list.matrix[2][1]         0.0000000000 
_pdbx_struct_oper_list.matrix[2][2]         1.0000000000 
_pdbx_struct_oper_list.matrix[2][3]         0.0000000000 
_pdbx_struct_oper_list.vector[2]            0.0000000000 
_pdbx_struct_oper_list.matrix[3][1]         0.0000000000 
_pdbx_struct_oper_list.matrix[3][2]         0.0000000000 
_pdbx_struct_oper_list.matrix[3][3]         1.0000000000 
_pdbx_struct_oper_list.vector[3]            0.0000000000 
# 
_struct_biol.id        1 
_struct_biol.details   ? 
# 
loop_
_struct_conf.conf_type_id 
_struct_conf.id 
_struct_conf.pdbx_PDB_helix_id 
_struct_conf.beg_label_comp_id 
_struct_conf.beg_label_asym_id 
_struct_conf.beg_label_seq_id 
_struct_conf.pdbx_beg_PDB_ins_code 
_struct_conf.end_label_comp_id 
_struct_conf.end_label_asym_id 
_struct_conf.end_label_seq_id 
_struct_conf.pdbx_end_PDB_ins_code 
_struct_conf.beg_auth_comp_id 
_struct_conf.beg_auth_asym_id 
_struct_conf.beg_auth_seq_id 
_struct_conf.end_auth_comp_id 
_struct_conf.end_auth_asym_id 
_struct_conf.end_auth_seq_id 
_struct_conf.pdbx_PDB_helix_class 
_struct_conf.details 
_struct_conf.pdbx_PDB_helix_length 
HELX_P HELX_P1 1 CYS A 2  ? SER A 28  ? CYS A 453 SER A 479 1 ? 27 
HELX_P HELX_P2 2 MET A 36 ? SER A 46  ? MET A 487 SER A 497 1 ? 11 
HELX_P HELX_P3 3 SER A 52 ? LEU A 67  ? SER A 503 LEU A 518 1 ? 16 
HELX_P HELX_P4 4 ASP A 89 ? GLU A 104 ? ASP A 540 GLU A 555 1 ? 16 
# 
_struct_conf_type.id          HELX_P 
_struct_conf_type.criteria    ? 
_struct_conf_type.reference   ? 
# 
_struct_sheet.id               A 
_struct_sheet.type             ? 
_struct_sheet.number_strands   3 
_struct_sheet.details          ? 
# 
loop_
_struct_sheet_order.sheet_id 
_struct_sheet_order.range_id_1 
_struct_sheet_order.range_id_2 
_struct_sheet_order.offset 
_struct_sheet_order.sense 
A 1 2 ? anti-parallel 
A 2 3 ? anti-parallel 
# 
loop_
_struct_sheet_range.sheet_id 
_struct_sheet_range.id 
_struct_sheet_range.beg_label_comp_id 
_struct_sheet_range.beg_label_asym_id 
_struct_sheet_range.beg_label_seq_id 
_struct_sheet_range.pdbx_beg_PDB_ins_code 
_struct_sheet_range.end_label_comp_id 
_struct_sheet_range.end_label_asym_id 
_struct_sheet_range.end_label_seq_id 
_struct_sheet_range.pdbx_end_PDB_ins_code 
_struct_sheet_range.beg_auth_comp_id 
_struct_sheet_range.beg_auth_asym_id 
_struct_sheet_range.beg_auth_seq_id 
_struct_sheet_range.end_auth_comp_id 
_struct_sheet_range.end_auth_asym_id 
_struct_sheet_range.end_auth_seq_id 
A 1 ALA A 33 ? THR A 35 ? ALA A 484 THR A 486 
A 2 ASP A 79 ? LEU A 84 ? ASP A 530 LEU A 535 
A 3 LEU A 71 ? ILE A 76 ? LEU A 522 ILE A 527 
# 
loop_
_pdbx_struct_sheet_hbond.sheet_id 
_pdbx_struct_sheet_hbond.range_id_1 
_pdbx_struct_sheet_hbond.range_id_2 
_pdbx_struct_sheet_hbond.range_1_label_atom_id 
_pdbx_struct_sheet_hbond.range_1_label_comp_id 
_pdbx_struct_sheet_hbond.range_1_label_asym_id 
_pdbx_struct_sheet_hbond.range_1_label_seq_id 
_pdbx_struct_sheet_hbond.range_1_PDB_ins_code 
_pdbx_struct_sheet_hbond.range_1_auth_atom_id 
_pdbx_struct_sheet_hbond.range_1_auth_comp_id 
_pdbx_struct_sheet_hbond.range_1_auth_asym_id 
_pdbx_struct_sheet_hbond.range_1_auth_seq_id 
_pdbx_struct_sheet_hbond.range_2_label_atom_id 
_pdbx_struct_sheet_hbond.range_2_label_comp_id 
_pdbx_struct_sheet_hbond.range_2_label_asym_id 
_pdbx_struct_sheet_hbond.range_2_label_seq_id 
_pdbx_struct_sheet_hbond.range_2_PDB_ins_code 
_pdbx_struct_sheet_hbond.range_2_auth_atom_id 
_pdbx_struct_sheet_hbond.range_2_auth_comp_id 
_pdbx_struct_sheet_hbond.range_2_auth_asym_id 
_pdbx_struct_sheet_hbond.range_2_auth_seq_id 
A 1 2 N LEU A 34 ? N LEU A 485 O VAL A 82 ? O VAL A 533 
A 2 3 O TYR A 81 ? O TYR A 532 N HIS A 74 ? N HIS A 525 
# 
_pdbx_entry_details.entry_id                   3A4C 
_pdbx_entry_details.compound_details           ? 
_pdbx_entry_details.source_details             ? 
_pdbx_entry_details.nonpolymer_details         ? 
_pdbx_entry_details.sequence_details           ? 
_pdbx_entry_details.has_ligand_of_interest     ? 
_pdbx_entry_details.has_protein_modification   N 
# 
loop_
_pdbx_validate_torsion.id 
_pdbx_validate_torsion.PDB_model_num 
_pdbx_validate_torsion.auth_comp_id 
_pdbx_validate_torsion.auth_asym_id 
_pdbx_validate_torsion.auth_seq_id 
_pdbx_validate_torsion.PDB_ins_code 
_pdbx_validate_torsion.label_alt_id 
_pdbx_validate_torsion.phi 
_pdbx_validate_torsion.psi 
1 1 GLN A 499 ? ? -90.17 33.26   
2 1 ARG A 528 ? ? 50.83  -128.15 
# 
loop_
_chem_comp_atom.comp_id 
_chem_comp_atom.atom_id 
_chem_comp_atom.type_symbol 
_chem_comp_atom.pdbx_aromatic_flag 
_chem_comp_atom.pdbx_stereo_config 
_chem_comp_atom.pdbx_ordinal 
ALA N    N N N 1   
ALA CA   C N S 2   
ALA C    C N N 3   
ALA O    O N N 4   
ALA CB   C N N 5   
ALA OXT  O N N 6   
ALA H    H N N 7   
ALA H2   H N N 8   
ALA HA   H N N 9   
ALA HB1  H N N 10  
ALA HB2  H N N 11  
ALA HB3  H N N 12  
ALA HXT  H N N 13  
ARG N    N N N 14  
ARG CA   C N S 15  
ARG C    C N N 16  
ARG O    O N N 17  
ARG CB   C N N 18  
ARG CG   C N N 19  
ARG CD   C N N 20  
ARG NE   N N N 21  
ARG CZ   C N N 22  
ARG NH1  N N N 23  
ARG NH2  N N N 24  
ARG OXT  O N N 25  
ARG H    H N N 26  
ARG H2   H N N 27  
ARG HA   H N N 28  
ARG HB2  H N N 29  
ARG HB3  H N N 30  
ARG HG2  H N N 31  
ARG HG3  H N N 32  
ARG HD2  H N N 33  
ARG HD3  H N N 34  
ARG HE   H N N 35  
ARG HH11 H N N 36  
ARG HH12 H N N 37  
ARG HH21 H N N 38  
ARG HH22 H N N 39  
ARG HXT  H N N 40  
ASN N    N N N 41  
ASN CA   C N S 42  
ASN C    C N N 43  
ASN O    O N N 44  
ASN CB   C N N 45  
ASN CG   C N N 46  
ASN OD1  O N N 47  
ASN ND2  N N N 48  
ASN OXT  O N N 49  
ASN H    H N N 50  
ASN H2   H N N 51  
ASN HA   H N N 52  
ASN HB2  H N N 53  
ASN HB3  H N N 54  
ASN HD21 H N N 55  
ASN HD22 H N N 56  
ASN HXT  H N N 57  
ASP N    N N N 58  
ASP CA   C N S 59  
ASP C    C N N 60  
ASP O    O N N 61  
ASP CB   C N N 62  
ASP CG   C N N 63  
ASP OD1  O N N 64  
ASP OD2  O N N 65  
ASP OXT  O N N 66  
ASP H    H N N 67  
ASP H2   H N N 68  
ASP HA   H N N 69  
ASP HB2  H N N 70  
ASP HB3  H N N 71  
ASP HD2  H N N 72  
ASP HXT  H N N 73  
CYS N    N N N 74  
CYS CA   C N R 75  
CYS C    C N N 76  
CYS O    O N N 77  
CYS CB   C N N 78  
CYS SG   S N N 79  
CYS OXT  O N N 80  
CYS H    H N N 81  
CYS H2   H N N 82  
CYS HA   H N N 83  
CYS HB2  H N N 84  
CYS HB3  H N N 85  
CYS HG   H N N 86  
CYS HXT  H N N 87  
GLN N    N N N 88  
GLN CA   C N S 89  
GLN C    C N N 90  
GLN O    O N N 91  
GLN CB   C N N 92  
GLN CG   C N N 93  
GLN CD   C N N 94  
GLN OE1  O N N 95  
GLN NE2  N N N 96  
GLN OXT  O N N 97  
GLN H    H N N 98  
GLN H2   H N N 99  
GLN HA   H N N 100 
GLN HB2  H N N 101 
GLN HB3  H N N 102 
GLN HG2  H N N 103 
GLN HG3  H N N 104 
GLN HE21 H N N 105 
GLN HE22 H N N 106 
GLN HXT  H N N 107 
GLU N    N N N 108 
GLU CA   C N S 109 
GLU C    C N N 110 
GLU O    O N N 111 
GLU CB   C N N 112 
GLU CG   C N N 113 
GLU CD   C N N 114 
GLU OE1  O N N 115 
GLU OE2  O N N 116 
GLU OXT  O N N 117 
GLU H    H N N 118 
GLU H2   H N N 119 
GLU HA   H N N 120 
GLU HB2  H N N 121 
GLU HB3  H N N 122 
GLU HG2  H N N 123 
GLU HG3  H N N 124 
GLU HE2  H N N 125 
GLU HXT  H N N 126 
GLY N    N N N 127 
GLY CA   C N N 128 
GLY C    C N N 129 
GLY O    O N N 130 
GLY OXT  O N N 131 
GLY H    H N N 132 
GLY H2   H N N 133 
GLY HA2  H N N 134 
GLY HA3  H N N 135 
GLY HXT  H N N 136 
HIS N    N N N 137 
HIS CA   C N S 138 
HIS C    C N N 139 
HIS O    O N N 140 
HIS CB   C N N 141 
HIS CG   C Y N 142 
HIS ND1  N Y N 143 
HIS CD2  C Y N 144 
HIS CE1  C Y N 145 
HIS NE2  N Y N 146 
HIS OXT  O N N 147 
HIS H    H N N 148 
HIS H2   H N N 149 
HIS HA   H N N 150 
HIS HB2  H N N 151 
HIS HB3  H N N 152 
HIS HD1  H N N 153 
HIS HD2  H N N 154 
HIS HE1  H N N 155 
HIS HE2  H N N 156 
HIS HXT  H N N 157 
HOH O    O N N 158 
HOH H1   H N N 159 
HOH H2   H N N 160 
ILE N    N N N 161 
ILE CA   C N S 162 
ILE C    C N N 163 
ILE O    O N N 164 
ILE CB   C N S 165 
ILE CG1  C N N 166 
ILE CG2  C N N 167 
ILE CD1  C N N 168 
ILE OXT  O N N 169 
ILE H    H N N 170 
ILE H2   H N N 171 
ILE HA   H N N 172 
ILE HB   H N N 173 
ILE HG12 H N N 174 
ILE HG13 H N N 175 
ILE HG21 H N N 176 
ILE HG22 H N N 177 
ILE HG23 H N N 178 
ILE HD11 H N N 179 
ILE HD12 H N N 180 
ILE HD13 H N N 181 
ILE HXT  H N N 182 
LEU N    N N N 183 
LEU CA   C N S 184 
LEU C    C N N 185 
LEU O    O N N 186 
LEU CB   C N N 187 
LEU CG   C N N 188 
LEU CD1  C N N 189 
LEU CD2  C N N 190 
LEU OXT  O N N 191 
LEU H    H N N 192 
LEU H2   H N N 193 
LEU HA   H N N 194 
LEU HB2  H N N 195 
LEU HB3  H N N 196 
LEU HG   H N N 197 
LEU HD11 H N N 198 
LEU HD12 H N N 199 
LEU HD13 H N N 200 
LEU HD21 H N N 201 
LEU HD22 H N N 202 
LEU HD23 H N N 203 
LEU HXT  H N N 204 
LYS N    N N N 205 
LYS CA   C N S 206 
LYS C    C N N 207 
LYS O    O N N 208 
LYS CB   C N N 209 
LYS CG   C N N 210 
LYS CD   C N N 211 
LYS CE   C N N 212 
LYS NZ   N N N 213 
LYS OXT  O N N 214 
LYS H    H N N 215 
LYS H2   H N N 216 
LYS HA   H N N 217 
LYS HB2  H N N 218 
LYS HB3  H N N 219 
LYS HG2  H N N 220 
LYS HG3  H N N 221 
LYS HD2  H N N 222 
LYS HD3  H N N 223 
LYS HE2  H N N 224 
LYS HE3  H N N 225 
LYS HZ1  H N N 226 
LYS HZ2  H N N 227 
LYS HZ3  H N N 228 
LYS HXT  H N N 229 
MET N    N N N 230 
MET CA   C N S 231 
MET C    C N N 232 
MET O    O N N 233 
MET CB   C N N 234 
MET CG   C N N 235 
MET SD   S N N 236 
MET CE   C N N 237 
MET OXT  O N N 238 
MET H    H N N 239 
MET H2   H N N 240 
MET HA   H N N 241 
MET HB2  H N N 242 
MET HB3  H N N 243 
MET HG2  H N N 244 
MET HG3  H N N 245 
MET HE1  H N N 246 
MET HE2  H N N 247 
MET HE3  H N N 248 
MET HXT  H N N 249 
PHE N    N N N 250 
PHE CA   C N S 251 
PHE C    C N N 252 
PHE O    O N N 253 
PHE CB   C N N 254 
PHE CG   C Y N 255 
PHE CD1  C Y N 256 
PHE CD2  C Y N 257 
PHE CE1  C Y N 258 
PHE CE2  C Y N 259 
PHE CZ   C Y N 260 
PHE OXT  O N N 261 
PHE H    H N N 262 
PHE H2   H N N 263 
PHE HA   H N N 264 
PHE HB2  H N N 265 
PHE HB3  H N N 266 
PHE HD1  H N N 267 
PHE HD2  H N N 268 
PHE HE1  H N N 269 
PHE HE2  H N N 270 
PHE HZ   H N N 271 
PHE HXT  H N N 272 
PRO N    N N N 273 
PRO CA   C N S 274 
PRO C    C N N 275 
PRO O    O N N 276 
PRO CB   C N N 277 
PRO CG   C N N 278 
PRO CD   C N N 279 
PRO OXT  O N N 280 
PRO H    H N N 281 
PRO HA   H N N 282 
PRO HB2  H N N 283 
PRO HB3  H N N 284 
PRO HG2  H N N 285 
PRO HG3  H N N 286 
PRO HD2  H N N 287 
PRO HD3  H N N 288 
PRO HXT  H N N 289 
SER N    N N N 290 
SER CA   C N S 291 
SER C    C N N 292 
SER O    O N N 293 
SER CB   C N N 294 
SER OG   O N N 295 
SER OXT  O N N 296 
SER H    H N N 297 
SER H2   H N N 298 
SER HA   H N N 299 
SER HB2  H N N 300 
SER HB3  H N N 301 
SER HG   H N N 302 
SER HXT  H N N 303 
THR N    N N N 304 
THR CA   C N S 305 
THR C    C N N 306 
THR O    O N N 307 
THR CB   C N R 308 
THR OG1  O N N 309 
THR CG2  C N N 310 
THR OXT  O N N 311 
THR H    H N N 312 
THR H2   H N N 313 
THR HA   H N N 314 
THR HB   H N N 315 
THR HG1  H N N 316 
THR HG21 H N N 317 
THR HG22 H N N 318 
THR HG23 H N N 319 
THR HXT  H N N 320 
TRP N    N N N 321 
TRP CA   C N S 322 
TRP C    C N N 323 
TRP O    O N N 324 
TRP CB   C N N 325 
TRP CG   C Y N 326 
TRP CD1  C Y N 327 
TRP CD2  C Y N 328 
TRP NE1  N Y N 329 
TRP CE2  C Y N 330 
TRP CE3  C Y N 331 
TRP CZ2  C Y N 332 
TRP CZ3  C Y N 333 
TRP CH2  C Y N 334 
TRP OXT  O N N 335 
TRP H    H N N 336 
TRP H2   H N N 337 
TRP HA   H N N 338 
TRP HB2  H N N 339 
TRP HB3  H N N 340 
TRP HD1  H N N 341 
TRP HE1  H N N 342 
TRP HE3  H N N 343 
TRP HZ2  H N N 344 
TRP HZ3  H N N 345 
TRP HH2  H N N 346 
TRP HXT  H N N 347 
TYR N    N N N 348 
TYR CA   C N S 349 
TYR C    C N N 350 
TYR O    O N N 351 
TYR CB   C N N 352 
TYR CG   C Y N 353 
TYR CD1  C Y N 354 
TYR CD2  C Y N 355 
TYR CE1  C Y N 356 
TYR CE2  C Y N 357 
TYR CZ   C Y N 358 
TYR OH   O N N 359 
TYR OXT  O N N 360 
TYR H    H N N 361 
TYR H2   H N N 362 
TYR HA   H N N 363 
TYR HB2  H N N 364 
TYR HB3  H N N 365 
TYR HD1  H N N 366 
TYR HD2  H N N 367 
TYR HE1  H N N 368 
TYR HE2  H N N 369 
TYR HH   H N N 370 
TYR HXT  H N N 371 
VAL N    N N N 372 
VAL CA   C N S 373 
VAL C    C N N 374 
VAL O    O N N 375 
VAL CB   C N N 376 
VAL CG1  C N N 377 
VAL CG2  C N N 378 
VAL OXT  O N N 379 
VAL H    H N N 380 
VAL H2   H N N 381 
VAL HA   H N N 382 
VAL HB   H N N 383 
VAL HG11 H N N 384 
VAL HG12 H N N 385 
VAL HG13 H N N 386 
VAL HG21 H N N 387 
VAL HG22 H N N 388 
VAL HG23 H N N 389 
VAL HXT  H N N 390 
# 
loop_
_chem_comp_bond.comp_id 
_chem_comp_bond.atom_id_1 
_chem_comp_bond.atom_id_2 
_chem_comp_bond.value_order 
_chem_comp_bond.pdbx_aromatic_flag 
_chem_comp_bond.pdbx_stereo_config 
_chem_comp_bond.pdbx_ordinal 
ALA N   CA   sing N N 1   
ALA N   H    sing N N 2   
ALA N   H2   sing N N 3   
ALA CA  C    sing N N 4   
ALA CA  CB   sing N N 5   
ALA CA  HA   sing N N 6   
ALA C   O    doub N N 7   
ALA C   OXT  sing N N 8   
ALA CB  HB1  sing N N 9   
ALA CB  HB2  sing N N 10  
ALA CB  HB3  sing N N 11  
ALA OXT HXT  sing N N 12  
ARG N   CA   sing N N 13  
ARG N   H    sing N N 14  
ARG N   H2   sing N N 15  
ARG CA  C    sing N N 16  
ARG CA  CB   sing N N 17  
ARG CA  HA   sing N N 18  
ARG C   O    doub N N 19  
ARG C   OXT  sing N N 20  
ARG CB  CG   sing N N 21  
ARG CB  HB2  sing N N 22  
ARG CB  HB3  sing N N 23  
ARG CG  CD   sing N N 24  
ARG CG  HG2  sing N N 25  
ARG CG  HG3  sing N N 26  
ARG CD  NE   sing N N 27  
ARG CD  HD2  sing N N 28  
ARG CD  HD3  sing N N 29  
ARG NE  CZ   sing N N 30  
ARG NE  HE   sing N N 31  
ARG CZ  NH1  sing N N 32  
ARG CZ  NH2  doub N N 33  
ARG NH1 HH11 sing N N 34  
ARG NH1 HH12 sing N N 35  
ARG NH2 HH21 sing N N 36  
ARG NH2 HH22 sing N N 37  
ARG OXT HXT  sing N N 38  
ASN N   CA   sing N N 39  
ASN N   H    sing N N 40  
ASN N   H2   sing N N 41  
ASN CA  C    sing N N 42  
ASN CA  CB   sing N N 43  
ASN CA  HA   sing N N 44  
ASN C   O    doub N N 45  
ASN C   OXT  sing N N 46  
ASN CB  CG   sing N N 47  
ASN CB  HB2  sing N N 48  
ASN CB  HB3  sing N N 49  
ASN CG  OD1  doub N N 50  
ASN CG  ND2  sing N N 51  
ASN ND2 HD21 sing N N 52  
ASN ND2 HD22 sing N N 53  
ASN OXT HXT  sing N N 54  
ASP N   CA   sing N N 55  
ASP N   H    sing N N 56  
ASP N   H2   sing N N 57  
ASP CA  C    sing N N 58  
ASP CA  CB   sing N N 59  
ASP CA  HA   sing N N 60  
ASP C   O    doub N N 61  
ASP C   OXT  sing N N 62  
ASP CB  CG   sing N N 63  
ASP CB  HB2  sing N N 64  
ASP CB  HB3  sing N N 65  
ASP CG  OD1  doub N N 66  
ASP CG  OD2  sing N N 67  
ASP OD2 HD2  sing N N 68  
ASP OXT HXT  sing N N 69  
CYS N   CA   sing N N 70  
CYS N   H    sing N N 71  
CYS N   H2   sing N N 72  
CYS CA  C    sing N N 73  
CYS CA  CB   sing N N 74  
CYS CA  HA   sing N N 75  
CYS C   O    doub N N 76  
CYS C   OXT  sing N N 77  
CYS CB  SG   sing N N 78  
CYS CB  HB2  sing N N 79  
CYS CB  HB3  sing N N 80  
CYS SG  HG   sing N N 81  
CYS OXT HXT  sing N N 82  
GLN N   CA   sing N N 83  
GLN N   H    sing N N 84  
GLN N   H2   sing N N 85  
GLN CA  C    sing N N 86  
GLN CA  CB   sing N N 87  
GLN CA  HA   sing N N 88  
GLN C   O    doub N N 89  
GLN C   OXT  sing N N 90  
GLN CB  CG   sing N N 91  
GLN CB  HB2  sing N N 92  
GLN CB  HB3  sing N N 93  
GLN CG  CD   sing N N 94  
GLN CG  HG2  sing N N 95  
GLN CG  HG3  sing N N 96  
GLN CD  OE1  doub N N 97  
GLN CD  NE2  sing N N 98  
GLN NE2 HE21 sing N N 99  
GLN NE2 HE22 sing N N 100 
GLN OXT HXT  sing N N 101 
GLU N   CA   sing N N 102 
GLU N   H    sing N N 103 
GLU N   H2   sing N N 104 
GLU CA  C    sing N N 105 
GLU CA  CB   sing N N 106 
GLU CA  HA   sing N N 107 
GLU C   O    doub N N 108 
GLU C   OXT  sing N N 109 
GLU CB  CG   sing N N 110 
GLU CB  HB2  sing N N 111 
GLU CB  HB3  sing N N 112 
GLU CG  CD   sing N N 113 
GLU CG  HG2  sing N N 114 
GLU CG  HG3  sing N N 115 
GLU CD  OE1  doub N N 116 
GLU CD  OE2  sing N N 117 
GLU OE2 HE2  sing N N 118 
GLU OXT HXT  sing N N 119 
GLY N   CA   sing N N 120 
GLY N   H    sing N N 121 
GLY N   H2   sing N N 122 
GLY CA  C    sing N N 123 
GLY CA  HA2  sing N N 124 
GLY CA  HA3  sing N N 125 
GLY C   O    doub N N 126 
GLY C   OXT  sing N N 127 
GLY OXT HXT  sing N N 128 
HIS N   CA   sing N N 129 
HIS N   H    sing N N 130 
HIS N   H2   sing N N 131 
HIS CA  C    sing N N 132 
HIS CA  CB   sing N N 133 
HIS CA  HA   sing N N 134 
HIS C   O    doub N N 135 
HIS C   OXT  sing N N 136 
HIS CB  CG   sing N N 137 
HIS CB  HB2  sing N N 138 
HIS CB  HB3  sing N N 139 
HIS CG  ND1  sing Y N 140 
HIS CG  CD2  doub Y N 141 
HIS ND1 CE1  doub Y N 142 
HIS ND1 HD1  sing N N 143 
HIS CD2 NE2  sing Y N 144 
HIS CD2 HD2  sing N N 145 
HIS CE1 NE2  sing Y N 146 
HIS CE1 HE1  sing N N 147 
HIS NE2 HE2  sing N N 148 
HIS OXT HXT  sing N N 149 
HOH O   H1   sing N N 150 
HOH O   H2   sing N N 151 
ILE N   CA   sing N N 152 
ILE N   H    sing N N 153 
ILE N   H2   sing N N 154 
ILE CA  C    sing N N 155 
ILE CA  CB   sing N N 156 
ILE CA  HA   sing N N 157 
ILE C   O    doub N N 158 
ILE C   OXT  sing N N 159 
ILE CB  CG1  sing N N 160 
ILE CB  CG2  sing N N 161 
ILE CB  HB   sing N N 162 
ILE CG1 CD1  sing N N 163 
ILE CG1 HG12 sing N N 164 
ILE CG1 HG13 sing N N 165 
ILE CG2 HG21 sing N N 166 
ILE CG2 HG22 sing N N 167 
ILE CG2 HG23 sing N N 168 
ILE CD1 HD11 sing N N 169 
ILE CD1 HD12 sing N N 170 
ILE CD1 HD13 sing N N 171 
ILE OXT HXT  sing N N 172 
LEU N   CA   sing N N 173 
LEU N   H    sing N N 174 
LEU N   H2   sing N N 175 
LEU CA  C    sing N N 176 
LEU CA  CB   sing N N 177 
LEU CA  HA   sing N N 178 
LEU C   O    doub N N 179 
LEU C   OXT  sing N N 180 
LEU CB  CG   sing N N 181 
LEU CB  HB2  sing N N 182 
LEU CB  HB3  sing N N 183 
LEU CG  CD1  sing N N 184 
LEU CG  CD2  sing N N 185 
LEU CG  HG   sing N N 186 
LEU CD1 HD11 sing N N 187 
LEU CD1 HD12 sing N N 188 
LEU CD1 HD13 sing N N 189 
LEU CD2 HD21 sing N N 190 
LEU CD2 HD22 sing N N 191 
LEU CD2 HD23 sing N N 192 
LEU OXT HXT  sing N N 193 
LYS N   CA   sing N N 194 
LYS N   H    sing N N 195 
LYS N   H2   sing N N 196 
LYS CA  C    sing N N 197 
LYS CA  CB   sing N N 198 
LYS CA  HA   sing N N 199 
LYS C   O    doub N N 200 
LYS C   OXT  sing N N 201 
LYS CB  CG   sing N N 202 
LYS CB  HB2  sing N N 203 
LYS CB  HB3  sing N N 204 
LYS CG  CD   sing N N 205 
LYS CG  HG2  sing N N 206 
LYS CG  HG3  sing N N 207 
LYS CD  CE   sing N N 208 
LYS CD  HD2  sing N N 209 
LYS CD  HD3  sing N N 210 
LYS CE  NZ   sing N N 211 
LYS CE  HE2  sing N N 212 
LYS CE  HE3  sing N N 213 
LYS NZ  HZ1  sing N N 214 
LYS NZ  HZ2  sing N N 215 
LYS NZ  HZ3  sing N N 216 
LYS OXT HXT  sing N N 217 
MET N   CA   sing N N 218 
MET N   H    sing N N 219 
MET N   H2   sing N N 220 
MET CA  C    sing N N 221 
MET CA  CB   sing N N 222 
MET CA  HA   sing N N 223 
MET C   O    doub N N 224 
MET C   OXT  sing N N 225 
MET CB  CG   sing N N 226 
MET CB  HB2  sing N N 227 
MET CB  HB3  sing N N 228 
MET CG  SD   sing N N 229 
MET CG  HG2  sing N N 230 
MET CG  HG3  sing N N 231 
MET SD  CE   sing N N 232 
MET CE  HE1  sing N N 233 
MET CE  HE2  sing N N 234 
MET CE  HE3  sing N N 235 
MET OXT HXT  sing N N 236 
PHE N   CA   sing N N 237 
PHE N   H    sing N N 238 
PHE N   H2   sing N N 239 
PHE CA  C    sing N N 240 
PHE CA  CB   sing N N 241 
PHE CA  HA   sing N N 242 
PHE C   O    doub N N 243 
PHE C   OXT  sing N N 244 
PHE CB  CG   sing N N 245 
PHE CB  HB2  sing N N 246 
PHE CB  HB3  sing N N 247 
PHE CG  CD1  doub Y N 248 
PHE CG  CD2  sing Y N 249 
PHE CD1 CE1  sing Y N 250 
PHE CD1 HD1  sing N N 251 
PHE CD2 CE2  doub Y N 252 
PHE CD2 HD2  sing N N 253 
PHE CE1 CZ   doub Y N 254 
PHE CE1 HE1  sing N N 255 
PHE CE2 CZ   sing Y N 256 
PHE CE2 HE2  sing N N 257 
PHE CZ  HZ   sing N N 258 
PHE OXT HXT  sing N N 259 
PRO N   CA   sing N N 260 
PRO N   CD   sing N N 261 
PRO N   H    sing N N 262 
PRO CA  C    sing N N 263 
PRO CA  CB   sing N N 264 
PRO CA  HA   sing N N 265 
PRO C   O    doub N N 266 
PRO C   OXT  sing N N 267 
PRO CB  CG   sing N N 268 
PRO CB  HB2  sing N N 269 
PRO CB  HB3  sing N N 270 
PRO CG  CD   sing N N 271 
PRO CG  HG2  sing N N 272 
PRO CG  HG3  sing N N 273 
PRO CD  HD2  sing N N 274 
PRO CD  HD3  sing N N 275 
PRO OXT HXT  sing N N 276 
SER N   CA   sing N N 277 
SER N   H    sing N N 278 
SER N   H2   sing N N 279 
SER CA  C    sing N N 280 
SER CA  CB   sing N N 281 
SER CA  HA   sing N N 282 
SER C   O    doub N N 283 
SER C   OXT  sing N N 284 
SER CB  OG   sing N N 285 
SER CB  HB2  sing N N 286 
SER CB  HB3  sing N N 287 
SER OG  HG   sing N N 288 
SER OXT HXT  sing N N 289 
THR N   CA   sing N N 290 
THR N   H    sing N N 291 
THR N   H2   sing N N 292 
THR CA  C    sing N N 293 
THR CA  CB   sing N N 294 
THR CA  HA   sing N N 295 
THR C   O    doub N N 296 
THR C   OXT  sing N N 297 
THR CB  OG1  sing N N 298 
THR CB  CG2  sing N N 299 
THR CB  HB   sing N N 300 
THR OG1 HG1  sing N N 301 
THR CG2 HG21 sing N N 302 
THR CG2 HG22 sing N N 303 
THR CG2 HG23 sing N N 304 
THR OXT HXT  sing N N 305 
TRP N   CA   sing N N 306 
TRP N   H    sing N N 307 
TRP N   H2   sing N N 308 
TRP CA  C    sing N N 309 
TRP CA  CB   sing N N 310 
TRP CA  HA   sing N N 311 
TRP C   O    doub N N 312 
TRP C   OXT  sing N N 313 
TRP CB  CG   sing N N 314 
TRP CB  HB2  sing N N 315 
TRP CB  HB3  sing N N 316 
TRP CG  CD1  doub Y N 317 
TRP CG  CD2  sing Y N 318 
TRP CD1 NE1  sing Y N 319 
TRP CD1 HD1  sing N N 320 
TRP CD2 CE2  doub Y N 321 
TRP CD2 CE3  sing Y N 322 
TRP NE1 CE2  sing Y N 323 
TRP NE1 HE1  sing N N 324 
TRP CE2 CZ2  sing Y N 325 
TRP CE3 CZ3  doub Y N 326 
TRP CE3 HE3  sing N N 327 
TRP CZ2 CH2  doub Y N 328 
TRP CZ2 HZ2  sing N N 329 
TRP CZ3 CH2  sing Y N 330 
TRP CZ3 HZ3  sing N N 331 
TRP CH2 HH2  sing N N 332 
TRP OXT HXT  sing N N 333 
TYR N   CA   sing N N 334 
TYR N   H    sing N N 335 
TYR N   H2   sing N N 336 
TYR CA  C    sing N N 337 
TYR CA  CB   sing N N 338 
TYR CA  HA   sing N N 339 
TYR C   O    doub N N 340 
TYR C   OXT  sing N N 341 
TYR CB  CG   sing N N 342 
TYR CB  HB2  sing N N 343 
TYR CB  HB3  sing N N 344 
TYR CG  CD1  doub Y N 345 
TYR CG  CD2  sing Y N 346 
TYR CD1 CE1  sing Y N 347 
TYR CD1 HD1  sing N N 348 
TYR CD2 CE2  doub Y N 349 
TYR CD2 HD2  sing N N 350 
TYR CE1 CZ   doub Y N 351 
TYR CE1 HE1  sing N N 352 
TYR CE2 CZ   sing Y N 353 
TYR CE2 HE2  sing N N 354 
TYR CZ  OH   sing N N 355 
TYR OH  HH   sing N N 356 
TYR OXT HXT  sing N N 357 
VAL N   CA   sing N N 358 
VAL N   H    sing N N 359 
VAL N   H2   sing N N 360 
VAL CA  C    sing N N 361 
VAL CA  CB   sing N N 362 
VAL CA  HA   sing N N 363 
VAL C   O    doub N N 364 
VAL C   OXT  sing N N 365 
VAL CB  CG1  sing N N 366 
VAL CB  CG2  sing N N 367 
VAL CB  HB   sing N N 368 
VAL CG1 HG11 sing N N 369 
VAL CG1 HG12 sing N N 370 
VAL CG1 HG13 sing N N 371 
VAL CG2 HG21 sing N N 372 
VAL CG2 HG22 sing N N 373 
VAL CG2 HG23 sing N N 374 
VAL OXT HXT  sing N N 375 
# 
_atom_sites.entry_id                    3A4C 
_atom_sites.fract_transf_matrix[1][1]   0.01730947 
_atom_sites.fract_transf_matrix[1][2]   -0.00667705 
_atom_sites.fract_transf_matrix[1][3]   -0.00420854 
_atom_sites.fract_transf_matrix[2][1]   0.00739589 
_atom_sites.fract_transf_matrix[2][2]   0.01017956 
_atom_sites.fract_transf_matrix[2][3]   0.01426849 
_atom_sites.fract_transf_matrix[3][1]   -0.00150854 
_atom_sites.fract_transf_matrix[3][2]   -0.00800170 
_atom_sites.fract_transf_matrix[3][3]   0.00649058 
_atom_sites.fract_transf_vector[1]      0.199939 
_atom_sites.fract_transf_vector[2]      0.406865 
_atom_sites.fract_transf_vector[3]      0.118193 
# 
loop_
_atom_type.symbol 
C 
N 
O 
S 
# 
loop_
_atom_site.group_PDB 
_atom_site.id 
_atom_site.type_symbol 
_atom_site.label_atom_id 
_atom_site.label_alt_id 
_atom_site.label_comp_id 
_atom_site.label_asym_id 
_atom_site.label_entity_id 
_atom_site.label_seq_id 
_atom_site.pdbx_PDB_ins_code 
_atom_site.Cartn_x 
_atom_site.Cartn_y 
_atom_site.Cartn_z 
_atom_site.occupancy 
_atom_site.B_iso_or_equiv 
_atom_site.pdbx_formal_charge 
_atom_site.auth_seq_id 
_atom_site.auth_comp_id 
_atom_site.auth_asym_id 
_atom_site.auth_atom_id 
_atom_site.pdbx_PDB_model_num 
ATOM   1   N N   . ARG A 1 1   ? 10.164  -23.642 -3.178  1.00 48.52 ? 452 ARG A N   1 
ATOM   2   C CA  . ARG A 1 1   ? 9.713   -22.269 -3.383  1.00 46.75 ? 452 ARG A CA  1 
ATOM   3   C C   . ARG A 1 1   ? 10.857  -21.406 -3.902  1.00 41.97 ? 452 ARG A C   1 
ATOM   4   O O   . ARG A 1 1   ? 11.909  -21.319 -3.271  1.00 51.98 ? 452 ARG A O   1 
ATOM   5   C CB  . ARG A 1 1   ? 9.165   -21.690 -2.078  1.00 49.02 ? 452 ARG A CB  1 
ATOM   6   C CG  . ARG A 1 1   ? 8.600   -20.283 -2.200  1.00 36.51 ? 452 ARG A CG  1 
ATOM   7   C CD  . ARG A 1 1   ? 8.148   -19.764 -0.846  1.00 37.52 ? 452 ARG A CD  1 
ATOM   8   N NE  . ARG A 1 1   ? 7.098   -20.596 -0.262  1.00 46.14 ? 452 ARG A NE  1 
ATOM   9   C CZ  . ARG A 1 1   ? 6.773   -20.597 1.029   1.00 50.99 ? 452 ARG A CZ  1 
ATOM   10  N NH1 . ARG A 1 1   ? 5.802   -21.384 1.472   1.00 50.47 ? 452 ARG A NH1 1 
ATOM   11  N NH2 . ARG A 1 1   ? 7.424   -19.814 1.882   1.00 51.66 ? 452 ARG A NH2 1 
ATOM   12  N N   . CYS A 1 2   ? 10.651  -20.774 -5.053  1.00 38.60 ? 453 CYS A N   1 
ATOM   13  C CA  . CYS A 1 2   ? 11.708  -19.987 -5.683  1.00 41.54 ? 453 CYS A CA  1 
ATOM   14  C C   . CYS A 1 2   ? 11.821  -18.581 -5.086  1.00 39.89 ? 453 CYS A C   1 
ATOM   15  O O   . CYS A 1 2   ? 10.878  -18.087 -4.472  1.00 38.26 ? 453 CYS A O   1 
ATOM   16  C CB  . CYS A 1 2   ? 11.501  -19.918 -7.199  1.00 39.63 ? 453 CYS A CB  1 
ATOM   17  S SG  . CYS A 1 2   ? 10.188  -18.816 -7.731  1.00 45.30 ? 453 CYS A SG  1 
ATOM   18  N N   . PRO A 1 3   ? 12.985  -17.939 -5.269  1.00 37.95 ? 454 PRO A N   1 
ATOM   19  C CA  . PRO A 1 3   ? 13.319  -16.633 -4.686  1.00 36.28 ? 454 PRO A CA  1 
ATOM   20  C C   . PRO A 1 3   ? 12.278  -15.562 -4.985  1.00 33.97 ? 454 PRO A C   1 
ATOM   21  O O   . PRO A 1 3   ? 11.882  -14.830 -4.081  1.00 30.01 ? 454 PRO A O   1 
ATOM   22  C CB  . PRO A 1 3   ? 14.639  -16.272 -5.387  1.00 40.87 ? 454 PRO A CB  1 
ATOM   23  C CG  . PRO A 1 3   ? 14.670  -17.160 -6.615  1.00 46.19 ? 454 PRO A CG  1 
ATOM   24  C CD  . PRO A 1 3   ? 14.088  -18.433 -6.110  1.00 43.07 ? 454 PRO A CD  1 
ATOM   25  N N   . GLU A 1 4   ? 11.851  -15.461 -6.240  1.00 34.22 ? 455 GLU A N   1 
ATOM   26  C CA  . GLU A 1 4   ? 10.862  -14.461 -6.621  1.00 29.46 ? 455 GLU A CA  1 
ATOM   27  C C   . GLU A 1 4   ? 9.590   -14.606 -5.789  1.00 27.83 ? 455 GLU A C   1 
ATOM   28  O O   . GLU A 1 4   ? 8.961   -13.617 -5.386  1.00 21.84 ? 455 GLU A O   1 
ATOM   29  C CB  . GLU A 1 4   ? 10.531  -14.583 -8.106  1.00 33.65 ? 455 GLU A CB  1 
ATOM   30  C CG  . GLU A 1 4   ? 9.409   -13.679 -8.553  1.00 34.69 ? 455 GLU A CG  1 
ATOM   31  C CD  . GLU A 1 4   ? 9.312   -13.580 -10.063 1.00 43.37 ? 455 GLU A CD  1 
ATOM   32  O OE1 . GLU A 1 4   ? 10.105  -14.254 -10.760 1.00 40.01 ? 455 GLU A OE1 1 
ATOM   33  O OE2 . GLU A 1 4   ? 8.446   -12.820 -10.547 1.00 46.05 ? 455 GLU A OE2 1 
ATOM   34  N N   . GLN A 1 5   ? 9.215   -15.852 -5.538  1.00 26.93 ? 456 GLN A N   1 
ATOM   35  C CA  . GLN A 1 5   ? 8.008   -16.136 -4.788  1.00 22.46 ? 456 GLN A CA  1 
ATOM   36  C C   . GLN A 1 5   ? 8.244   -15.923 -3.300  1.00 24.55 ? 456 GLN A C   1 
ATOM   37  O O   . GLN A 1 5   ? 7.351   -15.484 -2.578  1.00 19.00 ? 456 GLN A O   1 
ATOM   38  C CB  . GLN A 1 5   ? 7.559   -17.569 -5.050  1.00 25.28 ? 456 GLN A CB  1 
ATOM   39  C CG  . GLN A 1 5   ? 6.192   -17.886 -4.503  1.00 26.87 ? 456 GLN A CG  1 
ATOM   40  C CD  . GLN A 1 5   ? 5.695   -19.232 -4.970  1.00 24.13 ? 456 GLN A CD  1 
ATOM   41  O OE1 . GLN A 1 5   ? 6.112   -20.265 -4.456  1.00 26.93 ? 456 GLN A OE1 1 
ATOM   42  N NE2 . GLN A 1 5   ? 4.795   -19.226 -5.943  1.00 19.78 ? 456 GLN A NE2 1 
ATOM   43  N N   . GLU A 1 6   ? 9.441   -16.246 -2.826  1.00 25.28 ? 457 GLU A N   1 
ATOM   44  C CA  . GLU A 1 6   ? 9.743   -15.985 -1.428  1.00 25.99 ? 457 GLU A CA  1 
ATOM   45  C C   . GLU A 1 6   ? 9.705   -14.477 -1.183  1.00 23.66 ? 457 GLU A C   1 
ATOM   46  O O   . GLU A 1 6   ? 9.233   -14.016 -0.145  1.00 21.71 ? 457 GLU A O   1 
ATOM   47  C CB  . GLU A 1 6   ? 11.097  -16.571 -1.027  1.00 34.00 ? 457 GLU A CB  1 
ATOM   48  C CG  . GLU A 1 6   ? 11.436  -16.358 0.447   1.00 32.79 ? 457 GLU A CG  1 
ATOM   49  C CD  . GLU A 1 6   ? 10.386  -16.935 1.391   1.00 43.45 ? 457 GLU A CD  1 
ATOM   50  O OE1 . GLU A 1 6   ? 10.075  -18.142 1.277   1.00 48.44 ? 457 GLU A OE1 1 
ATOM   51  O OE2 . GLU A 1 6   ? 9.876   -16.182 2.253   1.00 45.35 ? 457 GLU A OE2 1 
ATOM   52  N N   . LEU A 1 7   ? 10.185  -13.711 -2.155  1.00 20.56 ? 458 LEU A N   1 
ATOM   53  C CA  . LEU A 1 7   ? 10.153  -12.262 -2.049  1.00 20.40 ? 458 LEU A CA  1 
ATOM   54  C C   . LEU A 1 7   ? 8.721   -11.752 -2.001  1.00 20.55 ? 458 LEU A C   1 
ATOM   55  O O   . LEU A 1 7   ? 8.381   -10.921 -1.162  1.00 17.74 ? 458 LEU A O   1 
ATOM   56  C CB  . LEU A 1 7   ? 10.893  -11.623 -3.212  1.00 20.13 ? 458 LEU A CB  1 
ATOM   57  C CG  . LEU A 1 7   ? 10.959  -10.101 -3.176  1.00 27.38 ? 458 LEU A CG  1 
ATOM   58  C CD1 . LEU A 1 7   ? 11.503  -9.623  -1.834  1.00 26.25 ? 458 LEU A CD1 1 
ATOM   59  C CD2 . LEU A 1 7   ? 11.808  -9.587  -4.328  1.00 28.68 ? 458 LEU A CD2 1 
ATOM   60  N N   . ARG A 1 8   ? 7.873   -12.250 -2.895  1.00 18.12 ? 459 ARG A N   1 
ATOM   61  C CA  . ARG A 1 8   ? 6.472   -11.851 -2.873  1.00 16.39 ? 459 ARG A CA  1 
ATOM   62  C C   . ARG A 1 8   ? 5.823   -12.146 -1.519  1.00 17.62 ? 459 ARG A C   1 
ATOM   63  O O   . ARG A 1 8   ? 5.101   -11.315 -0.974  1.00 13.04 ? 459 ARG A O   1 
ATOM   64  C CB  . ARG A 1 8   ? 5.660   -12.524 -3.982  1.00 17.52 ? 459 ARG A CB  1 
ATOM   65  C CG  . ARG A 1 8   ? 4.218   -11.990 -4.032  1.00 16.31 ? 459 ARG A CG  1 
ATOM   66  C CD  . ARG A 1 8   ? 3.409   -12.588 -5.170  1.00 18.12 ? 459 ARG A CD  1 
ATOM   67  N NE  . ARG A 1 8   ? 2.010   -12.156 -5.141  1.00 12.90 ? 459 ARG A NE  1 
ATOM   68  C CZ  . ARG A 1 8   ? 1.587   -10.957 -5.525  1.00 19.70 ? 459 ARG A CZ  1 
ATOM   69  N NH1 . ARG A 1 8   ? 2.457   -10.044 -5.950  1.00 17.98 ? 459 ARG A NH1 1 
ATOM   70  N NH2 . ARG A 1 8   ? 0.296   -10.668 -5.481  1.00 13.89 ? 459 ARG A NH2 1 
ATOM   71  N N   . LEU A 1 9   ? 6.060   -13.338 -0.989  1.00 15.43 ? 460 LEU A N   1 
ATOM   72  C CA  . LEU A 1 9   ? 5.494   -13.693 0.305   1.00 18.32 ? 460 LEU A CA  1 
ATOM   73  C C   . LEU A 1 9   ? 5.993   -12.731 1.391   1.00 14.59 ? 460 LEU A C   1 
ATOM   74  O O   . LEU A 1 9   ? 5.232   -12.332 2.264   1.00 15.59 ? 460 LEU A O   1 
ATOM   75  C CB  . LEU A 1 9   ? 5.837   -15.141 0.664   1.00 22.09 ? 460 LEU A CB  1 
ATOM   76  C CG  . LEU A 1 9   ? 5.045   -15.728 1.828   1.00 26.68 ? 460 LEU A CG  1 
ATOM   77  C CD1 . LEU A 1 9   ? 3.561   -15.734 1.513   1.00 33.23 ? 460 LEU A CD1 1 
ATOM   78  C CD2 . LEU A 1 9   ? 5.535   -17.131 2.146   1.00 35.85 ? 460 LEU A CD2 1 
ATOM   79  N N   . GLN A 1 10  ? 7.271   -12.365 1.332   1.00 17.02 ? 461 GLN A N   1 
ATOM   80  C CA  . GLN A 1 10  ? 7.832   -11.361 2.241   1.00 18.61 ? 461 GLN A CA  1 
ATOM   81  C C   . GLN A 1 10  ? 7.058   -10.046 2.170   1.00 18.64 ? 461 GLN A C   1 
ATOM   82  O O   . GLN A 1 10  ? 6.704   -9.458  3.189   1.00 15.65 ? 461 GLN A O   1 
ATOM   83  C CB  . GLN A 1 10  ? 9.306   -11.093 1.915   1.00 17.42 ? 461 GLN A CB  1 
ATOM   84  C CG  . GLN A 1 10  ? 10.250  -12.217 2.350   1.00 28.75 ? 461 GLN A CG  1 
ATOM   85  C CD  . GLN A 1 10  ? 11.705  -11.944 2.006   1.00 32.83 ? 461 GLN A CD  1 
ATOM   86  O OE1 . GLN A 1 10  ? 12.061  -10.849 1.563   1.00 35.39 ? 461 GLN A OE1 1 
ATOM   87  N NE2 . GLN A 1 10  ? 12.557  -12.945 2.212   1.00 40.10 ? 461 GLN A NE2 1 
ATOM   88  N N   . ARG A 1 11  ? 6.806   -9.585  0.953   1.00 16.61 ? 462 ARG A N   1 
ATOM   89  C CA  . ARG A 1 11  ? 6.108   -8.322  0.741   1.00 14.46 ? 462 ARG A CA  1 
ATOM   90  C C   . ARG A 1 11  ? 4.668   -8.412  1.201   1.00 13.67 ? 462 ARG A C   1 
ATOM   91  O O   . ARG A 1 11  ? 4.165   -7.512  1.868   1.00 16.01 ? 462 ARG A O   1 
ATOM   92  C CB  . ARG A 1 11  ? 6.161   -7.945  -0.742  1.00 13.82 ? 462 ARG A CB  1 
ATOM   93  C CG  . ARG A 1 11  ? 7.568   -7.594  -1.215  1.00 14.81 ? 462 ARG A CG  1 
ATOM   94  C CD  . ARG A 1 11  ? 7.622   -7.373  -2.713  1.00 18.89 ? 462 ARG A CD  1 
ATOM   95  N NE  . ARG A 1 11  ? 8.879   -6.744  -3.124  1.00 25.22 ? 462 ARG A NE  1 
ATOM   96  C CZ  . ARG A 1 11  ? 9.447   -6.914  -4.317  1.00 24.45 ? 462 ARG A CZ  1 
ATOM   97  N NH1 . ARG A 1 11  ? 8.886   -7.712  -5.220  1.00 32.63 ? 462 ARG A NH1 1 
ATOM   98  N NH2 . ARG A 1 11  ? 10.584  -6.301  -4.605  1.00 27.08 ? 462 ARG A NH2 1 
ATOM   99  N N   . LEU A 1 12  ? 4.000   -9.507  0.847   1.00 13.03 ? 463 LEU A N   1 
ATOM   100 C CA  . LEU A 1 12  ? 2.591   -9.683  1.199   1.00 13.68 ? 463 LEU A CA  1 
ATOM   101 C C   . LEU A 1 12  ? 2.388   -9.693  2.712   1.00 16.98 ? 463 LEU A C   1 
ATOM   102 O O   . LEU A 1 12  ? 1.361   -9.238  3.226   1.00 14.53 ? 463 LEU A O   1 
ATOM   103 C CB  . LEU A 1 12  ? 2.036   -10.969 0.579   1.00 12.82 ? 463 LEU A CB  1 
ATOM   104 C CG  . LEU A 1 12  ? 1.894   -10.989 -0.949  1.00 16.61 ? 463 LEU A CG  1 
ATOM   105 C CD1 . LEU A 1 12  ? 1.328   -12.327 -1.416  1.00 18.84 ? 463 LEU A CD1 1 
ATOM   106 C CD2 . LEU A 1 12  ? 1.012   -9.853  -1.416  1.00 18.84 ? 463 LEU A CD2 1 
ATOM   107 N N   . GLU A 1 13  ? 3.375   -10.206 3.430   1.00 19.05 ? 464 GLU A N   1 
ATOM   108 C CA  . GLU A 1 13  ? 3.276   -10.259 4.878   1.00 16.02 ? 464 GLU A CA  1 
ATOM   109 C C   . GLU A 1 13  ? 3.312   -8.870  5.517   1.00 15.82 ? 464 GLU A C   1 
ATOM   110 O O   . GLU A 1 13  ? 2.792   -8.676  6.615   1.00 12.65 ? 464 GLU A O   1 
ATOM   111 C CB  . GLU A 1 13  ? 4.342   -11.189 5.457   1.00 22.82 ? 464 GLU A CB  1 
ATOM   112 C CG  . GLU A 1 13  ? 3.947   -12.661 5.316   1.00 28.29 ? 464 GLU A CG  1 
ATOM   113 C CD  . GLU A 1 13  ? 5.076   -13.624 5.638   1.00 36.90 ? 464 GLU A CD  1 
ATOM   114 O OE1 . GLU A 1 13  ? 6.234   -13.170 5.784   1.00 43.28 ? 464 GLU A OE1 1 
ATOM   115 O OE2 . GLU A 1 13  ? 4.804   -14.841 5.742   1.00 39.74 ? 464 GLU A OE2 1 
ATOM   116 N N   . ARG A 1 14  ? 3.894   -7.904  4.819   1.00 15.50 ? 465 ARG A N   1 
ATOM   117 C CA  . ARG A 1 14  ? 3.982   -6.543  5.344   1.00 14.51 ? 465 ARG A CA  1 
ATOM   118 C C   . ARG A 1 14  ? 2.723   -5.724  5.096   1.00 12.46 ? 465 ARG A C   1 
ATOM   119 O O   . ARG A 1 14  ? 2.531   -4.678  5.713   1.00 11.23 ? 465 ARG A O   1 
ATOM   120 C CB  . ARG A 1 14  ? 5.161   -5.801  4.715   1.00 13.27 ? 465 ARG A CB  1 
ATOM   121 C CG  . ARG A 1 14  ? 6.509   -6.450  4.927   1.00 17.42 ? 465 ARG A CG  1 
ATOM   122 C CD  . ARG A 1 14  ? 7.635   -5.542  4.467   1.00 20.82 ? 465 ARG A CD  1 
ATOM   123 N NE  . ARG A 1 14  ? 8.934   -6.185  4.645   1.00 22.63 ? 465 ARG A NE  1 
ATOM   124 C CZ  . ARG A 1 14  ? 9.591   -6.823  3.683   1.00 27.48 ? 465 ARG A CZ  1 
ATOM   125 N NH1 . ARG A 1 14  ? 10.766  -7.386  3.942   1.00 25.04 ? 465 ARG A NH1 1 
ATOM   126 N NH2 . ARG A 1 14  ? 9.080   -6.900  2.462   1.00 20.62 ? 465 ARG A NH2 1 
ATOM   127 N N   . LEU A 1 15  ? 1.886   -6.168  4.165   1.00 11.96 ? 466 LEU A N   1 
ATOM   128 C CA  . LEU A 1 15  ? 0.826   -5.301  3.646   1.00 10.41 ? 466 LEU A CA  1 
ATOM   129 C C   . LEU A 1 15  ? -0.259  -4.888  4.647   1.00 10.32 ? 466 LEU A C   1 
ATOM   130 O O   . LEU A 1 15  ? -0.717  -3.745  4.623   1.00 11.40 ? 466 LEU A O   1 
ATOM   131 C CB  . LEU A 1 15  ? 0.202   -5.902  2.385   1.00 11.33 ? 466 LEU A CB  1 
ATOM   132 C CG  . LEU A 1 15  ? 1.181   -5.952  1.206   1.00 12.01 ? 466 LEU A CG  1 
ATOM   133 C CD1 . LEU A 1 15  ? 0.445   -6.306  -0.072  1.00 12.56 ? 466 LEU A CD1 1 
ATOM   134 C CD2 . LEU A 1 15  ? 1.908   -4.619  1.076   1.00 13.97 ? 466 LEU A CD2 1 
ATOM   135 N N   . PRO A 1 16  ? -0.692  -5.814  5.517   1.00 12.74 ? 467 PRO A N   1 
ATOM   136 C CA  . PRO A 1 16  ? -1.740  -5.377  6.446   1.00 12.40 ? 467 PRO A CA  1 
ATOM   137 C C   . PRO A 1 16  ? -1.270  -4.193  7.294   1.00 13.75 ? 467 PRO A C   1 
ATOM   138 O O   . PRO A 1 16  ? -2.007  -3.218  7.450   1.00 11.36 ? 467 PRO A O   1 
ATOM   139 C CB  . PRO A 1 16  ? -1.982  -6.619  7.307   1.00 16.59 ? 467 PRO A CB  1 
ATOM   140 C CG  . PRO A 1 16  ? -1.631  -7.773  6.383   1.00 15.04 ? 467 PRO A CG  1 
ATOM   141 C CD  . PRO A 1 16  ? -0.438  -7.266  5.597   1.00 13.73 ? 467 PRO A CD  1 
ATOM   142 N N   . GLU A 1 17  ? -0.050  -4.264  7.814   1.00 11.99 ? 468 GLU A N   1 
ATOM   143 C CA  . GLU A 1 17  ? 0.473   -3.159  8.618   1.00 13.59 ? 468 GLU A CA  1 
ATOM   144 C C   . GLU A 1 17  ? 0.731   -1.922  7.783   1.00 12.76 ? 468 GLU A C   1 
ATOM   145 O O   . GLU A 1 17  ? 0.424   -0.813  8.212   1.00 12.03 ? 468 GLU A O   1 
ATOM   146 C CB  . GLU A 1 17  ? 1.739   -3.569  9.377   1.00 16.38 ? 468 GLU A CB  1 
ATOM   147 C CG  . GLU A 1 17  ? 1.418   -4.422  10.602  1.00 24.07 ? 468 GLU A CG  1 
ATOM   148 C CD  . GLU A 1 17  ? 2.634   -4.737  11.444  1.00 26.73 ? 468 GLU A CD  1 
ATOM   149 O OE1 . GLU A 1 17  ? 3.764   -4.501  10.963  1.00 35.51 ? 468 GLU A OE1 1 
ATOM   150 O OE2 . GLU A 1 17  ? 2.456   -5.215  12.592  1.00 33.06 ? 468 GLU A OE2 1 
ATOM   151 N N   . LEU A 1 18  ? 1.302   -2.111  6.594   1.00 11.73 ? 469 LEU A N   1 
ATOM   152 C CA  . LEU A 1 18  ? 1.531   -0.993  5.680   1.00 13.18 ? 469 LEU A CA  1 
ATOM   153 C C   . LEU A 1 18  ? 0.233   -0.304  5.267   1.00 9.21  ? 469 LEU A C   1 
ATOM   154 O O   . LEU A 1 18  ? 0.200   0.910   5.077   1.00 9.59  ? 469 LEU A O   1 
ATOM   155 C CB  . LEU A 1 18  ? 2.310   -1.455  4.447   1.00 13.98 ? 469 LEU A CB  1 
ATOM   156 C CG  . LEU A 1 18  ? 3.813   -1.153  4.394   1.00 23.35 ? 469 LEU A CG  1 
ATOM   157 C CD1 . LEU A 1 18  ? 4.421   -0.897  5.755   1.00 16.93 ? 469 LEU A CD1 1 
ATOM   158 C CD2 . LEU A 1 18  ? 4.602   -2.228  3.628   1.00 12.84 ? 469 LEU A CD2 1 
ATOM   159 N N   . ALA A 1 19  ? -0.839  -1.073  5.122   1.00 10.00 ? 470 ALA A N   1 
ATOM   160 C CA  . ALA A 1 19  ? -2.125  -0.487  4.771   1.00 12.21 ? 470 ALA A CA  1 
ATOM   161 C C   . ALA A 1 19  ? -2.608  0.453   5.867   1.00 9.78  ? 470 ALA A C   1 
ATOM   162 O O   . ALA A 1 19  ? -3.214  1.481   5.588   1.00 9.92  ? 470 ALA A O   1 
ATOM   163 C CB  . ALA A 1 19  ? -3.147  -1.567  4.510   1.00 11.81 ? 470 ALA A CB  1 
ATOM   164 N N   . ARG A 1 20  ? -2.357  0.088   7.118   1.00 11.41 ? 471 ARG A N   1 
ATOM   165 C CA  . ARG A 1 20  ? -2.751  0.942   8.224   1.00 11.17 ? 471 ARG A CA  1 
ATOM   166 C C   . ARG A 1 20  ? -1.901  2.193   8.256   1.00 11.03 ? 471 ARG A C   1 
ATOM   167 O O   . ARG A 1 20  ? -2.413  3.281   8.499   1.00 10.89 ? 471 ARG A O   1 
ATOM   168 C CB  . ARG A 1 20  ? -2.670  0.215   9.568   1.00 12.23 ? 471 ARG A CB  1 
ATOM   169 C CG  . ARG A 1 20  ? -3.233  1.060   10.722  1.00 14.40 ? 471 ARG A CG  1 
ATOM   170 C CD  . ARG A 1 20  ? -3.483  0.228   11.970  1.00 20.89 ? 471 ARG A CD  1 
ATOM   171 N NE  . ARG A 1 20  ? -4.098  -1.050  11.622  1.00 23.78 ? 471 ARG A NE  1 
ATOM   172 C CZ  . ARG A 1 20  ? -5.403  -1.256  11.515  1.00 26.22 ? 471 ARG A CZ  1 
ATOM   173 N NH1 . ARG A 1 20  ? -6.259  -0.266  11.749  1.00 31.35 ? 471 ARG A NH1 1 
ATOM   174 N NH2 . ARG A 1 20  ? -5.852  -2.461  11.175  1.00 26.82 ? 471 ARG A NH2 1 
ATOM   175 N N   . VAL A 1 21  ? -0.600  2.039   8.015   1.00 9.36  ? 472 VAL A N   1 
ATOM   176 C CA  . VAL A 1 21  ? 0.293   3.194   7.957   1.00 11.30 ? 472 VAL A CA  1 
ATOM   177 C C   . VAL A 1 21  ? -0.181  4.125   6.843   1.00 13.24 ? 472 VAL A C   1 
ATOM   178 O O   . VAL A 1 21  ? -0.281  5.334   7.025   1.00 13.02 ? 472 VAL A O   1 
ATOM   179 C CB  . VAL A 1 21  ? 1.765   2.789   7.697   1.00 9.40  ? 472 VAL A CB  1 
ATOM   180 C CG1 . VAL A 1 21  ? 2.638   4.032   7.488   1.00 11.12 ? 472 VAL A CG1 1 
ATOM   181 C CG2 . VAL A 1 21  ? 2.316   1.966   8.859   1.00 10.88 ? 472 VAL A CG2 1 
ATOM   182 N N   . LEU A 1 22  ? -0.477  3.554   5.682   1.00 10.52 ? 473 LEU A N   1 
ATOM   183 C CA  . LEU A 1 22  ? -1.010  4.350   4.575   1.00 9.77  ? 473 LEU A CA  1 
ATOM   184 C C   . LEU A 1 22  ? -2.280  5.108   4.979   1.00 12.24 ? 473 LEU A C   1 
ATOM   185 O O   . LEU A 1 22  ? -2.420  6.309   4.722   1.00 12.79 ? 473 LEU A O   1 
ATOM   186 C CB  . LEU A 1 22  ? -1.324  3.433   3.391   1.00 10.43 ? 473 LEU A CB  1 
ATOM   187 C CG  . LEU A 1 22  ? -1.935  4.122   2.176   1.00 13.19 ? 473 LEU A CG  1 
ATOM   188 C CD1 . LEU A 1 22  ? -1.013  5.232   1.725   1.00 12.40 ? 473 LEU A CD1 1 
ATOM   189 C CD2 . LEU A 1 22  ? -2.167  3.120   1.045   1.00 13.20 ? 473 LEU A CD2 1 
ATOM   190 N N   . ARG A 1 23  ? -3.225  4.407   5.597   1.00 10.87 ? 474 ARG A N   1 
ATOM   191 C CA  . ARG A 1 23  ? -4.471  5.062   5.961   1.00 13.02 ? 474 ARG A CA  1 
ATOM   192 C C   . ARG A 1 23  ? -4.221  6.210   6.937   1.00 14.29 ? 474 ARG A C   1 
ATOM   193 O O   . ARG A 1 23  ? -4.817  7.278   6.822   1.00 14.31 ? 474 ARG A O   1 
ATOM   194 C CB  . ARG A 1 23  ? -5.485  4.083   6.555   1.00 16.46 ? 474 ARG A CB  1 
ATOM   195 C CG  . ARG A 1 23  ? -6.880  4.697   6.567   1.00 27.00 ? 474 ARG A CG  1 
ATOM   196 C CD  . ARG A 1 23  ? -7.657  4.349   7.804   1.00 35.22 ? 474 ARG A CD  1 
ATOM   197 N NE  . ARG A 1 23  ? -6.795  4.239   8.976   1.00 37.93 ? 474 ARG A NE  1 
ATOM   198 C CZ  . ARG A 1 23  ? -7.235  3.881   10.176  1.00 31.60 ? 474 ARG A CZ  1 
ATOM   199 N NH1 . ARG A 1 23  ? -8.523  3.620   10.343  1.00 37.69 ? 474 ARG A NH1 1 
ATOM   200 N NH2 . ARG A 1 23  ? -6.397  3.780   11.200  1.00 27.18 ? 474 ARG A NH2 1 
ATOM   201 N N   . ASN A 1 24  ? -3.334  5.989   7.895   1.00 13.30 ? 475 ASN A N   1 
ATOM   202 C CA  . ASN A 1 24  ? -3.008  7.036   8.860   1.00 14.77 ? 475 ASN A CA  1 
ATOM   203 C C   . ASN A 1 24  ? -2.363  8.270   8.241   1.00 17.29 ? 475 ASN A C   1 
ATOM   204 O O   . ASN A 1 24  ? -2.622  9.391   8.674   1.00 15.26 ? 475 ASN A O   1 
ATOM   205 C CB  . ASN A 1 24  ? -2.148  6.480   9.985   1.00 13.92 ? 475 ASN A CB  1 
ATOM   206 C CG  . ASN A 1 24  ? -2.985  5.824   11.065  1.00 20.00 ? 475 ASN A CG  1 
ATOM   207 O OD1 . ASN A 1 24  ? -2.560  5.699   12.212  1.00 28.12 ? 475 ASN A OD1 1 
ATOM   208 N ND2 . ASN A 1 24  ? -4.191  5.416   10.700  1.00 17.78 ? 475 ASN A ND2 1 
ATOM   209 N N   . VAL A 1 25  ? -1.522  8.060   7.234   1.00 13.70 ? 476 VAL A N   1 
ATOM   210 C CA  . VAL A 1 25  ? -0.936  9.175   6.494   1.00 11.87 ? 476 VAL A CA  1 
ATOM   211 C C   . VAL A 1 25  ? -2.039  10.011  5.845   1.00 13.54 ? 476 VAL A C   1 
ATOM   212 O O   . VAL A 1 25  ? -2.014  11.245  5.893   1.00 13.23 ? 476 VAL A O   1 
ATOM   213 C CB  . VAL A 1 25  ? 0.053   8.681   5.423   1.00 14.68 ? 476 VAL A CB  1 
ATOM   214 C CG1 . VAL A 1 25  ? 0.348   9.790   4.395   1.00 14.38 ? 476 VAL A CG1 1 
ATOM   215 C CG2 . VAL A 1 25  ? 1.338   8.209   6.089   1.00 12.58 ? 476 VAL A CG2 1 
ATOM   216 N N   . PHE A 1 26  ? -3.015  9.336   5.251   1.00 12.01 ? 477 PHE A N   1 
ATOM   217 C CA  . PHE A 1 26  ? -4.110  10.053  4.615   1.00 14.19 ? 477 PHE A CA  1 
ATOM   218 C C   . PHE A 1 26  ? -5.083  10.674  5.611   1.00 15.88 ? 477 PHE A C   1 
ATOM   219 O O   . PHE A 1 26  ? -5.657  11.717  5.334   1.00 20.10 ? 477 PHE A O   1 
ATOM   220 C CB  . PHE A 1 26  ? -4.833  9.178   3.586   1.00 15.44 ? 477 PHE A CB  1 
ATOM   221 C CG  . PHE A 1 26  ? -4.190  9.216   2.235   1.00 16.59 ? 477 PHE A CG  1 
ATOM   222 C CD1 . PHE A 1 26  ? -3.091  8.427   1.958   1.00 12.91 ? 477 PHE A CD1 1 
ATOM   223 C CD2 . PHE A 1 26  ? -4.654  10.086  1.259   1.00 19.91 ? 477 PHE A CD2 1 
ATOM   224 C CE1 . PHE A 1 26  ? -2.481  8.482   0.709   1.00 15.62 ? 477 PHE A CE1 1 
ATOM   225 C CE2 . PHE A 1 26  ? -4.054  10.142  0.011   1.00 18.95 ? 477 PHE A CE2 1 
ATOM   226 C CZ  . PHE A 1 26  ? -2.968  9.341   -0.263  1.00 16.56 ? 477 PHE A CZ  1 
ATOM   227 N N   . VAL A 1 27  ? -5.262  10.045  6.764   1.00 17.15 ? 478 VAL A N   1 
ATOM   228 C CA  . VAL A 1 27  ? -6.104  10.633  7.808   1.00 18.89 ? 478 VAL A CA  1 
ATOM   229 C C   . VAL A 1 27  ? -5.548  11.975  8.273   1.00 22.81 ? 478 VAL A C   1 
ATOM   230 O O   . VAL A 1 27  ? -6.294  12.904  8.580   1.00 24.74 ? 478 VAL A O   1 
ATOM   231 C CB  . VAL A 1 27  ? -6.283  9.676   8.998   1.00 22.33 ? 478 VAL A CB  1 
ATOM   232 C CG1 . VAL A 1 27  ? -6.742  10.439  10.241  1.00 28.77 ? 478 VAL A CG1 1 
ATOM   233 C CG2 . VAL A 1 27  ? -7.282  8.595   8.632   1.00 21.40 ? 478 VAL A CG2 1 
ATOM   234 N N   . SER A 1 28  ? -4.226  12.077  8.293   1.00 19.42 ? 479 SER A N   1 
ATOM   235 C CA  . SER A 1 28  ? -3.556  13.286  8.744   1.00 21.34 ? 479 SER A CA  1 
ATOM   236 C C   . SER A 1 28  ? -3.416  14.316  7.629   1.00 25.75 ? 479 SER A C   1 
ATOM   237 O O   . SER A 1 28  ? -2.958  15.431  7.865   1.00 28.30 ? 479 SER A O   1 
ATOM   238 C CB  . SER A 1 28  ? -2.170  12.939  9.289   1.00 22.30 ? 479 SER A CB  1 
ATOM   239 O OG  . SER A 1 28  ? -1.462  14.108  9.652   1.00 28.57 ? 479 SER A OG  1 
ATOM   240 N N   . GLU A 1 29  ? -3.799  13.943  6.412   1.00 19.03 ? 480 GLU A N   1 
ATOM   241 C CA  . GLU A 1 29  ? -3.659  14.843  5.276   1.00 20.41 ? 480 GLU A CA  1 
ATOM   242 C C   . GLU A 1 29  ? -5.021  15.398  4.867   1.00 23.63 ? 480 GLU A C   1 
ATOM   243 O O   . GLU A 1 29  ? -5.965  14.643  4.662   1.00 17.77 ? 480 GLU A O   1 
ATOM   244 C CB  . GLU A 1 29  ? -3.008  14.113  4.096   1.00 20.35 ? 480 GLU A CB  1 
ATOM   245 C CG  . GLU A 1 29  ? -2.960  14.930  2.809   1.00 14.97 ? 480 GLU A CG  1 
ATOM   246 C CD  . GLU A 1 29  ? -2.269  16.256  3.006   1.00 20.53 ? 480 GLU A CD  1 
ATOM   247 O OE1 . GLU A 1 29  ? -2.949  17.297  2.893   1.00 21.73 ? 480 GLU A OE1 1 
ATOM   248 O OE2 . GLU A 1 29  ? -1.052  16.258  3.290   1.00 20.97 ? 480 GLU A OE2 1 
ATOM   249 N N   . ARG A 1 30  ? -5.130  16.716  4.748   1.00 19.09 ? 481 ARG A N   1 
ATOM   250 C CA  . ARG A 1 30  ? -6.399  17.309  4.325   1.00 24.36 ? 481 ARG A CA  1 
ATOM   251 C C   . ARG A 1 30  ? -6.696  17.080  2.838   1.00 20.21 ? 481 ARG A C   1 
ATOM   252 O O   . ARG A 1 30  ? -7.853  16.993  2.437   1.00 23.53 ? 481 ARG A O   1 
ATOM   253 C CB  . ARG A 1 30  ? -6.440  18.802  4.649   1.00 30.44 ? 481 ARG A CB  1 
ATOM   254 C CG  . ARG A 1 30  ? -5.972  19.701  3.523   1.00 37.29 ? 481 ARG A CG  1 
ATOM   255 C CD  . ARG A 1 30  ? -6.087  21.163  3.926   1.00 41.17 ? 481 ARG A CD  1 
ATOM   256 N NE  . ARG A 1 30  ? -7.273  21.401  4.748   1.00 47.32 ? 481 ARG A NE  1 
ATOM   257 C CZ  . ARG A 1 30  ? -8.482  21.667  4.260   1.00 52.25 ? 481 ARG A CZ  1 
ATOM   258 N NH1 . ARG A 1 30  ? -8.674  21.727  2.948   1.00 46.66 ? 481 ARG A NH1 1 
ATOM   259 N NH2 . ARG A 1 30  ? -9.501  21.870  5.085   1.00 55.19 ? 481 ARG A NH2 1 
ATOM   260 N N   . LYS A 1 31  ? -5.654  16.975  2.022   1.00 20.15 ? 482 LYS A N   1 
ATOM   261 C CA  . LYS A 1 31  ? -5.839  16.748  0.591   1.00 21.05 ? 482 LYS A CA  1 
ATOM   262 C C   . LYS A 1 31  ? -6.219  15.306  0.271   1.00 20.51 ? 482 LYS A C   1 
ATOM   263 O O   . LYS A 1 31  ? -5.758  14.373  0.933   1.00 18.56 ? 482 LYS A O   1 
ATOM   264 C CB  . LYS A 1 31  ? -4.575  17.147  -0.172  1.00 21.74 ? 482 LYS A CB  1 
ATOM   265 C CG  . LYS A 1 31  ? -4.178  18.595  0.063   1.00 27.19 ? 482 LYS A CG  1 
ATOM   266 C CD  . LYS A 1 31  ? -3.080  19.031  -0.880  1.00 33.84 ? 482 LYS A CD  1 
ATOM   267 C CE  . LYS A 1 31  ? -1.856  18.154  -0.731  1.00 31.43 ? 482 LYS A CE  1 
ATOM   268 N NZ  . LYS A 1 31  ? -0.678  18.774  -1.404  1.00 42.84 ? 482 LYS A NZ  1 
ATOM   269 N N   . PRO A 1 32  ? -7.048  15.118  -0.769  1.00 19.64 ? 483 PRO A N   1 
ATOM   270 C CA  . PRO A 1 32  ? -7.602  13.814  -1.155  1.00 19.16 ? 483 PRO A CA  1 
ATOM   271 C C   . PRO A 1 32  ? -6.596  12.929  -1.891  1.00 17.18 ? 483 PRO A C   1 
ATOM   272 O O   . PRO A 1 32  ? -6.817  11.731  -2.006  1.00 21.36 ? 483 PRO A O   1 
ATOM   273 C CB  . PRO A 1 32  ? -8.746  14.179  -2.116  1.00 20.96 ? 483 PRO A CB  1 
ATOM   274 C CG  . PRO A 1 32  ? -8.738  15.682  -2.243  1.00 25.03 ? 483 PRO A CG  1 
ATOM   275 C CD  . PRO A 1 32  ? -7.431  16.176  -1.717  1.00 23.69 ? 483 PRO A CD  1 
ATOM   276 N N   . ALA A 1 33  ? -5.517  13.517  -2.399  1.00 15.53 ? 484 ALA A N   1 
ATOM   277 C CA  . ALA A 1 33  ? -4.489  12.746  -3.094  1.00 16.69 ? 484 ALA A CA  1 
ATOM   278 C C   . ALA A 1 33  ? -3.111  13.249  -2.729  1.00 14.39 ? 484 ALA A C   1 
ATOM   279 O O   . ALA A 1 33  ? -2.950  14.409  -2.374  1.00 15.74 ? 484 ALA A O   1 
ATOM   280 C CB  . ALA A 1 33  ? -4.688  12.814  -4.616  1.00 16.22 ? 484 ALA A CB  1 
ATOM   281 N N   . LEU A 1 34  ? -2.120  12.368  -2.817  1.00 13.27 ? 485 LEU A N   1 
ATOM   282 C CA  . LEU A 1 34  ? -0.725  12.736  -2.608  1.00 13.27 ? 485 LEU A CA  1 
ATOM   283 C C   . LEU A 1 34  ? 0.105   12.041  -3.670  1.00 10.71 ? 485 LEU A C   1 
ATOM   284 O O   . LEU A 1 34  ? -0.263  10.964  -4.121  1.00 12.69 ? 485 LEU A O   1 
ATOM   285 C CB  . LEU A 1 34  ? -0.245  12.276  -1.230  1.00 11.01 ? 485 LEU A CB  1 
ATOM   286 C CG  . LEU A 1 34  ? -0.857  12.932  0.007   1.00 15.08 ? 485 LEU A CG  1 
ATOM   287 C CD1 . LEU A 1 34  ? -0.445  12.136  1.245   1.00 15.04 ? 485 LEU A CD1 1 
ATOM   288 C CD2 . LEU A 1 34  ? -0.428  14.384  0.101   1.00 12.97 ? 485 LEU A CD2 1 
ATOM   289 N N   . THR A 1 35  ? 1.229   12.635  -4.069  1.00 11.21 ? 486 THR A N   1 
ATOM   290 C CA  . THR A 1 35  ? 2.110   11.961  -5.016  1.00 12.61 ? 486 THR A CA  1 
ATOM   291 C C   . THR A 1 35  ? 2.729   10.739  -4.354  1.00 13.57 ? 486 THR A C   1 
ATOM   292 O O   . THR A 1 35  ? 2.914   10.722  -3.136  1.00 12.53 ? 486 THR A O   1 
ATOM   293 C CB  . THR A 1 35  ? 3.231   12.878  -5.524  1.00 14.04 ? 486 THR A CB  1 
ATOM   294 O OG1 . THR A 1 35  ? 4.122   13.184  -4.444  1.00 14.57 ? 486 THR A OG1 1 
ATOM   295 C CG2 . THR A 1 35  ? 2.642   14.174  -6.093  1.00 14.26 ? 486 THR A CG2 1 
ATOM   296 N N   . MET A 1 36  ? 3.025   9.722   -5.160  1.00 11.69 ? 487 MET A N   1 
ATOM   297 C CA  . MET A 1 36  ? 3.693   8.505   -4.701  1.00 12.37 ? 487 MET A CA  1 
ATOM   298 C C   . MET A 1 36  ? 4.972   8.805   -3.947  1.00 14.04 ? 487 MET A C   1 
ATOM   299 O O   . MET A 1 36  ? 5.251   8.195   -2.923  1.00 12.92 ? 487 MET A O   1 
ATOM   300 C CB  . MET A 1 36  ? 4.040   7.611   -5.884  1.00 16.29 ? 487 MET A CB  1 
ATOM   301 C CG  . MET A 1 36  ? 3.228   6.363   -5.967  1.00 33.52 ? 487 MET A CG  1 
ATOM   302 S SD  . MET A 1 36  ? 3.660   5.277   -4.599  1.00 26.72 ? 487 MET A SD  1 
ATOM   303 C CE  . MET A 1 36  ? 2.855   3.792   -5.190  1.00 29.20 ? 487 MET A CE  1 
ATOM   304 N N   . GLU A 1 37  ? 5.766   9.728   -4.472  1.00 14.42 ? 488 GLU A N   1 
ATOM   305 C CA  . GLU A 1 37  ? 6.986   10.133  -3.791  1.00 15.68 ? 488 GLU A CA  1 
ATOM   306 C C   . GLU A 1 37  ? 6.702   10.598  -2.362  1.00 14.25 ? 488 GLU A C   1 
ATOM   307 O O   . GLU A 1 37  ? 7.364   10.164  -1.418  1.00 15.11 ? 488 GLU A O   1 
ATOM   308 C CB  . GLU A 1 37  ? 7.677   11.250  -4.571  1.00 16.86 ? 488 GLU A CB  1 
ATOM   309 C CG  . GLU A 1 37  ? 9.019   11.640  -4.001  1.00 24.30 ? 488 GLU A CG  1 
ATOM   310 C CD  . GLU A 1 37  ? 9.878   12.378  -5.005  1.00 30.23 ? 488 GLU A CD  1 
ATOM   311 O OE1 . GLU A 1 37  ? 11.034  12.706  -4.670  1.00 37.71 ? 488 GLU A OE1 1 
ATOM   312 O OE2 . GLU A 1 37  ? 9.394   12.628  -6.130  1.00 28.79 ? 488 GLU A OE2 1 
ATOM   313 N N   . VAL A 1 38  ? 5.729   11.490  -2.208  1.00 12.60 ? 489 VAL A N   1 
ATOM   314 C CA  . VAL A 1 38  ? 5.391   12.019  -0.892  1.00 12.23 ? 489 VAL A CA  1 
ATOM   315 C C   . VAL A 1 38  ? 4.863   10.923  0.020   1.00 13.71 ? 489 VAL A C   1 
ATOM   316 O O   . VAL A 1 38  ? 5.263   10.824  1.191   1.00 12.33 ? 489 VAL A O   1 
ATOM   317 C CB  . VAL A 1 38  ? 4.371   13.168  -0.984  1.00 14.57 ? 489 VAL A CB  1 
ATOM   318 C CG1 . VAL A 1 38  ? 3.764   13.462  0.388   1.00 14.02 ? 489 VAL A CG1 1 
ATOM   319 C CG2 . VAL A 1 38  ? 5.043   14.414  -1.546  1.00 14.24 ? 489 VAL A CG2 1 
ATOM   320 N N   . VAL A 1 39  ? 3.974   10.094  -0.519  1.00 12.18 ? 490 VAL A N   1 
ATOM   321 C CA  . VAL A 1 39  ? 3.357   9.040   0.282   1.00 13.14 ? 490 VAL A CA  1 
ATOM   322 C C   . VAL A 1 39  ? 4.434   8.103   0.803   1.00 12.75 ? 490 VAL A C   1 
ATOM   323 O O   . VAL A 1 39  ? 4.429   7.726   1.977   1.00 12.10 ? 490 VAL A O   1 
ATOM   324 C CB  . VAL A 1 39  ? 2.337   8.223   -0.536  1.00 12.38 ? 490 VAL A CB  1 
ATOM   325 C CG1 . VAL A 1 39  ? 1.885   7.005   0.256   1.00 12.47 ? 490 VAL A CG1 1 
ATOM   326 C CG2 . VAL A 1 39  ? 1.146   9.090   -0.931  1.00 13.09 ? 490 VAL A CG2 1 
ATOM   327 N N   . CYS A 1 40  ? 5.363   7.729   -0.068  1.00 10.29 ? 491 CYS A N   1 
ATOM   328 C CA  . CYS A 1 40  ? 6.406   6.782   0.329   1.00 14.27 ? 491 CYS A CA  1 
ATOM   329 C C   . CYS A 1 40  ? 7.299   7.381   1.402   1.00 12.27 ? 491 CYS A C   1 
ATOM   330 O O   . CYS A 1 40  ? 7.700   6.691   2.336   1.00 12.05 ? 491 CYS A O   1 
ATOM   331 C CB  . CYS A 1 40  ? 7.247   6.346   -0.870  1.00 14.24 ? 491 CYS A CB  1 
ATOM   332 S SG  . CYS A 1 40  ? 6.371   5.213   -1.964  1.00 17.22 ? 491 CYS A SG  1 
ATOM   333 N N   . ALA A 1 41  ? 7.623   8.662   1.254   1.00 11.34 ? 492 ALA A N   1 
ATOM   334 C CA  . ALA A 1 41  ? 8.440   9.356   2.249   1.00 11.21 ? 492 ALA A CA  1 
ATOM   335 C C   . ALA A 1 41  ? 7.721   9.405   3.592   1.00 13.56 ? 492 ALA A C   1 
ATOM   336 O O   . ALA A 1 41  ? 8.321   9.179   4.643   1.00 14.77 ? 492 ALA A O   1 
ATOM   337 C CB  . ALA A 1 41  ? 8.781   10.760  1.770   1.00 13.38 ? 492 ALA A CB  1 
ATOM   338 N N   . ARG A 1 42  ? 6.426   9.680   3.564   1.00 11.38 ? 493 ARG A N   1 
ATOM   339 C CA  . ARG A 1 42  ? 5.662   9.737   4.801   1.00 12.52 ? 493 ARG A CA  1 
ATOM   340 C C   . ARG A 1 42  ? 5.495   8.353   5.433   1.00 14.38 ? 493 ARG A C   1 
ATOM   341 O O   . ARG A 1 42  ? 5.525   8.210   6.654   1.00 13.51 ? 493 ARG A O   1 
ATOM   342 C CB  . ARG A 1 42  ? 4.303   10.385  4.552   1.00 12.52 ? 493 ARG A CB  1 
ATOM   343 C CG  . ARG A 1 42  ? 4.428   11.856  4.250   1.00 13.36 ? 493 ARG A CG  1 
ATOM   344 C CD  . ARG A 1 42  ? 3.086   12.540  4.153   1.00 13.59 ? 493 ARG A CD  1 
ATOM   345 N NE  . ARG A 1 42  ? 3.254   13.874  3.579   1.00 14.00 ? 493 ARG A NE  1 
ATOM   346 C CZ  . ARG A 1 42  ? 2.265   14.737  3.387   1.00 15.54 ? 493 ARG A CZ  1 
ATOM   347 N NH1 . ARG A 1 42  ? 1.030   14.427  3.746   1.00 13.42 ? 493 ARG A NH1 1 
ATOM   348 N NH2 . ARG A 1 42  ? 2.516   15.912  2.837   1.00 12.96 ? 493 ARG A NH2 1 
ATOM   349 N N   . MET A 1 43  ? 5.323   7.334   4.600   1.00 10.18 ? 494 MET A N   1 
ATOM   350 C CA  . MET A 1 43  ? 5.138   5.988   5.118   1.00 11.81 ? 494 MET A CA  1 
ATOM   351 C C   . MET A 1 43  ? 6.413   5.459   5.761   1.00 11.17 ? 494 MET A C   1 
ATOM   352 O O   . MET A 1 43  ? 6.376   4.917   6.855   1.00 9.55  ? 494 MET A O   1 
ATOM   353 C CB  . MET A 1 43  ? 4.671   5.045   4.013   1.00 10.12 ? 494 MET A CB  1 
ATOM   354 C CG  . MET A 1 43  ? 3.201   5.261   3.648   1.00 13.44 ? 494 MET A CG  1 
ATOM   355 S SD  . MET A 1 43  ? 2.641   4.079   2.434   1.00 18.31 ? 494 MET A SD  1 
ATOM   356 C CE  . MET A 1 43  ? 2.479   2.600   3.454   1.00 15.92 ? 494 MET A CE  1 
ATOM   357 N N   . VAL A 1 44  ? 7.547   5.610   5.092   1.00 10.48 ? 495 VAL A N   1 
ATOM   358 C CA  . VAL A 1 44  ? 8.783   5.132   5.694   1.00 9.27  ? 495 VAL A CA  1 
ATOM   359 C C   . VAL A 1 44  ? 9.069   5.884   6.996   1.00 11.69 ? 495 VAL A C   1 
ATOM   360 O O   . VAL A 1 44  ? 9.582   5.308   7.949   1.00 14.49 ? 495 VAL A O   1 
ATOM   361 C CB  . VAL A 1 44  ? 9.976   5.214   4.730   1.00 13.64 ? 495 VAL A CB  1 
ATOM   362 C CG1 . VAL A 1 44  ? 9.745   4.297   3.527   1.00 12.28 ? 495 VAL A CG1 1 
ATOM   363 C CG2 . VAL A 1 44  ? 10.217  6.649   4.289   1.00 21.43 ? 495 VAL A CG2 1 
ATOM   364 N N   . ASP A 1 45  ? 8.715   7.164   7.047   1.00 10.33 ? 496 ASP A N   1 
ATOM   365 C CA  . ASP A 1 45  ? 8.978   7.967   8.246   1.00 11.10 ? 496 ASP A CA  1 
ATOM   366 C C   . ASP A 1 45  ? 7.977   7.721   9.372   1.00 12.11 ? 496 ASP A C   1 
ATOM   367 O O   . ASP A 1 45  ? 8.177   8.191   10.492  1.00 15.39 ? 496 ASP A O   1 
ATOM   368 C CB  . ASP A 1 45  ? 8.920   9.448   7.914   1.00 9.91  ? 496 ASP A CB  1 
ATOM   369 C CG  . ASP A 1 45  ? 10.121  9.930   7.154   1.00 14.12 ? 496 ASP A CG  1 
ATOM   370 O OD1 . ASP A 1 45  ? 11.024  9.121   6.850   1.00 12.04 ? 496 ASP A OD1 1 
ATOM   371 O OD2 . ASP A 1 45  ? 10.155  11.144  6.871   1.00 16.94 ? 496 ASP A OD2 1 
ATOM   372 N N   . SER A 1 46  ? 6.895   7.013   9.077   1.00 8.87  ? 497 SER A N   1 
ATOM   373 C CA  . SER A 1 46  ? 5.793   6.862   10.032  1.00 10.43 ? 497 SER A CA  1 
ATOM   374 C C   . SER A 1 46  ? 5.865   5.587   10.864  1.00 11.68 ? 497 SER A C   1 
ATOM   375 O O   . SER A 1 46  ? 5.061   5.377   11.772  1.00 14.79 ? 497 SER A O   1 
ATOM   376 C CB  . SER A 1 46  ? 4.449   6.899   9.294   1.00 12.64 ? 497 SER A CB  1 
ATOM   377 O OG  . SER A 1 46  ? 4.112   8.225   8.939   1.00 17.77 ? 497 SER A OG  1 
ATOM   378 N N   . CYS A 1 47  ? 6.814   4.726   10.545  1.00 12.21 ? 498 CYS A N   1 
ATOM   379 C CA  . CYS A 1 47  ? 6.920   3.462   11.253  1.00 13.56 ? 498 CYS A CA  1 
ATOM   380 C C   . CYS A 1 47  ? 8.376   3.031   11.274  1.00 12.65 ? 498 CYS A C   1 
ATOM   381 O O   . CYS A 1 47  ? 9.234   3.698   10.692  1.00 12.16 ? 498 CYS A O   1 
ATOM   382 C CB  . CYS A 1 47  ? 6.007   2.406   10.620  1.00 11.88 ? 498 CYS A CB  1 
ATOM   383 S SG  . CYS A 1 47  ? 6.455   1.978   8.931   1.00 12.99 ? 498 CYS A SG  1 
ATOM   384 N N   . GLN A 1 48  ? 8.669   1.930   11.957  1.00 16.63 ? 499 GLN A N   1 
ATOM   385 C CA  . GLN A 1 48  ? 10.053  1.498   12.099  1.00 16.33 ? 499 GLN A CA  1 
ATOM   386 C C   . GLN A 1 48  ? 10.527  0.551   10.988  1.00 24.98 ? 499 GLN A C   1 
ATOM   387 O O   . GLN A 1 48  ? 11.370  -0.309  11.222  1.00 34.09 ? 499 GLN A O   1 
ATOM   388 C CB  . GLN A 1 48  ? 10.246  0.842   13.468  1.00 18.75 ? 499 GLN A CB  1 
ATOM   389 C CG  . GLN A 1 48  ? 10.126  1.834   14.607  1.00 16.51 ? 499 GLN A CG  1 
ATOM   390 C CD  . GLN A 1 48  ? 10.203  1.166   15.958  1.00 20.94 ? 499 GLN A CD  1 
ATOM   391 O OE1 . GLN A 1 48  ? 11.273  1.080   16.555  1.00 21.27 ? 499 GLN A OE1 1 
ATOM   392 N NE2 . GLN A 1 48  ? 9.072   0.671   16.437  1.00 13.23 ? 499 GLN A NE2 1 
ATOM   393 N N   . THR A 1 49  ? 10.015  0.740   9.778   1.00 17.42 ? 500 THR A N   1 
ATOM   394 C CA  . THR A 1 49  ? 10.231  -0.215  8.688   1.00 21.48 ? 500 THR A CA  1 
ATOM   395 C C   . THR A 1 49  ? 11.662  -0.348  8.154   1.00 25.03 ? 500 THR A C   1 
ATOM   396 O O   . THR A 1 49  ? 12.437  0.604   8.157   1.00 22.29 ? 500 THR A O   1 
ATOM   397 C CB  . THR A 1 49  ? 9.328   0.110   7.504   1.00 19.45 ? 500 THR A CB  1 
ATOM   398 O OG1 . THR A 1 49  ? 9.672   -0.742  6.405   1.00 21.43 ? 500 THR A OG1 1 
ATOM   399 C CG2 . THR A 1 49  ? 9.501   1.573   7.089   1.00 13.53 ? 500 THR A CG2 1 
ATOM   400 N N   . ALA A 1 50  ? 11.988  -1.542  7.662   1.00 29.82 ? 501 ALA A N   1 
ATOM   401 C CA  . ALA A 1 50  ? 13.308  -1.810  7.084   1.00 28.21 ? 501 ALA A CA  1 
ATOM   402 C C   . ALA A 1 50  ? 13.388  -1.389  5.614   1.00 27.38 ? 501 ALA A C   1 
ATOM   403 O O   . ALA A 1 50  ? 14.397  -1.619  4.947   1.00 32.49 ? 501 ALA A O   1 
ATOM   404 C CB  . ALA A 1 50  ? 13.648  -3.290  7.223   1.00 33.42 ? 501 ALA A CB  1 
ATOM   405 N N   . LEU A 1 51  ? 12.327  -0.764  5.118   1.00 26.11 ? 502 LEU A N   1 
ATOM   406 C CA  . LEU A 1 51  ? 12.208  -0.461  3.688   1.00 23.44 ? 502 LEU A CA  1 
ATOM   407 C C   . LEU A 1 51  ? 12.710  0.925   3.286   1.00 20.80 ? 502 LEU A C   1 
ATOM   408 O O   . LEU A 1 51  ? 12.497  1.905   3.998   1.00 20.17 ? 502 LEU A O   1 
ATOM   409 C CB  . LEU A 1 51  ? 10.747  -0.607  3.257   1.00 19.59 ? 502 LEU A CB  1 
ATOM   410 C CG  . LEU A 1 51  ? 10.094  -1.981  3.400   1.00 20.87 ? 502 LEU A CG  1 
ATOM   411 C CD1 . LEU A 1 51  ? 8.646   -1.903  2.992   1.00 18.10 ? 502 LEU A CD1 1 
ATOM   412 C CD2 . LEU A 1 51  ? 10.830  -3.012  2.555   1.00 23.70 ? 502 LEU A CD2 1 
ATOM   413 N N   . SER A 1 52  ? 13.375  1.001   2.136   1.00 16.79 ? 503 SER A N   1 
ATOM   414 C CA  . SER A 1 52  ? 13.673  2.274   1.501   1.00 18.29 ? 503 SER A CA  1 
ATOM   415 C C   . SER A 1 52  ? 12.398  2.836   0.854   1.00 16.22 ? 503 SER A C   1 
ATOM   416 O O   . SER A 1 52  ? 11.421  2.119   0.673   1.00 15.71 ? 503 SER A O   1 
ATOM   417 C CB  . SER A 1 52  ? 14.742  2.085   0.424   1.00 19.42 ? 503 SER A CB  1 
ATOM   418 O OG  . SER A 1 52  ? 14.244  1.286   -0.641  1.00 16.48 ? 503 SER A OG  1 
ATOM   419 N N   . PRO A 1 53  ? 12.403  4.124   0.504   1.00 14.99 ? 504 PRO A N   1 
ATOM   420 C CA  . PRO A 1 53  ? 11.234  4.673   -0.191  1.00 16.23 ? 504 PRO A CA  1 
ATOM   421 C C   . PRO A 1 53  ? 10.938  3.918   -1.491  1.00 15.94 ? 504 PRO A C   1 
ATOM   422 O O   . PRO A 1 53  ? 9.768   3.742   -1.834  1.00 14.00 ? 504 PRO A O   1 
ATOM   423 C CB  . PRO A 1 53  ? 11.654  6.109   -0.499  1.00 19.81 ? 504 PRO A CB  1 
ATOM   424 C CG  . PRO A 1 53  ? 12.673  6.434   0.548   1.00 21.69 ? 504 PRO A CG  1 
ATOM   425 C CD  . PRO A 1 53  ? 13.405  5.156   0.821   1.00 22.69 ? 504 PRO A CD  1 
ATOM   426 N N   . GLY A 1 54  ? 11.985  3.504   -2.207  1.00 20.10 ? 505 GLY A N   1 
ATOM   427 C CA  . GLY A 1 54  ? 11.820  2.730   -3.432  1.00 16.58 ? 505 GLY A CA  1 
ATOM   428 C C   . GLY A 1 54  ? 11.157  1.387   -3.178  1.00 15.77 ? 505 GLY A C   1 
ATOM   429 O O   . GLY A 1 54  ? 10.278  0.960   -3.931  1.00 16.57 ? 505 GLY A O   1 
ATOM   430 N N   . GLU A 1 55  ? 11.572  0.721   -2.108  1.00 13.32 ? 506 GLU A N   1 
ATOM   431 C CA  . GLU A 1 55  ? 10.970  -0.549  -1.723  1.00 14.62 ? 506 GLU A CA  1 
ATOM   432 C C   . GLU A 1 55  ? 9.550   -0.343  -1.222  1.00 14.07 ? 506 GLU A C   1 
ATOM   433 O O   . GLU A 1 55  ? 8.690   -1.177  -1.447  1.00 14.16 ? 506 GLU A O   1 
ATOM   434 C CB  . GLU A 1 55  ? 11.817  -1.254  -0.663  1.00 17.46 ? 506 GLU A CB  1 
ATOM   435 C CG  . GLU A 1 55  ? 13.152  -1.752  -1.187  1.00 20.18 ? 506 GLU A CG  1 
ATOM   436 C CD  . GLU A 1 55  ? 14.142  -2.079  -0.082  1.00 24.77 ? 506 GLU A CD  1 
ATOM   437 O OE1 . GLU A 1 55  ? 15.136  -2.783  -0.360  1.00 29.91 ? 506 GLU A OE1 1 
ATOM   438 O OE2 . GLU A 1 55  ? 13.937  -1.627  1.061   1.00 23.40 ? 506 GLU A OE2 1 
ATOM   439 N N   . MET A 1 56  ? 9.314   0.768   -0.533  1.00 13.35 ? 507 MET A N   1 
ATOM   440 C CA  . MET A 1 56  ? 7.965   1.128   -0.105  1.00 14.15 ? 507 MET A CA  1 
ATOM   441 C C   . MET A 1 56  ? 7.053   1.315   -1.323  1.00 13.34 ? 507 MET A C   1 
ATOM   442 O O   . MET A 1 56  ? 5.911   0.847   -1.334  1.00 12.35 ? 507 MET A O   1 
ATOM   443 C CB  . MET A 1 56  ? 8.002   2.397   0.755   1.00 13.59 ? 507 MET A CB  1 
ATOM   444 C CG  . MET A 1 56  ? 6.672   2.775   1.394   1.00 10.33 ? 507 MET A CG  1 
ATOM   445 S SD  . MET A 1 56  ? 6.031   1.504   2.509   1.00 12.29 ? 507 MET A SD  1 
ATOM   446 C CE  . MET A 1 56  ? 7.121   1.695   3.925   1.00 13.14 ? 507 MET A CE  1 
ATOM   447 N N   . GLU A 1 57  ? 7.553   1.983   -2.355  1.00 11.95 ? 508 GLU A N   1 
ATOM   448 C CA  . GLU A 1 57  ? 6.750   2.167   -3.562  1.00 12.67 ? 508 GLU A CA  1 
ATOM   449 C C   . GLU A 1 57  ? 6.302   0.822   -4.099  1.00 10.75 ? 508 GLU A C   1 
ATOM   450 O O   . GLU A 1 57  ? 5.157   0.655   -4.500  1.00 12.45 ? 508 GLU A O   1 
ATOM   451 C CB  . GLU A 1 57  ? 7.517   2.914   -4.657  1.00 14.01 ? 508 GLU A CB  1 
ATOM   452 C CG  . GLU A 1 57  ? 6.696   3.061   -5.933  1.00 14.83 ? 508 GLU A CG  1 
ATOM   453 C CD  . GLU A 1 57  ? 7.362   3.937   -6.972  1.00 27.12 ? 508 GLU A CD  1 
ATOM   454 O OE1 . GLU A 1 57  ? 6.697   4.857   -7.489  1.00 34.69 ? 508 GLU A OE1 1 
ATOM   455 O OE2 . GLU A 1 57  ? 8.546   3.705   -7.270  1.00 28.68 ? 508 GLU A OE2 1 
ATOM   456 N N   . LYS A 1 58  ? 7.216   -0.137  -4.111  1.00 11.35 ? 509 LYS A N   1 
ATOM   457 C CA  . LYS A 1 58  ? 6.891   -1.473  -4.590  1.00 12.68 ? 509 LYS A CA  1 
ATOM   458 C C   . LYS A 1 58  ? 5.732   -2.087  -3.795  1.00 14.22 ? 509 LYS A C   1 
ATOM   459 O O   . LYS A 1 58  ? 4.838   -2.701  -4.370  1.00 12.70 ? 509 LYS A O   1 
ATOM   460 C CB  . LYS A 1 58  ? 8.123   -2.372  -4.526  1.00 15.46 ? 509 LYS A CB  1 
ATOM   461 C CG  . LYS A 1 58  ? 9.176   -2.066  -5.594  1.00 17.44 ? 509 LYS A CG  1 
ATOM   462 C CD  . LYS A 1 58  ? 10.397  -2.962  -5.399  1.00 21.89 ? 509 LYS A CD  1 
ATOM   463 C CE  . LYS A 1 58  ? 11.561  -2.526  -6.276  1.00 29.96 ? 509 LYS A CE  1 
ATOM   464 N NZ  . LYS A 1 58  ? 11.209  -2.611  -7.717  1.00 32.56 ? 509 LYS A NZ  1 
ATOM   465 N N   . HIS A 1 59  ? 5.741   -1.907  -2.478  1.00 9.87  ? 510 HIS A N   1 
ATOM   466 C CA  . HIS A 1 59  ? 4.665   -2.442  -1.635  1.00 8.54  ? 510 HIS A CA  1 
ATOM   467 C C   . HIS A 1 59  ? 3.342   -1.733  -1.858  1.00 10.18 ? 510 HIS A C   1 
ATOM   468 O O   . HIS A 1 59  ? 2.281   -2.352  -1.785  1.00 11.27 ? 510 HIS A O   1 
ATOM   469 C CB  . HIS A 1 59  ? 5.039   -2.367  -0.156  1.00 10.51 ? 510 HIS A CB  1 
ATOM   470 C CG  . HIS A 1 59  ? 6.101   -3.337  0.237   1.00 11.79 ? 510 HIS A CG  1 
ATOM   471 N ND1 . HIS A 1 59  ? 7.412   -3.205  -0.168  1.00 14.92 ? 510 HIS A ND1 1 
ATOM   472 C CD2 . HIS A 1 59  ? 6.046   -4.467  0.981   1.00 13.83 ? 510 HIS A CD2 1 
ATOM   473 C CE1 . HIS A 1 59  ? 8.121   -4.209  0.317   1.00 15.44 ? 510 HIS A CE1 1 
ATOM   474 N NE2 . HIS A 1 59  ? 7.315   -4.990  1.015   1.00 13.10 ? 510 HIS A NE2 1 
ATOM   475 N N   . LEU A 1 60  ? 3.403   -0.427  -2.074  1.00 10.08 ? 511 LEU A N   1 
ATOM   476 C CA  . LEU A 1 60  ? 2.198   0.351   -2.336  1.00 11.62 ? 511 LEU A CA  1 
ATOM   477 C C   . LEU A 1 60  ? 1.565   -0.086  -3.639  1.00 10.97 ? 511 LEU A C   1 
ATOM   478 O O   . LEU A 1 60  ? 0.349   -0.125  -3.756  1.00 10.08 ? 511 LEU A O   1 
ATOM   479 C CB  . LEU A 1 60  ? 2.519   1.843   -2.427  1.00 13.92 ? 511 LEU A CB  1 
ATOM   480 C CG  . LEU A 1 60  ? 2.404   2.661   -1.143  1.00 23.96 ? 511 LEU A CG  1 
ATOM   481 C CD1 . LEU A 1 60  ? 3.220   2.012   -0.061  1.00 26.98 ? 511 LEU A CD1 1 
ATOM   482 C CD2 . LEU A 1 60  ? 2.868   4.083   -1.387  1.00 22.79 ? 511 LEU A CD2 1 
ATOM   483 N N   . VAL A 1 61  ? 2.402   -0.376  -4.633  1.00 10.25 ? 512 VAL A N   1 
ATOM   484 C CA  . VAL A 1 61  ? 1.901   -0.858  -5.912  1.00 8.35  ? 512 VAL A CA  1 
ATOM   485 C C   . VAL A 1 61  ? 1.240   -2.223  -5.745  1.00 10.54 ? 512 VAL A C   1 
ATOM   486 O O   . VAL A 1 61  ? 0.190   -2.484  -6.329  1.00 10.79 ? 512 VAL A O   1 
ATOM   487 C CB  . VAL A 1 61  ? 3.018   -0.936  -6.961  1.00 12.12 ? 512 VAL A CB  1 
ATOM   488 C CG1 . VAL A 1 61  ? 2.565   -1.774  -8.149  1.00 13.77 ? 512 VAL A CG1 1 
ATOM   489 C CG2 . VAL A 1 61  ? 3.409   0.473   -7.420  1.00 13.88 ? 512 VAL A CG2 1 
ATOM   490 N N   . LEU A 1 62  ? 1.845   -3.097  -4.944  1.00 9.76  ? 513 LEU A N   1 
ATOM   491 C CA  . LEU A 1 62  ? 1.215   -4.384  -4.637  1.00 10.21 ? 513 LEU A CA  1 
ATOM   492 C C   . LEU A 1 62  ? -0.156  -4.173  -4.008  1.00 12.31 ? 513 LEU A C   1 
ATOM   493 O O   . LEU A 1 62  ? -1.118  -4.854  -4.344  1.00 14.27 ? 513 LEU A O   1 
ATOM   494 C CB  . LEU A 1 62  ? 2.088   -5.202  -3.688  1.00 12.10 ? 513 LEU A CB  1 
ATOM   495 C CG  . LEU A 1 62  ? 3.400   -5.758  -4.228  1.00 18.67 ? 513 LEU A CG  1 
ATOM   496 C CD1 . LEU A 1 62  ? 3.961   -6.786  -3.226  1.00 21.79 ? 513 LEU A CD1 1 
ATOM   497 C CD2 . LEU A 1 62  ? 3.180   -6.404  -5.578  1.00 17.60 ? 513 LEU A CD2 1 
ATOM   498 N N   . LEU A 1 63  ? -0.242  -3.216  -3.093  1.00 10.33 ? 514 LEU A N   1 
ATOM   499 C CA  . LEU A 1 63  ? -1.499  -2.903  -2.421  1.00 9.13  ? 514 LEU A CA  1 
ATOM   500 C C   . LEU A 1 63  ? -2.540  -2.397  -3.423  1.00 12.44 ? 514 LEU A C   1 
ATOM   501 O O   . LEU A 1 63  ? -3.730  -2.728  -3.340  1.00 10.93 ? 514 LEU A O   1 
ATOM   502 C CB  . LEU A 1 63  ? -1.219  -1.828  -1.372  1.00 17.54 ? 514 LEU A CB  1 
ATOM   503 C CG  . LEU A 1 63  ? -1.887  -1.772  -0.004  1.00 19.07 ? 514 LEU A CG  1 
ATOM   504 C CD1 . LEU A 1 63  ? -2.201  -3.160  0.578   1.00 14.38 ? 514 LEU A CD1 1 
ATOM   505 C CD2 . LEU A 1 63  ? -0.970  -0.962  0.917   1.00 18.32 ? 514 LEU A CD2 1 
ATOM   506 N N   . ALA A 1 64  ? -2.089  -1.579  -4.370  1.00 10.16 ? 515 ALA A N   1 
ATOM   507 C CA  . ALA A 1 64  ? -2.971  -1.049  -5.411  1.00 10.90 ? 515 ALA A CA  1 
ATOM   508 C C   . ALA A 1 64  ? -3.482  -2.166  -6.306  1.00 14.20 ? 515 ALA A C   1 
ATOM   509 O O   . ALA A 1 64  ? -4.598  -2.106  -6.816  1.00 15.77 ? 515 ALA A O   1 
ATOM   510 C CB  . ALA A 1 64  ? -2.245  0.019   -6.247  1.00 12.87 ? 515 ALA A CB  1 
ATOM   511 N N   . GLU A 1 65  ? -2.652  -3.184  -6.493  1.00 11.11 ? 516 GLU A N   1 
ATOM   512 C CA  . GLU A 1 65  ? -3.013  -4.341  -7.302  1.00 11.00 ? 516 GLU A CA  1 
ATOM   513 C C   . GLU A 1 65  ? -3.965  -5.277  -6.561  1.00 12.55 ? 516 GLU A C   1 
ATOM   514 O O   . GLU A 1 65  ? -4.868  -5.858  -7.164  1.00 12.28 ? 516 GLU A O   1 
ATOM   515 C CB  . GLU A 1 65  ? -1.748  -5.090  -7.721  1.00 11.58 ? 516 GLU A CB  1 
ATOM   516 C CG  . GLU A 1 65  ? -1.014  -4.353  -8.836  1.00 11.61 ? 516 GLU A CG  1 
ATOM   517 C CD  . GLU A 1 65  ? 0.420   -4.769  -8.979  1.00 12.78 ? 516 GLU A CD  1 
ATOM   518 O OE1 . GLU A 1 65  ? 0.896   -5.608  -8.176  1.00 12.41 ? 516 GLU A OE1 1 
ATOM   519 O OE2 . GLU A 1 65  ? 1.075   -4.247  -9.903  1.00 14.36 ? 516 GLU A OE2 1 
ATOM   520 N N   . LEU A 1 66  ? -3.767  -5.411  -5.251  1.00 11.19 ? 517 LEU A N   1 
ATOM   521 C CA  . LEU A 1 66  ? -4.617  -6.287  -4.446  1.00 13.59 ? 517 LEU A CA  1 
ATOM   522 C C   . LEU A 1 66  ? -5.953  -5.643  -4.100  1.00 15.52 ? 517 LEU A C   1 
ATOM   523 O O   . LEU A 1 66  ? -6.970  -6.330  -4.013  1.00 13.74 ? 517 LEU A O   1 
ATOM   524 C CB  . LEU A 1 66  ? -3.906  -6.730  -3.165  1.00 12.93 ? 517 LEU A CB  1 
ATOM   525 C CG  . LEU A 1 66  ? -3.161  -8.064  -3.261  1.00 17.04 ? 517 LEU A CG  1 
ATOM   526 C CD1 . LEU A 1 66  ? -1.976  -7.926  -4.171  1.00 21.23 ? 517 LEU A CD1 1 
ATOM   527 C CD2 . LEU A 1 66  ? -2.718  -8.551  -1.893  1.00 28.67 ? 517 LEU A CD2 1 
ATOM   528 N N   . LEU A 1 67  ? -5.946  -4.327  -3.901  1.00 11.36 ? 518 LEU A N   1 
ATOM   529 C CA  . LEU A 1 67  ? -7.140  -3.615  -3.446  1.00 11.82 ? 518 LEU A CA  1 
ATOM   530 C C   . LEU A 1 67  ? -7.451  -2.421  -4.350  1.00 13.42 ? 518 LEU A C   1 
ATOM   531 O O   . LEU A 1 67  ? -7.465  -1.278  -3.895  1.00 13.63 ? 518 LEU A O   1 
ATOM   532 C CB  . LEU A 1 67  ? -6.948  -3.133  -2.007  1.00 10.26 ? 518 LEU A CB  1 
ATOM   533 C CG  . LEU A 1 67  ? -6.616  -4.204  -0.965  1.00 14.76 ? 518 LEU A CG  1 
ATOM   534 C CD1 . LEU A 1 67  ? -6.129  -3.572  0.327   1.00 15.30 ? 518 LEU A CD1 1 
ATOM   535 C CD2 . LEU A 1 67  ? -7.820  -5.091  -0.702  1.00 14.06 ? 518 LEU A CD2 1 
ATOM   536 N N   . PRO A 1 68  ? -7.719  -2.687  -5.636  1.00 17.84 ? 519 PRO A N   1 
ATOM   537 C CA  . PRO A 1 68  ? -7.896  -1.616  -6.622  1.00 13.27 ? 519 PRO A CA  1 
ATOM   538 C C   . PRO A 1 68  ? -9.114  -0.729  -6.350  1.00 19.15 ? 519 PRO A C   1 
ATOM   539 O O   . PRO A 1 68  ? -9.136  0.414   -6.804  1.00 19.76 ? 519 PRO A O   1 
ATOM   540 C CB  . PRO A 1 68  ? -8.092  -2.391  -7.931  1.00 20.25 ? 519 PRO A CB  1 
ATOM   541 C CG  . PRO A 1 68  ? -8.669  -3.702  -7.481  1.00 19.74 ? 519 PRO A CG  1 
ATOM   542 C CD  . PRO A 1 68  ? -7.849  -4.015  -6.263  1.00 16.46 ? 519 PRO A CD  1 
ATOM   543 N N   . ASP A 1 69  ? -10.109 -1.240  -5.637  1.00 19.55 ? 520 ASP A N   1 
ATOM   544 C CA  . ASP A 1 69  ? -11.285 -0.440  -5.304  1.00 22.15 ? 520 ASP A CA  1 
ATOM   545 C C   . ASP A 1 69  ? -11.001 0.549   -4.174  1.00 22.72 ? 520 ASP A C   1 
ATOM   546 O O   . ASP A 1 69  ? -11.758 1.494   -3.953  1.00 23.85 ? 520 ASP A O   1 
ATOM   547 C CB  . ASP A 1 69  ? -12.462 -1.340  -4.937  1.00 27.13 ? 520 ASP A CB  1 
ATOM   548 C CG  . ASP A 1 69  ? -13.042 -2.052  -6.142  1.00 27.24 ? 520 ASP A CG  1 
ATOM   549 O OD1 . ASP A 1 69  ? -12.731 -1.641  -7.282  1.00 32.05 ? 520 ASP A OD1 1 
ATOM   550 O OD2 . ASP A 1 69  ? -13.806 -3.021  -5.948  1.00 36.94 ? 520 ASP A OD2 1 
ATOM   551 N N   . TRP A 1 70  ? -9.908  0.326   -3.456  1.00 16.96 ? 521 TRP A N   1 
ATOM   552 C CA  . TRP A 1 70  ? -9.527  1.218   -2.373  1.00 15.29 ? 521 TRP A CA  1 
ATOM   553 C C   . TRP A 1 70  ? -8.460  2.193   -2.836  1.00 15.69 ? 521 TRP A C   1 
ATOM   554 O O   . TRP A 1 70  ? -8.594  3.401   -2.676  1.00 19.56 ? 521 TRP A O   1 
ATOM   555 C CB  . TRP A 1 70  ? -8.990  0.407   -1.192  1.00 14.85 ? 521 TRP A CB  1 
ATOM   556 C CG  . TRP A 1 70  ? -8.537  1.237   -0.037  1.00 18.73 ? 521 TRP A CG  1 
ATOM   557 C CD1 . TRP A 1 70  ? -9.206  2.271   0.540   1.00 19.08 ? 521 TRP A CD1 1 
ATOM   558 C CD2 . TRP A 1 70  ? -7.320  1.078   0.710   1.00 17.14 ? 521 TRP A CD2 1 
ATOM   559 N NE1 . TRP A 1 70  ? -8.480  2.776   1.596   1.00 18.99 ? 521 TRP A NE1 1 
ATOM   560 C CE2 . TRP A 1 70  ? -7.320  2.056   1.721   1.00 16.61 ? 521 TRP A CE2 1 
ATOM   561 C CE3 . TRP A 1 70  ? -6.233  0.202   0.616   1.00 16.04 ? 521 TRP A CE3 1 
ATOM   562 C CZ2 . TRP A 1 70  ? -6.274  2.188   2.634   1.00 15.74 ? 521 TRP A CZ2 1 
ATOM   563 C CZ3 . TRP A 1 70  ? -5.193  0.332   1.528   1.00 16.86 ? 521 TRP A CZ3 1 
ATOM   564 C CH2 . TRP A 1 70  ? -5.223  1.317   2.521   1.00 18.00 ? 521 TRP A CH2 1 
ATOM   565 N N   . LEU A 1 71  ? -7.398  1.648   -3.418  1.00 15.01 ? 522 LEU A N   1 
ATOM   566 C CA  . LEU A 1 71  ? -6.201  2.415   -3.737  1.00 13.91 ? 522 LEU A CA  1 
ATOM   567 C C   . LEU A 1 71  ? -6.044  2.604   -5.237  1.00 22.48 ? 522 LEU A C   1 
ATOM   568 O O   . LEU A 1 71  ? -5.863  1.635   -5.972  1.00 22.41 ? 522 LEU A O   1 
ATOM   569 C CB  . LEU A 1 71  ? -4.976  1.688   -3.177  1.00 17.92 ? 522 LEU A CB  1 
ATOM   570 C CG  . LEU A 1 71  ? -3.611  2.371   -3.217  1.00 22.08 ? 522 LEU A CG  1 
ATOM   571 C CD1 . LEU A 1 71  ? -3.687  3.743   -2.622  1.00 24.15 ? 522 LEU A CD1 1 
ATOM   572 C CD2 . LEU A 1 71  ? -2.611  1.529   -2.440  1.00 18.60 ? 522 LEU A CD2 1 
ATOM   573 N N   . SER A 1 72  ? -6.102  3.858   -5.680  1.00 15.80 ? 523 SER A N   1 
ATOM   574 C CA  . SER A 1 72  ? -6.004  4.192   -7.092  1.00 16.74 ? 523 SER A CA  1 
ATOM   575 C C   . SER A 1 72  ? -4.711  4.974   -7.352  1.00 16.46 ? 523 SER A C   1 
ATOM   576 O O   . SER A 1 72  ? -4.281  5.764   -6.516  1.00 15.68 ? 523 SER A O   1 
ATOM   577 C CB  . SER A 1 72  ? -7.221  5.036   -7.492  1.00 22.29 ? 523 SER A CB  1 
ATOM   578 O OG  . SER A 1 72  ? -7.594  4.793   -8.835  1.00 42.47 ? 523 SER A OG  1 
ATOM   579 N N   . LEU A 1 73  ? -4.091  4.737   -8.504  1.00 12.73 ? 524 LEU A N   1 
ATOM   580 C CA  . LEU A 1 73  ? -2.897  5.470   -8.914  1.00 11.43 ? 524 LEU A CA  1 
ATOM   581 C C   . LEU A 1 73  ? -3.197  6.180   -10.220 1.00 16.08 ? 524 LEU A C   1 
ATOM   582 O O   . LEU A 1 73  ? -3.747  5.576   -11.138 1.00 17.46 ? 524 LEU A O   1 
ATOM   583 C CB  . LEU A 1 73  ? -1.742  4.508   -9.136  1.00 14.63 ? 524 LEU A CB  1 
ATOM   584 C CG  . LEU A 1 73  ? -1.399  3.613   -7.953  1.00 14.63 ? 524 LEU A CG  1 
ATOM   585 C CD1 . LEU A 1 73  ? -0.420  2.542   -8.389  1.00 12.66 ? 524 LEU A CD1 1 
ATOM   586 C CD2 . LEU A 1 73  ? -0.807  4.466   -6.854  1.00 15.94 ? 524 LEU A CD2 1 
ATOM   587 N N   . HIS A 1 74  ? -2.837  7.458   -10.314 1.00 12.71 ? 525 HIS A N   1 
ATOM   588 C CA  . HIS A 1 74  ? -3.124  8.227   -11.529 1.00 11.30 ? 525 HIS A CA  1 
ATOM   589 C C   . HIS A 1 74  ? -1.904  9.040   -11.950 1.00 10.22 ? 525 HIS A C   1 
ATOM   590 O O   . HIS A 1 74  ? -1.447  9.901   -11.223 1.00 8.55  ? 525 HIS A O   1 
ATOM   591 C CB  . HIS A 1 74  ? -4.349  9.130   -11.296 1.00 16.51 ? 525 HIS A CB  1 
ATOM   592 C CG  . HIS A 1 74  ? -4.756  9.948   -12.489 1.00 20.20 ? 525 HIS A CG  1 
ATOM   593 N ND1 . HIS A 1 74  ? -4.947  9.404   -13.743 1.00 26.60 ? 525 HIS A ND1 1 
ATOM   594 C CD2 . HIS A 1 74  ? -5.056  11.265  -12.603 1.00 16.49 ? 525 HIS A CD2 1 
ATOM   595 C CE1 . HIS A 1 74  ? -5.319  10.356  -14.585 1.00 18.82 ? 525 HIS A CE1 1 
ATOM   596 N NE2 . HIS A 1 74  ? -5.392  11.494  -13.918 1.00 22.34 ? 525 HIS A NE2 1 
ATOM   597 N N   . ARG A 1 75  ? -1.372  8.753   -13.129 1.00 11.40 ? 526 ARG A N   1 
ATOM   598 C CA  . ARG A 1 75  ? -0.250  9.523   -13.636 1.00 9.85  ? 526 ARG A CA  1 
ATOM   599 C C   . ARG A 1 75  ? -0.715  10.884  -14.138 1.00 12.59 ? 526 ARG A C   1 
ATOM   600 O O   . ARG A 1 75  ? -1.619  10.969  -14.965 1.00 11.71 ? 526 ARG A O   1 
ATOM   601 C CB  . ARG A 1 75  ? 0.450   8.770   -14.764 1.00 11.81 ? 526 ARG A CB  1 
ATOM   602 C CG  . ARG A 1 75  ? 1.123   7.452   -14.330 1.00 12.01 ? 526 ARG A CG  1 
ATOM   603 C CD  . ARG A 1 75  ? 1.969   6.891   -15.469 1.00 11.85 ? 526 ARG A CD  1 
ATOM   604 N NE  . ARG A 1 75  ? 2.482   5.556   -15.167 1.00 14.82 ? 526 ARG A NE  1 
ATOM   605 C CZ  . ARG A 1 75  ? 1.793   4.434   -15.372 1.00 17.33 ? 526 ARG A CZ  1 
ATOM   606 N NH1 . ARG A 1 75  ? 0.571   4.490   -15.883 1.00 15.17 ? 526 ARG A NH1 1 
ATOM   607 N NH2 . ARG A 1 75  ? 2.324   3.253   -15.071 1.00 14.91 ? 526 ARG A NH2 1 
ATOM   608 N N   . ILE A 1 76  ? -0.088  11.939  -13.632 1.00 11.27 ? 527 ILE A N   1 
ATOM   609 C CA  . ILE A 1 76  ? -0.257  13.279  -14.192 1.00 11.04 ? 527 ILE A CA  1 
ATOM   610 C C   . ILE A 1 76  ? 1.128   13.848  -14.451 1.00 12.06 ? 527 ILE A C   1 
ATOM   611 O O   . ILE A 1 76  ? 1.901   14.061  -13.522 1.00 11.78 ? 527 ILE A O   1 
ATOM   612 C CB  . ILE A 1 76  ? -1.031  14.200  -13.232 1.00 10.78 ? 527 ILE A CB  1 
ATOM   613 C CG1 . ILE A 1 76  ? -2.349  13.547  -12.820 1.00 10.78 ? 527 ILE A CG1 1 
ATOM   614 C CG2 . ILE A 1 76  ? -1.291  15.551  -13.891 1.00 12.97 ? 527 ILE A CG2 1 
ATOM   615 C CD1 . ILE A 1 76  ? -3.190  14.377  -11.839 1.00 13.89 ? 527 ILE A CD1 1 
ATOM   616 N N   . ARG A 1 77  ? 1.448   14.069  -15.718 1.00 10.77 ? 528 ARG A N   1 
ATOM   617 C CA  . ARG A 1 77  ? 2.802   14.431  -16.104 1.00 11.60 ? 528 ARG A CA  1 
ATOM   618 C C   . ARG A 1 77  ? 3.782   13.433  -15.487 1.00 13.06 ? 528 ARG A C   1 
ATOM   619 O O   . ARG A 1 77  ? 3.599   12.235  -15.646 1.00 11.84 ? 528 ARG A O   1 
ATOM   620 C CB  . ARG A 1 77  ? 3.105   15.880  -15.729 1.00 14.37 ? 528 ARG A CB  1 
ATOM   621 C CG  . ARG A 1 77  ? 2.137   16.853  -16.402 1.00 14.49 ? 528 ARG A CG  1 
ATOM   622 C CD  . ARG A 1 77  ? 2.544   18.306  -16.194 1.00 25.66 ? 528 ARG A CD  1 
ATOM   623 N NE  . ARG A 1 77  ? 1.789   19.168  -17.100 1.00 29.47 ? 528 ARG A NE  1 
ATOM   624 C CZ  . ARG A 1 77  ? 2.059   20.447  -17.319 1.00 24.60 ? 528 ARG A CZ  1 
ATOM   625 N NH1 . ARG A 1 77  ? 1.310   21.141  -18.165 1.00 30.25 ? 528 ARG A NH1 1 
ATOM   626 N NH2 . ARG A 1 77  ? 3.078   21.031  -16.699 1.00 28.87 ? 528 ARG A NH2 1 
ATOM   627 N N   . THR A 1 78  ? 4.810   13.892  -14.788 1.00 17.21 ? 529 THR A N   1 
ATOM   628 C CA  . THR A 1 78  ? 5.765   12.921  -14.245 1.00 15.94 ? 529 THR A CA  1 
ATOM   629 C C   . THR A 1 78  ? 5.470   12.515  -12.800 1.00 15.41 ? 529 THR A C   1 
ATOM   630 O O   . THR A 1 78  ? 6.279   11.839  -12.170 1.00 18.73 ? 529 THR A O   1 
ATOM   631 C CB  . THR A 1 78  ? 7.227   13.394  -14.375 1.00 18.95 ? 529 THR A CB  1 
ATOM   632 O OG1 . THR A 1 78  ? 7.468   14.476  -13.471 1.00 16.02 ? 529 THR A OG1 1 
ATOM   633 C CG2 . THR A 1 78  ? 7.526   13.837  -15.813 1.00 18.29 ? 529 THR A CG2 1 
ATOM   634 N N   . ASP A 1 79  ? 4.320   12.926  -12.278 1.00 12.85 ? 530 ASP A N   1 
ATOM   635 C CA  . ASP A 1 79  ? 3.908   12.531  -10.935 1.00 17.19 ? 530 ASP A CA  1 
ATOM   636 C C   . ASP A 1 79  ? 2.918   11.386  -11.035 1.00 13.67 ? 530 ASP A C   1 
ATOM   637 O O   . ASP A 1 79  ? 2.210   11.268  -12.019 1.00 11.14 ? 530 ASP A O   1 
ATOM   638 C CB  . ASP A 1 79  ? 3.235   13.693  -10.207 1.00 15.24 ? 530 ASP A CB  1 
ATOM   639 C CG  . ASP A 1 79  ? 4.159   14.874  -10.009 1.00 24.31 ? 530 ASP A CG  1 
ATOM   640 O OD1 . ASP A 1 79  ? 5.336   14.653  -9.657  1.00 19.65 ? 530 ASP A OD1 1 
ATOM   641 O OD2 . ASP A 1 79  ? 3.701   16.022  -10.198 1.00 27.87 ? 530 ASP A OD2 1 
ATOM   642 N N   . THR A 1 80  ? 2.872   10.548  -10.010 1.00 13.48 ? 531 THR A N   1 
ATOM   643 C CA  . THR A 1 80  ? 1.811   9.563   -9.889  1.00 13.10 ? 531 THR A CA  1 
ATOM   644 C C   . THR A 1 80  ? 1.049   9.842   -8.608  1.00 12.43 ? 531 THR A C   1 
ATOM   645 O O   . THR A 1 80  ? 1.619   9.852   -7.524  1.00 14.21 ? 531 THR A O   1 
ATOM   646 C CB  . THR A 1 80  ? 2.365   8.137   -9.887  1.00 15.89 ? 531 THR A CB  1 
ATOM   647 O OG1 . THR A 1 80  ? 2.998   7.887   -11.150 1.00 15.12 ? 531 THR A OG1 1 
ATOM   648 C CG2 . THR A 1 80  ? 1.234   7.119   -9.661  1.00 13.24 ? 531 THR A CG2 1 
ATOM   649 N N   . TYR A 1 81  ? -0.240  10.117  -8.736  1.00 11.67 ? 532 TYR A N   1 
ATOM   650 C CA  . TYR A 1 81  ? -1.028  10.466  -7.567  1.00 11.68 ? 532 TYR A CA  1 
ATOM   651 C C   . TYR A 1 81  ? -1.676  9.243   -6.946  1.00 13.75 ? 532 TYR A C   1 
ATOM   652 O O   . TYR A 1 81  ? -2.231  8.409   -7.652  1.00 11.32 ? 532 TYR A O   1 
ATOM   653 C CB  . TYR A 1 81  ? -2.075  11.527  -7.910  1.00 13.92 ? 532 TYR A CB  1 
ATOM   654 C CG  . TYR A 1 81  ? -1.465  12.900  -7.968  1.00 12.76 ? 532 TYR A CG  1 
ATOM   655 C CD1 . TYR A 1 81  ? -1.355  13.676  -6.823  1.00 15.23 ? 532 TYR A CD1 1 
ATOM   656 C CD2 . TYR A 1 81  ? -0.970  13.412  -9.162  1.00 15.04 ? 532 TYR A CD2 1 
ATOM   657 C CE1 . TYR A 1 81  ? -0.779  14.938  -6.864  1.00 17.06 ? 532 TYR A CE1 1 
ATOM   658 C CE2 . TYR A 1 81  ? -0.387  14.673  -9.214  1.00 16.73 ? 532 TYR A CE2 1 
ATOM   659 C CZ  . TYR A 1 81  ? -0.294  15.428  -8.061  1.00 18.17 ? 532 TYR A CZ  1 
ATOM   660 O OH  . TYR A 1 81  ? 0.279   16.678  -8.104  1.00 17.83 ? 532 TYR A OH  1 
ATOM   661 N N   . VAL A 1 82  ? -1.566  9.150   -5.622  1.00 13.48 ? 533 VAL A N   1 
ATOM   662 C CA  . VAL A 1 82  ? -2.215  8.120   -4.827  1.00 13.51 ? 533 VAL A CA  1 
ATOM   663 C C   . VAL A 1 82  ? -3.485  8.666   -4.178  1.00 14.91 ? 533 VAL A C   1 
ATOM   664 O O   . VAL A 1 82  ? -3.466  9.694   -3.500  1.00 13.94 ? 533 VAL A O   1 
ATOM   665 C CB  . VAL A 1 82  ? -1.285  7.612   -3.716  1.00 12.19 ? 533 VAL A CB  1 
ATOM   666 C CG1 . VAL A 1 82  ? -2.024  6.626   -2.826  1.00 12.41 ? 533 VAL A CG1 1 
ATOM   667 C CG2 . VAL A 1 82  ? -0.039  6.980   -4.324  1.00 16.46 ? 533 VAL A CG2 1 
ATOM   668 N N   . LYS A 1 83  ? -4.590  7.966   -4.386  1.00 12.43 ? 534 LYS A N   1 
ATOM   669 C CA  . LYS A 1 83  ? -5.872  8.393   -3.865  1.00 14.90 ? 534 LYS A CA  1 
ATOM   670 C C   . LYS A 1 83  ? -6.541  7.212   -3.180  1.00 17.64 ? 534 LYS A C   1 
ATOM   671 O O   . LYS A 1 83  ? -6.531  6.099   -3.702  1.00 17.22 ? 534 LYS A O   1 
ATOM   672 C CB  . LYS A 1 83  ? -6.741  8.923   -5.013  1.00 23.28 ? 534 LYS A CB  1 
ATOM   673 C CG  . LYS A 1 83  ? -8.052  9.553   -4.579  1.00 27.23 ? 534 LYS A CG  1 
ATOM   674 C CD  . LYS A 1 83  ? -8.478  10.674  -5.535  1.00 30.80 ? 534 LYS A CD  1 
ATOM   675 C CE  . LYS A 1 83  ? -8.769  10.163  -6.945  1.00 33.40 ? 534 LYS A CE  1 
ATOM   676 N NZ  . LYS A 1 83  ? -9.291  11.253  -7.848  1.00 29.26 ? 534 LYS A NZ  1 
ATOM   677 N N   . LEU A 1 84  ? -7.108  7.451   -2.005  1.00 16.23 ? 535 LEU A N   1 
ATOM   678 C CA  . LEU A 1 84  ? -7.844  6.414   -1.298  1.00 16.84 ? 535 LEU A CA  1 
ATOM   679 C C   . LEU A 1 84  ? -9.337  6.664   -1.427  1.00 20.93 ? 535 LEU A C   1 
ATOM   680 O O   . LEU A 1 84  ? -9.793  7.806   -1.353  1.00 22.19 ? 535 LEU A O   1 
ATOM   681 C CB  . LEU A 1 84  ? -7.462  6.391   0.180   1.00 18.58 ? 535 LEU A CB  1 
ATOM   682 C CG  . LEU A 1 84  ? -6.051  5.930   0.535   1.00 21.67 ? 535 LEU A CG  1 
ATOM   683 C CD1 . LEU A 1 84  ? -5.878  5.874   2.049   1.00 14.94 ? 535 LEU A CD1 1 
ATOM   684 C CD2 . LEU A 1 84  ? -5.784  4.572   -0.065  1.00 23.95 ? 535 LEU A CD2 1 
ATOM   685 N N   . ASP A 1 85  ? -10.100 5.599   -1.630  1.00 19.45 ? 536 ASP A N   1 
ATOM   686 C CA  . ASP A 1 85  ? -11.547 5.700   -1.541  1.00 26.90 ? 536 ASP A CA  1 
ATOM   687 C C   . ASP A 1 85  ? -11.919 5.624   -0.067  1.00 27.68 ? 536 ASP A C   1 
ATOM   688 O O   . ASP A 1 85  ? -11.934 4.546   0.519   1.00 31.76 ? 536 ASP A O   1 
ATOM   689 C CB  . ASP A 1 85  ? -12.217 4.575   -2.324  1.00 24.73 ? 536 ASP A CB  1 
ATOM   690 C CG  . ASP A 1 85  ? -13.725 4.741   -2.405  1.00 39.08 ? 536 ASP A CG  1 
ATOM   691 O OD1 . ASP A 1 85  ? -14.325 5.175   -1.403  1.00 39.29 ? 536 ASP A OD1 1 
ATOM   692 O OD2 . ASP A 1 85  ? -14.310 4.435   -3.465  1.00 39.99 ? 536 ASP A OD2 1 
ATOM   693 N N   . LYS A 1 86  ? -12.200 6.770   0.541   1.00 36.50 ? 537 LYS A N   1 
ATOM   694 C CA  . LYS A 1 86  ? -12.467 6.797   1.977   1.00 37.82 ? 537 LYS A CA  1 
ATOM   695 C C   . LYS A 1 86  ? -13.851 6.252   2.341   1.00 36.97 ? 537 LYS A C   1 
ATOM   696 O O   . LYS A 1 86  ? -14.213 6.199   3.515   1.00 45.96 ? 537 LYS A O   1 
ATOM   697 C CB  . LYS A 1 86  ? -12.250 8.198   2.560   1.00 43.21 ? 537 LYS A CB  1 
ATOM   698 C CG  . LYS A 1 86  ? -10.804 8.479   2.966   1.00 47.13 ? 537 LYS A CG  1 
ATOM   699 C CD  . LYS A 1 86  ? -10.699 9.716   3.856   1.00 49.76 ? 537 LYS A CD  1 
ATOM   700 C CE  . LYS A 1 86  ? -9.272  9.943   4.355   1.00 35.64 ? 537 LYS A CE  1 
ATOM   701 N NZ  . LYS A 1 86  ? -9.187  11.121  5.273   1.00 33.28 ? 537 LYS A NZ  1 
ATOM   702 N N   . ALA A 1 87  ? -14.609 5.828   1.333   1.00 39.94 ? 538 ALA A N   1 
ATOM   703 C CA  . ALA A 1 87  ? -15.915 5.213   1.562   1.00 44.98 ? 538 ALA A CA  1 
ATOM   704 C C   . ALA A 1 87  ? -15.802 3.725   1.916   1.00 47.31 ? 538 ALA A C   1 
ATOM   705 O O   . ALA A 1 87  ? -16.805 3.013   1.970   1.00 45.77 ? 538 ALA A O   1 
ATOM   706 C CB  . ALA A 1 87  ? -16.809 5.399   0.349   1.00 43.46 ? 538 ALA A CB  1 
ATOM   707 N N   . VAL A 1 88  ? -14.579 3.254   2.145   1.00 42.77 ? 539 VAL A N   1 
ATOM   708 C CA  . VAL A 1 88  ? -14.375 1.875   2.575   1.00 42.71 ? 539 VAL A CA  1 
ATOM   709 C C   . VAL A 1 88  ? -13.618 1.815   3.901   1.00 44.62 ? 539 VAL A C   1 
ATOM   710 O O   . VAL A 1 88  ? -12.677 2.579   4.119   1.00 49.32 ? 539 VAL A O   1 
ATOM   711 C CB  . VAL A 1 88  ? -13.644 1.045   1.502   1.00 45.39 ? 539 VAL A CB  1 
ATOM   712 C CG1 . VAL A 1 88  ? -14.535 0.861   0.280   1.00 52.95 ? 539 VAL A CG1 1 
ATOM   713 C CG2 . VAL A 1 88  ? -12.346 1.709   1.114   1.00 38.97 ? 539 VAL A CG2 1 
ATOM   714 N N   . ASP A 1 89  ? -14.041 0.908   4.780   1.00 47.37 ? 540 ASP A N   1 
ATOM   715 C CA  . ASP A 1 89  ? -13.454 0.760   6.116   1.00 46.38 ? 540 ASP A CA  1 
ATOM   716 C C   . ASP A 1 89  ? -12.168 -0.066  6.078   1.00 42.21 ? 540 ASP A C   1 
ATOM   717 O O   . ASP A 1 89  ? -12.074 -1.036  5.331   1.00 34.06 ? 540 ASP A O   1 
ATOM   718 C CB  . ASP A 1 89  ? -14.464 0.094   7.059   1.00 45.85 ? 540 ASP A CB  1 
ATOM   719 C CG  . ASP A 1 89  ? -14.045 0.166   8.523   1.00 52.31 ? 540 ASP A CG  1 
ATOM   720 O OD1 . ASP A 1 89  ? -14.736 -0.446  9.369   1.00 45.97 ? 540 ASP A OD1 1 
ATOM   721 O OD2 . ASP A 1 89  ? -13.030 0.831   8.832   1.00 57.21 ? 540 ASP A OD2 1 
ATOM   722 N N   . LEU A 1 90  ? -11.183 0.317   6.888   1.00 40.20 ? 541 LEU A N   1 
ATOM   723 C CA  . LEU A 1 90  ? -9.927  -0.430  6.956   1.00 36.69 ? 541 LEU A CA  1 
ATOM   724 C C   . LEU A 1 90  ? -10.184 -1.829  7.503   1.00 31.72 ? 541 LEU A C   1 
ATOM   725 O O   . LEU A 1 90  ? -9.356  -2.726  7.360   1.00 29.04 ? 541 LEU A O   1 
ATOM   726 C CB  . LEU A 1 90  ? -8.883  0.309   7.810   1.00 36.06 ? 541 LEU A CB  1 
ATOM   727 C CG  . LEU A 1 90  ? -7.424  -0.178  7.809   1.00 33.22 ? 541 LEU A CG  1 
ATOM   728 C CD1 . LEU A 1 90  ? -6.790  -0.160  6.414   1.00 28.05 ? 541 LEU A CD1 1 
ATOM   729 C CD2 . LEU A 1 90  ? -6.602  0.662   8.761   1.00 31.24 ? 541 LEU A CD2 1 
ATOM   730 N N   . ALA A 1 91  ? -11.345 -2.019  8.121   1.00 38.25 ? 542 ALA A N   1 
ATOM   731 C CA  . ALA A 1 91  ? -11.712 -3.330  8.640   1.00 35.56 ? 542 ALA A CA  1 
ATOM   732 C C   . ALA A 1 91  ? -12.125 -4.242  7.496   1.00 31.02 ? 542 ALA A C   1 
ATOM   733 O O   . ALA A 1 91  ? -11.678 -5.385  7.405   1.00 28.29 ? 542 ALA A O   1 
ATOM   734 C CB  . ALA A 1 91  ? -12.831 -3.208  9.651   1.00 33.76 ? 542 ALA A CB  1 
ATOM   735 N N   . GLY A 1 92  ? -12.992 -3.734  6.627   1.00 34.83 ? 543 GLY A N   1 
ATOM   736 C CA  . GLY A 1 92  ? -13.424 -4.486  5.462   1.00 34.11 ? 543 GLY A CA  1 
ATOM   737 C C   . GLY A 1 92  ? -12.268 -4.767  4.516   1.00 24.10 ? 543 GLY A C   1 
ATOM   738 O O   . GLY A 1 92  ? -12.119 -5.890  4.019   1.00 24.05 ? 543 GLY A O   1 
ATOM   739 N N   . LEU A 1 93  ? -11.455 -3.741  4.267   1.00 27.19 ? 544 LEU A N   1 
ATOM   740 C CA  . LEU A 1 93  ? -10.273 -3.865  3.416   1.00 25.70 ? 544 LEU A CA  1 
ATOM   741 C C   . LEU A 1 93  ? -9.332  -4.916  3.944   1.00 22.28 ? 544 LEU A C   1 
ATOM   742 O O   . LEU A 1 93  ? -8.752  -5.686  3.185   1.00 22.29 ? 544 LEU A O   1 
ATOM   743 C CB  . LEU A 1 93  ? -9.489  -2.560  3.391   1.00 27.74 ? 544 LEU A CB  1 
ATOM   744 C CG  . LEU A 1 93  ? -9.909  -1.411  2.496   1.00 33.69 ? 544 LEU A CG  1 
ATOM   745 C CD1 . LEU A 1 93  ? -11.411 -1.270  2.468   1.00 41.14 ? 544 LEU A CD1 1 
ATOM   746 C CD2 . LEU A 1 93  ? -9.256  -0.145  3.031   1.00 30.72 ? 544 LEU A CD2 1 
ATOM   747 N N   . THR A 1 94  ? -9.147  -4.903  5.258   1.00 21.14 ? 545 THR A N   1 
ATOM   748 C CA  . THR A 1 94  ? -8.198  -5.787  5.904   1.00 19.23 ? 545 THR A CA  1 
ATOM   749 C C   . THR A 1 94  ? -8.624  -7.235  5.760   1.00 18.04 ? 545 THR A C   1 
ATOM   750 O O   . THR A 1 94  ? -7.789  -8.116  5.557   1.00 16.58 ? 545 THR A O   1 
ATOM   751 C CB  . THR A 1 94  ? -8.026  -5.437  7.391   1.00 24.34 ? 545 THR A CB  1 
ATOM   752 O OG1 . THR A 1 94  ? -7.289  -4.209  7.505   1.00 26.29 ? 545 THR A OG1 1 
ATOM   753 C CG2 . THR A 1 94  ? -7.261  -6.528  8.102   1.00 21.93 ? 545 THR A CG2 1 
ATOM   754 N N   . ALA A 1 95  ? -9.925  -7.486  5.856   1.00 18.57 ? 546 ALA A N   1 
ATOM   755 C CA  . ALA A 1 95  ? -10.427 -8.844  5.657   1.00 18.33 ? 546 ALA A CA  1 
ATOM   756 C C   . ALA A 1 95  ? -10.258 -9.255  4.193   1.00 15.09 ? 546 ALA A C   1 
ATOM   757 O O   . ALA A 1 95  ? -9.848  -10.375 3.895   1.00 16.17 ? 546 ALA A O   1 
ATOM   758 C CB  . ALA A 1 95  ? -11.883 -8.943  6.077   1.00 21.57 ? 546 ALA A CB  1 
ATOM   759 N N   . ARG A 1 96  ? -10.579 -8.348  3.279   1.00 13.61 ? 547 ARG A N   1 
ATOM   760 C CA  . ARG A 1 96  ? -10.411 -8.634  1.856   1.00 16.69 ? 547 ARG A CA  1 
ATOM   761 C C   . ARG A 1 96  ? -8.951  -8.891  1.501   1.00 17.24 ? 547 ARG A C   1 
ATOM   762 O O   . ARG A 1 96  ? -8.642  -9.807  0.743   1.00 16.01 ? 547 ARG A O   1 
ATOM   763 C CB  . ARG A 1 96  ? -10.981 -7.506  0.987   1.00 17.96 ? 547 ARG A CB  1 
ATOM   764 C CG  . ARG A 1 96  ? -12.497 -7.513  0.932   1.00 27.15 ? 547 ARG A CG  1 
ATOM   765 C CD  . ARG A 1 96  ? -13.034 -6.675  -0.213  1.00 26.63 ? 547 ARG A CD  1 
ATOM   766 N NE  . ARG A 1 96  ? -12.738 -5.255  -0.060  1.00 30.65 ? 547 ARG A NE  1 
ATOM   767 C CZ  . ARG A 1 96  ? -13.344 -4.456  0.811   1.00 35.04 ? 547 ARG A CZ  1 
ATOM   768 N NH1 . ARG A 1 96  ? -14.276 -4.936  1.626   1.00 36.45 ? 547 ARG A NH1 1 
ATOM   769 N NH2 . ARG A 1 96  ? -13.013 -3.172  0.870   1.00 35.87 ? 547 ARG A NH2 1 
ATOM   770 N N   . LEU A 1 97  ? -8.052  -8.070  2.037   1.00 14.67 ? 548 LEU A N   1 
ATOM   771 C CA  . LEU A 1 97  ? -6.623  -8.272  1.822   1.00 12.96 ? 548 LEU A CA  1 
ATOM   772 C C   . LEU A 1 97  ? -6.180  -9.665  2.284   1.00 16.76 ? 548 LEU A C   1 
ATOM   773 O O   . LEU A 1 97  ? -5.493  -10.391 1.555   1.00 14.41 ? 548 LEU A O   1 
ATOM   774 C CB  . LEU A 1 97  ? -5.825  -7.188  2.548   1.00 16.90 ? 548 LEU A CB  1 
ATOM   775 C CG  . LEU A 1 97  ? -4.299  -7.240  2.511   1.00 15.92 ? 548 LEU A CG  1 
ATOM   776 C CD1 . LEU A 1 97  ? -3.795  -7.154  1.074   1.00 18.26 ? 548 LEU A CD1 1 
ATOM   777 C CD2 . LEU A 1 97  ? -3.746  -6.092  3.330   1.00 15.58 ? 548 LEU A CD2 1 
ATOM   778 N N   . ALA A 1 98  ? -6.571  -10.035 3.500   1.00 15.84 ? 549 ALA A N   1 
ATOM   779 C CA  . ALA A 1 98  ? -6.237  -11.346 4.044   1.00 14.96 ? 549 ALA A CA  1 
ATOM   780 C C   . ALA A 1 98  ? -6.751  -12.470 3.155   1.00 15.42 ? 549 ALA A C   1 
ATOM   781 O O   . ALA A 1 98  ? -6.054  -13.458 2.923   1.00 17.12 ? 549 ALA A O   1 
ATOM   782 C CB  . ALA A 1 98  ? -6.800  -11.498 5.456   1.00 18.82 ? 549 ALA A CB  1 
ATOM   783 N N   . HIS A 1 99  ? -7.979  -12.324 2.672   1.00 17.26 ? 550 HIS A N   1 
ATOM   784 C CA  . HIS A 1 99  ? -8.576  -13.335 1.799   1.00 19.52 ? 550 HIS A CA  1 
ATOM   785 C C   . HIS A 1 99  ? -7.801  -13.478 0.488   1.00 20.71 ? 550 HIS A C   1 
ATOM   786 O O   . HIS A 1 99  ? -7.507  -14.589 0.047   1.00 16.67 ? 550 HIS A O   1 
ATOM   787 C CB  . HIS A 1 99  ? -10.028 -12.985 1.489   1.00 22.49 ? 550 HIS A CB  1 
ATOM   788 C CG  . HIS A 1 99  ? -10.584 -13.732 0.317   1.00 31.06 ? 550 HIS A CG  1 
ATOM   789 N ND1 . HIS A 1 99  ? -11.139 -14.989 0.431   1.00 37.29 ? 550 HIS A ND1 1 
ATOM   790 C CD2 . HIS A 1 99  ? -10.649 -13.409 -0.998  1.00 31.07 ? 550 HIS A CD2 1 
ATOM   791 C CE1 . HIS A 1 99  ? -11.534 -15.403 -0.761  1.00 34.22 ? 550 HIS A CE1 1 
ATOM   792 N NE2 . HIS A 1 99  ? -11.252 -14.461 -1.645  1.00 36.15 ? 550 HIS A NE2 1 
ATOM   793 N N   . HIS A 1 100 ? -7.494  -12.349 -0.141  1.00 16.90 ? 551 HIS A N   1 
ATOM   794 C CA  . HIS A 1 100 ? -6.704  -12.352 -1.369  1.00 16.61 ? 551 HIS A CA  1 
ATOM   795 C C   . HIS A 1 100 ? -5.371  -13.044 -1.176  1.00 15.72 ? 551 HIS A C   1 
ATOM   796 O O   . HIS A 1 100 ? -4.977  -13.890 -1.981  1.00 17.65 ? 551 HIS A O   1 
ATOM   797 C CB  . HIS A 1 100 ? -6.446  -10.924 -1.844  1.00 17.43 ? 551 HIS A CB  1 
ATOM   798 C CG  . HIS A 1 100 ? -7.688  -10.185 -2.220  1.00 21.29 ? 551 HIS A CG  1 
ATOM   799 N ND1 . HIS A 1 100 ? -8.885  -10.823 -2.460  1.00 25.39 ? 551 HIS A ND1 1 
ATOM   800 C CD2 . HIS A 1 100 ? -7.919  -8.865  -2.409  1.00 22.91 ? 551 HIS A CD2 1 
ATOM   801 C CE1 . HIS A 1 100 ? -9.802  -9.927  -2.779  1.00 27.76 ? 551 HIS A CE1 1 
ATOM   802 N NE2 . HIS A 1 100 ? -9.241  -8.732  -2.755  1.00 25.50 ? 551 HIS A NE2 1 
ATOM   803 N N   . VAL A 1 101 ? -4.657  -12.653 -0.125  1.00 16.28 ? 552 VAL A N   1 
ATOM   804 C CA  . VAL A 1 101 ? -3.339  -13.203 0.143   1.00 12.36 ? 552 VAL A CA  1 
ATOM   805 C C   . VAL A 1 101 ? -3.425  -14.706 0.363   1.00 21.64 ? 552 VAL A C   1 
ATOM   806 O O   . VAL A 1 101 ? -2.660  -15.474 -0.227  1.00 19.92 ? 552 VAL A O   1 
ATOM   807 C CB  . VAL A 1 101 ? -2.664  -12.507 1.332   1.00 19.16 ? 552 VAL A CB  1 
ATOM   808 C CG1 . VAL A 1 101 ? -1.416  -13.265 1.758   1.00 20.86 ? 552 VAL A CG1 1 
ATOM   809 C CG2 . VAL A 1 101 ? -2.323  -11.046 0.965   1.00 18.10 ? 552 VAL A CG2 1 
ATOM   810 N N   . HIS A 1 102 ? -4.370  -15.124 1.200   1.00 20.08 ? 553 HIS A N   1 
ATOM   811 C CA  . HIS A 1 102 ? -4.590  -16.544 1.450   1.00 19.04 ? 553 HIS A CA  1 
ATOM   812 C C   . HIS A 1 102 ? -4.924  -17.308 0.166   1.00 19.78 ? 553 HIS A C   1 
ATOM   813 O O   . HIS A 1 102 ? -4.415  -18.407 -0.064  1.00 18.54 ? 553 HIS A O   1 
ATOM   814 C CB  . HIS A 1 102 ? -5.710  -16.744 2.474   1.00 21.29 ? 553 HIS A CB  1 
ATOM   815 C CG  . HIS A 1 102 ? -6.017  -18.184 2.746   1.00 30.46 ? 553 HIS A CG  1 
ATOM   816 N ND1 . HIS A 1 102 ? -5.211  -18.979 3.534   1.00 33.98 ? 553 HIS A ND1 1 
ATOM   817 C CD2 . HIS A 1 102 ? -7.025  -18.980 2.315   1.00 29.92 ? 553 HIS A CD2 1 
ATOM   818 C CE1 . HIS A 1 102 ? -5.716  -20.198 3.588   1.00 30.41 ? 553 HIS A CE1 1 
ATOM   819 N NE2 . HIS A 1 102 ? -6.816  -20.227 2.856   1.00 34.58 ? 553 HIS A NE2 1 
ATOM   820 N N   . ALA A 1 103 ? -5.778  -16.726 -0.669  1.00 17.45 ? 554 ALA A N   1 
ATOM   821 C CA  . ALA A 1 103 ? -6.207  -17.392 -1.895  1.00 18.89 ? 554 ALA A CA  1 
ATOM   822 C C   . ALA A 1 103 ? -5.068  -17.663 -2.872  1.00 16.65 ? 554 ALA A C   1 
ATOM   823 O O   . ALA A 1 103 ? -5.172  -18.573 -3.692  1.00 15.88 ? 554 ALA A O   1 
ATOM   824 C CB  . ALA A 1 103 ? -7.329  -16.620 -2.576  1.00 16.58 ? 554 ALA A CB  1 
ATOM   825 N N   . GLU A 1 104 ? -3.983  -16.892 -2.794  1.00 15.66 ? 555 GLU A N   1 
ATOM   826 C CA  . GLU A 1 104 ? -2.840  -17.146 -3.681  1.00 14.11 ? 555 GLU A CA  1 
ATOM   827 C C   . GLU A 1 104 ? -2.168  -18.480 -3.362  1.00 17.64 ? 555 GLU A C   1 
ATOM   828 O O   . GLU A 1 104 ? -1.515  -19.069 -4.221  1.00 15.05 ? 555 GLU A O   1 
ATOM   829 C CB  . GLU A 1 104 ? -1.810  -16.012 -3.622  1.00 13.99 ? 555 GLU A CB  1 
ATOM   830 C CG  . GLU A 1 104 ? -2.365  -14.671 -4.111  1.00 11.24 ? 555 GLU A CG  1 
ATOM   831 C CD  . GLU A 1 104 ? -1.276  -13.650 -4.424  1.00 15.37 ? 555 GLU A CD  1 
ATOM   832 O OE1 . GLU A 1 104 ? -0.104  -14.051 -4.564  1.00 16.69 ? 555 GLU A OE1 1 
ATOM   833 O OE2 . GLU A 1 104 ? -1.594  -12.444 -4.537  1.00 14.26 ? 555 GLU A OE2 1 
ATOM   834 N N   . GLY A 1 105 ? -2.319  -18.939 -2.121  1.00 16.73 ? 556 GLY A N   1 
ATOM   835 C CA  . GLY A 1 105 ? -1.767  -20.220 -1.710  1.00 18.01 ? 556 GLY A CA  1 
ATOM   836 C C   . GLY A 1 105 ? -0.262  -20.204 -1.852  1.00 22.40 ? 556 GLY A C   1 
ATOM   837 O O   . GLY A 1 105 ? 0.324   -21.146 -2.387  1.00 24.02 ? 556 GLY A O   1 
ATOM   838 N N   . LEU A 1 106 ? 0.334   -19.104 -1.387  1.00 24.85 ? 557 LEU A N   1 
ATOM   839 C CA  . LEU A 1 106 ? 1.766   -18.806 -1.495  1.00 28.74 ? 557 LEU A CA  1 
ATOM   840 C C   . LEU A 1 106 ? 2.053   -17.594 -2.411  1.00 36.34 ? 557 LEU A C   1 
ATOM   841 O O   . LEU A 1 106 ? 1.923   -17.623 -3.642  1.00 30.56 ? 557 LEU A O   1 
ATOM   842 C CB  . LEU A 1 106 ? 2.556   -20.039 -1.930  1.00 39.91 ? 557 LEU A CB  1 
ATOM   843 C CG  . LEU A 1 106 ? 3.832   -20.307 -1.138  1.00 35.58 ? 557 LEU A CG  1 
ATOM   844 C CD1 . LEU A 1 106 ? 4.436   -21.642 -1.541  1.00 46.17 ? 557 LEU A CD1 1 
ATOM   845 C CD2 . LEU A 1 106 ? 4.812   -19.170 -1.368  1.00 45.13 ? 557 LEU A CD2 1 
ATOM   846 O OXT . LEU A 1 106 ? 2.430   -16.517 -1.942  1.00 42.08 ? 557 LEU A OXT 1 
HETATM 847 O O   . HOH B 2 .   ? 5.273   10.576  -7.731  1.00 3.39  ? 1   HOH A O   1 
HETATM 848 O O   . HOH B 2 .   ? 4.418   -16.080 -6.668  1.00 9.05  ? 2   HOH A O   1 
HETATM 849 O O   . HOH B 2 .   ? 1.636   15.674  -2.904  1.00 8.51  ? 3   HOH A O   1 
HETATM 850 O O   . HOH B 2 .   ? 6.805   -1.231  15.951  1.00 14.22 ? 4   HOH A O   1 
HETATM 851 O O   . HOH B 2 .   ? 14.948  4.508   -2.471  1.00 19.69 ? 5   HOH A O   1 
HETATM 852 O O   . HOH B 2 .   ? 1.545   16.344  -11.940 1.00 19.55 ? 6   HOH A O   1 
HETATM 853 O O   . HOH B 2 .   ? -1.510  4.916   -13.083 1.00 18.24 ? 7   HOH A O   1 
HETATM 854 O O   . HOH B 2 .   ? 10.182  7.289   -3.841  1.00 33.77 ? 8   HOH A O   1 
HETATM 855 O O   . HOH B 2 .   ? 6.048   14.836  -5.109  1.00 18.70 ? 9   HOH A O   1 
HETATM 856 O O   . HOH B 2 .   ? 6.774   9.225   12.470  1.00 20.69 ? 10  HOH A O   1 
HETATM 857 O O   . HOH B 2 .   ? 9.788   8.917   -1.649  1.00 17.45 ? 11  HOH A O   1 
HETATM 858 O O   . HOH B 2 .   ? 6.736   0.653   13.554  1.00 18.80 ? 12  HOH A O   1 
HETATM 859 O O   . HOH B 2 .   ? -8.254  10.052  -1.100  1.00 27.93 ? 13  HOH A O   1 
HETATM 860 O O   . HOH B 2 .   ? -4.668  -5.392  10.213  1.00 30.71 ? 14  HOH A O   1 
HETATM 861 O O   . HOH B 2 .   ? 3.541   9.940   -14.013 1.00 15.21 ? 15  HOH A O   1 
HETATM 862 O O   . HOH B 2 .   ? 0.194   12.761  5.988   1.00 16.55 ? 16  HOH A O   1 
HETATM 863 O O   . HOH B 2 .   ? -6.382  -13.583 -4.479  1.00 18.94 ? 17  HOH A O   1 
HETATM 864 O O   . HOH B 2 .   ? 6.063   16.460  -14.627 1.00 27.54 ? 18  HOH A O   1 
HETATM 865 O O   . HOH B 2 .   ? -5.258  0.133   -8.209  1.00 17.71 ? 19  HOH A O   1 
HETATM 866 O O   . HOH B 2 .   ? 1.699   -6.699  8.356   1.00 15.82 ? 20  HOH A O   1 
HETATM 867 O O   . HOH B 2 .   ? 8.474   -2.200  12.602  1.00 31.65 ? 21  HOH A O   1 
HETATM 868 O O   . HOH B 2 .   ? 3.620   5.225   -11.591 1.00 19.12 ? 22  HOH A O   1 
HETATM 869 O O   . HOH B 2 .   ? 12.915  4.970   8.089   1.00 23.06 ? 23  HOH A O   1 
HETATM 870 O O   . HOH B 2 .   ? -5.766  3.031   -10.516 1.00 24.10 ? 24  HOH A O   1 
HETATM 871 O O   . HOH B 2 .   ? 15.293  -3.958  -3.063  1.00 38.37 ? 25  HOH A O   1 
HETATM 872 O O   . HOH B 2 .   ? 6.774   -1.203  10.323  1.00 22.42 ? 26  HOH A O   1 
HETATM 873 O O   . HOH B 2 .   ? 11.111  4.427   9.349   1.00 9.71  ? 27  HOH A O   1 
HETATM 874 O O   . HOH B 2 .   ? -7.333  1.110   -9.397  1.00 32.99 ? 28  HOH A O   1 
HETATM 875 O O   . HOH B 2 .   ? 6.573   17.786  -17.434 1.00 12.04 ? 29  HOH A O   1 
HETATM 876 O O   . HOH B 2 .   ? -9.007  -14.108 -4.404  1.00 23.08 ? 30  HOH A O   1 
HETATM 877 O O   . HOH B 2 .   ? 0.009   -7.756  10.371  1.00 21.74 ? 31  HOH A O   1 
HETATM 878 O O   . HOH B 2 .   ? -10.598 -3.650  -3.644  1.00 18.13 ? 32  HOH A O   1 
HETATM 879 O O   . HOH B 2 .   ? 12.542  -24.980 -2.739  1.00 45.81 ? 33  HOH A O   1 
HETATM 880 O O   . HOH B 2 .   ? -9.457  4.780   3.680   1.00 31.06 ? 34  HOH A O   1 
HETATM 881 O O   . HOH B 2 .   ? -12.181 -12.641 3.271   1.00 36.22 ? 35  HOH A O   1 
HETATM 882 O O   . HOH B 2 .   ? 11.219  -1.609  17.981  1.00 27.40 ? 36  HOH A O   1 
HETATM 883 O O   . HOH B 2 .   ? 0.831   -10.647 7.674   1.00 30.00 ? 37  HOH A O   1 
HETATM 884 O O   . HOH B 2 .   ? -5.051  -8.317  6.201   1.00 19.79 ? 38  HOH A O   1 
HETATM 885 O O   . HOH B 2 .   ? 1.457   17.559  -0.418  1.00 28.60 ? 39  HOH A O   1 
HETATM 886 O O   . HOH B 2 .   ? 15.661  0.974   -2.909  1.00 29.77 ? 40  HOH A O   1 
HETATM 887 O O   . HOH B 2 .   ? -10.875 -7.189  9.382   1.00 28.62 ? 41  HOH A O   1 
HETATM 888 O O   . HOH B 2 .   ? 6.726   13.357  -7.839  1.00 26.62 ? 42  HOH A O   1 
HETATM 889 O O   . HOH B 2 .   ? -7.589  13.108  5.030   1.00 20.66 ? 43  HOH A O   1 
HETATM 890 O O   . HOH B 2 .   ? -3.073  -10.738 4.963   1.00 22.54 ? 44  HOH A O   1 
HETATM 891 O O   . HOH B 2 .   ? -2.834  -2.949  11.338  1.00 23.75 ? 45  HOH A O   1 
HETATM 892 O O   . HOH B 2 .   ? -0.761  -17.303 0.244   1.00 23.19 ? 46  HOH A O   1 
HETATM 893 O O   . HOH B 2 .   ? 10.101  -26.174 -1.278  1.00 51.74 ? 47  HOH A O   1 
HETATM 894 O O   . HOH B 2 .   ? -8.383  10.351  1.637   1.00 29.66 ? 48  HOH A O   1 
HETATM 895 O O   . HOH B 2 .   ? 10.057  16.358  -12.426 1.00 33.03 ? 49  HOH A O   1 
HETATM 896 O O   . HOH B 2 .   ? -4.556  -3.193  8.054   1.00 23.21 ? 50  HOH A O   1 
HETATM 897 O O   . HOH B 2 .   ? -3.304  9.646   11.295  1.00 22.69 ? 51  HOH A O   1 
HETATM 898 O O   . HOH B 2 .   ? -14.710 -1.552  3.123   1.00 37.74 ? 52  HOH A O   1 
HETATM 899 O O   . HOH B 2 .   ? 0.845   18.081  -5.691  1.00 29.71 ? 53  HOH A O   1 
HETATM 900 O O   . HOH B 2 .   ? -8.441  13.840  7.093   1.00 28.70 ? 54  HOH A O   1 
HETATM 901 O O   . HOH B 2 .   ? -3.336  18.583  6.217   1.00 27.37 ? 55  HOH A O   1 
HETATM 902 O O   . HOH B 2 .   ? 7.895   -9.916  5.595   1.00 24.64 ? 56  HOH A O   1 
HETATM 903 O O   . HOH B 2 .   ? -7.122  12.634  2.612   1.00 27.65 ? 57  HOH A O   1 
HETATM 904 O O   . HOH B 2 .   ? 8.059   6.748   -5.427  1.00 29.57 ? 58  HOH A O   1 
HETATM 905 O O   . HOH B 2 .   ? 9.012   -28.443 -2.374  1.00 43.61 ? 59  HOH A O   1 
HETATM 906 O O   . HOH B 2 .   ? -16.511 6.874   -2.813  1.00 42.03 ? 60  HOH A O   1 
HETATM 907 O O   . HOH B 2 .   ? -9.364  -19.165 -0.563  1.00 34.55 ? 61  HOH A O   1 
HETATM 908 O O   . HOH B 2 .   ? -9.302  5.048   -4.902  1.00 20.99 ? 62  HOH A O   1 
HETATM 909 O O   . HOH B 2 .   ? 11.481  12.454  -1.971  1.00 27.46 ? 63  HOH A O   1 
HETATM 910 O O   . HOH B 2 .   ? 10.388  1.635   -6.559  1.00 27.94 ? 64  HOH A O   1 
HETATM 911 O O   . HOH B 2 .   ? -10.305 -6.396  -3.729  1.00 33.31 ? 65  HOH A O   1 
HETATM 912 O O   . HOH B 2 .   ? 11.342  -17.109 -11.050 1.00 39.39 ? 66  HOH A O   1 
HETATM 913 O O   . HOH B 2 .   ? -10.898 7.178   -5.125  1.00 30.17 ? 67  HOH A O   1 
HETATM 914 O O   . HOH B 2 .   ? 4.950   5.575   -13.812 1.00 16.02 ? 68  HOH A O   1 
HETATM 915 O O   . HOH B 2 .   ? 9.398   5.445   -9.263  1.00 42.28 ? 69  HOH A O   1 
HETATM 916 O O   . HOH B 2 .   ? -11.055 -2.782  -1.517  1.00 27.90 ? 70  HOH A O   1 
HETATM 917 O O   . HOH B 2 .   ? 10.827  -4.756  -2.215  1.00 21.05 ? 71  HOH A O   1 
HETATM 918 O O   . HOH B 2 .   ? -12.878 3.227   -5.588  1.00 33.52 ? 72  HOH A O   1 
HETATM 919 O O   . HOH B 2 .   ? 7.387   -2.893  6.915   1.00 24.53 ? 73  HOH A O   1 
HETATM 920 O O   . HOH B 2 .   ? 4.495   17.449  -7.855  1.00 36.90 ? 74  HOH A O   1 
HETATM 921 O O   . HOH B 2 .   ? -8.996  -16.976 0.803   1.00 31.04 ? 75  HOH A O   1 
HETATM 922 O O   . HOH B 2 .   ? -5.286  5.671   -13.619 1.00 30.96 ? 76  HOH A O   1 
HETATM 923 O O   . HOH B 2 .   ? 9.745   -3.833  7.467   1.00 22.78 ? 77  HOH A O   1 
HETATM 924 O O   . HOH B 2 .   ? -9.918  -16.921 3.293   1.00 33.67 ? 78  HOH A O   1 
# 
